data_4TL7
#
_entry.id   4TL7
#
_cell.length_a   108.165
_cell.length_b   108.165
_cell.length_c   224.880
_cell.angle_alpha   90.00
_cell.angle_beta   90.00
_cell.angle_gamma   120.00
#
_symmetry.space_group_name_H-M   'P 31 2 1'
#
loop_
_entity.id
_entity.type
_entity.pdbx_description
1 polymer 'Circadian clock protein kinase KaiC'
2 non-polymer "ADENOSINE-5'-TRIPHOSPHATE"
3 non-polymer 'MAGNESIUM ION'
4 non-polymer 'CHLORIDE ION'
5 non-polymer 'SULFATE ION'
6 water water
#
_entity_poly.entity_id   1
_entity_poly.type   'polypeptide(L)'
_entity_poly.pdbx_seq_one_letter_code
;MTSAEMTSPNNNSEHQAIAKMRTMIEGFDDISHGGLPIGRSTLVSGTSGTGKTLFSIQFLYNGIIEFDEPGVFVTFEETP
QDIIKNARSFGWDLAKLVDEGKLFILDASPDPEGQEVVGGFDLSALIERINYAIQKYRARRVSIDSVTSVFQQYDASSVV
RRELFRLVARLKQIGATTVMTTERIEEYGPIARYGVEEFVSDNVVILRNVLEGERRRRTLEILKLRGTSHMKGEYPFTIT
DHGINIFPLGAMR
;
_entity_poly.pdbx_strand_id   A,B,C,D,E,F
#
# COMPACT_ATOMS: atom_id res chain seq x y z
N GLN A 16 -4.28 46.24 -4.42
CA GLN A 16 -3.86 45.87 -3.07
C GLN A 16 -4.00 44.34 -2.75
N ALA A 17 -3.26 43.91 -1.72
CA ALA A 17 -3.30 42.54 -1.16
C ALA A 17 -4.73 42.06 -0.87
N ILE A 18 -4.90 40.76 -0.69
CA ILE A 18 -6.26 40.24 -0.72
C ILE A 18 -7.01 40.52 0.57
N ALA A 19 -8.30 40.83 0.47
CA ALA A 19 -9.10 41.21 1.64
C ALA A 19 -9.76 39.94 2.21
N LYS A 20 -10.10 39.96 3.50
CA LYS A 20 -10.69 38.82 4.19
C LYS A 20 -12.06 39.15 4.75
N MET A 21 -12.96 38.16 4.88
CA MET A 21 -14.23 38.43 5.54
C MET A 21 -14.23 37.66 6.83
N ARG A 22 -14.65 38.31 7.90
CA ARG A 22 -14.63 37.62 9.19
C ARG A 22 -15.61 36.45 9.22
N THR A 23 -15.17 35.30 9.73
CA THR A 23 -16.10 34.19 9.98
C THR A 23 -16.89 34.38 11.27
N MET A 24 -16.33 35.15 12.19
CA MET A 24 -16.86 35.29 13.57
C MET A 24 -16.81 33.98 14.35
N ILE A 25 -16.13 32.95 13.83
CA ILE A 25 -16.03 31.70 14.55
C ILE A 25 -14.94 31.90 15.57
N GLU A 26 -15.26 31.76 16.85
CA GLU A 26 -14.30 32.21 17.93
C GLU A 26 -12.91 31.64 17.73
N GLY A 27 -11.90 32.50 17.63
CA GLY A 27 -10.55 32.05 17.46
C GLY A 27 -10.13 31.94 15.99
N PHE A 28 -11.08 31.66 15.09
CA PHE A 28 -10.67 31.43 13.69
C PHE A 28 -10.11 32.68 13.02
N ASP A 29 -10.72 33.83 13.29
CA ASP A 29 -10.28 35.03 12.60
C ASP A 29 -8.92 35.50 13.13
N ASP A 30 -8.57 35.08 14.34
CA ASP A 30 -7.18 35.18 14.79
C ASP A 30 -6.18 34.32 14.02
N ILE A 31 -6.45 33.02 13.99
CA ILE A 31 -5.59 32.06 13.26
C ILE A 31 -5.42 32.46 11.79
N SER A 32 -6.48 32.96 11.15
CA SER A 32 -6.43 33.33 9.70
C SER A 32 -6.01 34.78 9.44
N HIS A 33 -5.62 35.50 10.51
CA HIS A 33 -5.24 36.92 10.36
C HIS A 33 -6.36 37.73 9.68
N GLY A 34 -7.61 37.50 10.08
CA GLY A 34 -8.63 38.46 9.72
C GLY A 34 -9.85 37.79 9.11
N GLY A 35 -9.73 36.51 8.80
CA GLY A 35 -10.84 35.79 8.21
C GLY A 35 -10.55 35.03 6.91
N LEU A 36 -11.59 34.70 6.15
CA LEU A 36 -11.36 33.94 4.90
C LEU A 36 -11.19 34.89 3.75
N PRO A 37 -10.18 34.62 2.90
CA PRO A 37 -9.97 35.48 1.73
C PRO A 37 -11.27 35.58 0.88
N ILE A 38 -11.68 36.81 0.52
CA ILE A 38 -12.94 37.06 -0.16
C ILE A 38 -12.83 36.61 -1.60
N GLY A 39 -13.87 35.95 -2.12
CA GLY A 39 -13.96 35.58 -3.53
C GLY A 39 -13.13 34.33 -3.85
N ARG A 40 -12.68 33.67 -2.80
CA ARG A 40 -11.79 32.51 -2.94
C ARG A 40 -12.43 31.25 -2.33
N SER A 41 -11.89 30.09 -2.67
CA SER A 41 -12.41 28.80 -2.18
CA SER A 41 -12.48 28.88 -2.14
C SER A 41 -11.59 28.31 -1.01
N THR A 42 -12.24 27.82 0.05
CA THR A 42 -11.51 27.24 1.22
C THR A 42 -11.95 25.79 1.42
N LEU A 43 -11.00 24.87 1.29
CA LEU A 43 -11.23 23.47 1.60
C LEU A 43 -11.20 23.25 3.13
N VAL A 44 -12.19 22.56 3.64
CA VAL A 44 -12.21 22.22 5.04
C VAL A 44 -12.30 20.69 5.07
N SER A 45 -11.21 20.03 5.44
CA SER A 45 -11.14 18.59 5.31
CA SER A 45 -11.14 18.59 5.33
C SER A 45 -10.99 17.95 6.69
N GLY A 46 -11.46 16.71 6.81
CA GLY A 46 -11.34 16.05 8.11
C GLY A 46 -11.99 14.68 8.07
N THR A 47 -11.59 13.86 9.04
CA THR A 47 -12.23 12.57 9.19
C THR A 47 -13.68 12.75 9.69
N SER A 48 -14.40 11.64 9.84
CA SER A 48 -15.81 11.76 10.22
C SER A 48 -15.96 12.33 11.63
N GLY A 49 -16.84 13.31 11.75
CA GLY A 49 -17.24 13.81 13.07
C GLY A 49 -16.23 14.83 13.57
N THR A 50 -15.46 15.43 12.64
CA THR A 50 -14.49 16.42 13.03
C THR A 50 -15.06 17.81 13.20
N GLY A 51 -16.26 18.06 12.65
CA GLY A 51 -16.82 19.41 12.75
C GLY A 51 -16.90 20.12 11.40
N LYS A 52 -16.80 19.39 10.30
CA LYS A 52 -16.86 20.02 8.98
C LYS A 52 -18.18 20.73 8.65
N THR A 53 -19.28 20.00 8.80
CA THR A 53 -20.58 20.54 8.54
C THR A 53 -20.80 21.72 9.50
N LEU A 54 -20.42 21.54 10.76
CA LEU A 54 -20.61 22.62 11.71
C LEU A 54 -19.87 23.86 11.26
N PHE A 55 -18.61 23.70 10.90
CA PHE A 55 -17.84 24.86 10.43
C PHE A 55 -18.53 25.54 9.23
N SER A 56 -18.99 24.76 8.26
N SER A 56 -18.99 24.74 8.28
CA SER A 56 -19.58 25.35 7.08
CA SER A 56 -19.66 25.27 7.08
C SER A 56 -20.93 25.99 7.38
C SER A 56 -20.93 26.01 7.42
N ILE A 57 -21.66 25.49 8.38
CA ILE A 57 -22.95 26.10 8.75
C ILE A 57 -22.69 27.40 9.55
N GLN A 58 -21.77 27.31 10.49
CA GLN A 58 -21.45 28.45 11.32
C GLN A 58 -20.95 29.62 10.46
N PHE A 59 -20.17 29.32 9.42
CA PHE A 59 -19.77 30.36 8.45
C PHE A 59 -20.95 31.14 7.86
N LEU A 60 -21.96 30.42 7.39
CA LEU A 60 -23.10 31.09 6.80
C LEU A 60 -23.92 31.77 7.88
N TYR A 61 -24.14 31.04 8.97
CA TYR A 61 -25.04 31.54 10.02
C TYR A 61 -24.51 32.89 10.54
N ASN A 62 -23.21 32.91 10.85
CA ASN A 62 -22.58 34.15 11.32
C ASN A 62 -22.65 35.27 10.28
N GLY A 63 -22.46 34.94 9.02
CA GLY A 63 -22.57 35.94 7.94
C GLY A 63 -23.93 36.65 7.99
N ILE A 64 -24.95 35.84 8.23
CA ILE A 64 -26.35 36.34 8.22
C ILE A 64 -26.65 37.18 9.49
N ILE A 65 -26.36 36.60 10.65
CA ILE A 65 -26.64 37.26 11.91
C ILE A 65 -25.75 38.49 12.10
N GLU A 66 -24.47 38.39 11.80
CA GLU A 66 -23.60 39.52 12.06
C GLU A 66 -23.65 40.58 10.97
N PHE A 67 -23.76 40.17 9.71
CA PHE A 67 -23.56 41.11 8.61
C PHE A 67 -24.74 41.19 7.65
N ASP A 68 -25.84 40.55 8.04
CA ASP A 68 -26.98 40.43 7.14
C ASP A 68 -26.52 40.00 5.74
N GLU A 69 -25.59 39.03 5.68
CA GLU A 69 -25.01 38.62 4.42
C GLU A 69 -25.54 37.25 4.02
N PRO A 70 -26.32 37.18 2.93
CA PRO A 70 -27.05 35.93 2.76
C PRO A 70 -26.11 34.80 2.36
N GLY A 71 -26.57 33.60 2.60
CA GLY A 71 -25.69 32.46 2.31
C GLY A 71 -26.47 31.32 1.62
N VAL A 72 -25.71 30.50 0.90
CA VAL A 72 -26.24 29.33 0.21
C VAL A 72 -25.52 28.06 0.72
N PHE A 73 -26.29 27.08 1.20
CA PHE A 73 -25.74 25.81 1.69
C PHE A 73 -26.10 24.68 0.73
N VAL A 74 -25.09 24.04 0.16
CA VAL A 74 -25.30 23.01 -0.85
C VAL A 74 -25.08 21.64 -0.18
N THR A 75 -26.12 20.81 -0.16
CA THR A 75 -26.04 19.47 0.45
C THR A 75 -26.27 18.34 -0.57
N PHE A 76 -25.46 17.29 -0.49
CA PHE A 76 -25.60 16.18 -1.43
C PHE A 76 -26.28 14.96 -0.80
N GLU A 77 -26.43 15.00 0.52
CA GLU A 77 -26.92 13.85 1.25
C GLU A 77 -27.89 14.26 2.34
N GLU A 78 -27.41 15.02 3.31
CA GLU A 78 -28.31 15.43 4.39
C GLU A 78 -29.47 16.26 3.85
N THR A 79 -30.69 16.03 4.31
CA THR A 79 -31.81 16.86 3.87
C THR A 79 -31.72 18.23 4.55
N PRO A 80 -32.32 19.26 3.92
CA PRO A 80 -32.49 20.57 4.53
C PRO A 80 -33.10 20.43 5.93
N GLN A 81 -34.14 19.63 6.09
CA GLN A 81 -34.73 19.42 7.43
C GLN A 81 -33.72 18.96 8.48
N ASP A 82 -32.89 18.00 8.12
CA ASP A 82 -31.96 17.50 9.14
C ASP A 82 -30.82 18.48 9.40
N ILE A 83 -30.43 19.24 8.38
CA ILE A 83 -29.45 20.29 8.55
CA ILE A 83 -29.43 20.29 8.57
C ILE A 83 -29.99 21.32 9.54
N ILE A 84 -31.24 21.67 9.34
CA ILE A 84 -31.89 22.60 10.23
C ILE A 84 -32.02 22.01 11.64
N LYS A 85 -32.46 20.76 11.73
CA LYS A 85 -32.54 20.09 13.06
C LYS A 85 -31.19 20.02 13.82
N ASN A 86 -30.14 19.66 13.12
CA ASN A 86 -28.88 19.48 13.78
C ASN A 86 -28.29 20.79 14.30
N ALA A 87 -28.59 21.86 13.60
CA ALA A 87 -28.17 23.19 14.02
C ALA A 87 -28.89 23.67 15.26
N ARG A 88 -30.05 23.06 15.60
CA ARG A 88 -30.70 23.41 16.87
C ARG A 88 -29.86 22.96 18.07
N SER A 89 -28.97 21.98 17.88
CA SER A 89 -27.99 21.60 18.90
C SER A 89 -27.28 22.82 19.45
N PHE A 90 -27.17 23.89 18.64
CA PHE A 90 -26.40 25.07 19.03
C PHE A 90 -27.26 26.28 19.31
N GLY A 91 -28.57 26.09 19.29
CA GLY A 91 -29.50 27.20 19.52
C GLY A 91 -29.65 28.11 18.31
N TRP A 92 -29.26 27.62 17.13
CA TRP A 92 -29.48 28.42 15.92
C TRP A 92 -30.77 27.99 15.26
N ASP A 93 -31.57 28.98 14.89
CA ASP A 93 -32.84 28.76 14.20
C ASP A 93 -32.69 29.00 12.69
N LEU A 94 -32.27 27.98 11.92
CA LEU A 94 -32.02 28.14 10.50
C LEU A 94 -33.33 28.18 9.69
N ALA A 95 -34.40 27.54 10.16
CA ALA A 95 -35.69 27.65 9.47
C ALA A 95 -36.17 29.10 9.33
N LYS A 96 -36.01 29.87 10.40
CA LYS A 96 -36.36 31.30 10.37
C LYS A 96 -35.59 32.03 9.28
N LEU A 97 -34.29 31.77 9.19
CA LEU A 97 -33.47 32.39 8.16
C LEU A 97 -33.87 31.95 6.76
N VAL A 98 -34.24 30.67 6.59
CA VAL A 98 -34.75 30.20 5.31
C VAL A 98 -36.06 30.92 5.00
N ASP A 99 -36.98 30.93 5.97
CA ASP A 99 -38.24 31.70 5.84
C ASP A 99 -38.02 33.19 5.45
N GLU A 100 -36.95 33.79 5.96
CA GLU A 100 -36.68 35.19 5.66
C GLU A 100 -35.90 35.43 4.37
N GLY A 101 -35.55 34.38 3.64
CA GLY A 101 -34.81 34.55 2.41
C GLY A 101 -33.32 34.87 2.59
N LYS A 102 -32.82 34.71 3.80
CA LYS A 102 -31.44 35.03 4.10
C LYS A 102 -30.52 33.81 3.92
N LEU A 103 -31.08 32.63 4.12
CA LEU A 103 -30.38 31.36 3.94
C LEU A 103 -31.09 30.54 2.86
N PHE A 104 -30.35 30.00 1.90
CA PHE A 104 -31.01 29.05 0.99
C PHE A 104 -30.27 27.73 1.05
N ILE A 105 -31.00 26.65 1.37
CA ILE A 105 -30.35 25.32 1.39
C ILE A 105 -30.74 24.67 0.05
N LEU A 106 -29.72 24.42 -0.78
CA LEU A 106 -29.88 23.87 -2.13
C LEU A 106 -29.70 22.37 -2.01
N ASP A 107 -30.79 21.64 -2.24
CA ASP A 107 -30.79 20.20 -2.17
C ASP A 107 -30.31 19.59 -3.50
N ALA A 108 -29.06 19.14 -3.51
CA ALA A 108 -28.47 18.52 -4.66
C ALA A 108 -28.26 17.03 -4.42
N SER A 109 -29.04 16.41 -3.53
CA SER A 109 -29.01 14.95 -3.37
C SER A 109 -29.58 14.26 -4.62
N PRO A 110 -29.33 12.94 -4.81
CA PRO A 110 -29.83 12.26 -6.03
C PRO A 110 -31.35 12.03 -6.02
N ASP A 111 -31.98 11.86 -7.18
CA ASP A 111 -33.44 11.61 -7.23
C ASP A 111 -33.90 10.27 -6.67
N PHE A 121 -19.67 12.47 -16.61
CA PHE A 121 -19.86 13.25 -15.37
C PHE A 121 -19.38 14.70 -15.45
N ASP A 122 -20.29 15.63 -15.16
CA ASP A 122 -20.00 17.03 -15.38
C ASP A 122 -20.68 17.88 -14.29
N LEU A 123 -19.94 18.80 -13.65
CA LEU A 123 -20.59 19.62 -12.59
C LEU A 123 -21.31 20.87 -13.16
N SER A 124 -21.40 21.01 -14.50
CA SER A 124 -21.97 22.26 -15.06
C SER A 124 -23.38 22.57 -14.59
N ALA A 125 -24.23 21.55 -14.52
CA ALA A 125 -25.62 21.78 -14.14
C ALA A 125 -25.68 22.27 -12.67
N LEU A 126 -24.91 21.59 -11.83
CA LEU A 126 -24.84 21.95 -10.41
C LEU A 126 -24.37 23.38 -10.27
N ILE A 127 -23.30 23.68 -11.01
CA ILE A 127 -22.73 25.01 -11.01
C ILE A 127 -23.78 26.05 -11.37
N GLU A 128 -24.61 25.78 -12.39
CA GLU A 128 -25.63 26.73 -12.76
C GLU A 128 -26.73 26.85 -11.71
N ARG A 129 -27.07 25.75 -11.05
CA ARG A 129 -28.04 25.86 -9.95
C ARG A 129 -27.47 26.72 -8.79
N ILE A 130 -26.18 26.56 -8.50
CA ILE A 130 -25.57 27.35 -7.41
C ILE A 130 -25.54 28.83 -7.81
N ASN A 131 -25.12 29.10 -9.04
CA ASN A 131 -25.10 30.49 -9.52
C ASN A 131 -26.44 31.14 -9.47
N TYR A 132 -27.47 30.38 -9.85
CA TYR A 132 -28.80 30.91 -9.82
C TYR A 132 -29.17 31.29 -8.39
N ALA A 133 -28.88 30.41 -7.45
CA ALA A 133 -29.23 30.67 -6.06
C ALA A 133 -28.41 31.85 -5.52
N ILE A 134 -27.12 31.92 -5.85
CA ILE A 134 -26.32 33.09 -5.47
C ILE A 134 -26.97 34.41 -5.95
N GLN A 135 -27.30 34.52 -7.23
CA GLN A 135 -27.94 35.72 -7.72
C GLN A 135 -29.32 35.96 -7.14
N LYS A 136 -30.12 34.91 -7.04
CA LYS A 136 -31.45 35.09 -6.49
C LYS A 136 -31.49 35.58 -5.02
N TYR A 137 -30.75 34.93 -4.14
CA TYR A 137 -30.68 35.27 -2.72
C TYR A 137 -29.64 36.33 -2.39
N ARG A 138 -28.99 36.85 -3.43
CA ARG A 138 -27.94 37.84 -3.25
C ARG A 138 -26.82 37.36 -2.32
N ALA A 139 -26.41 36.10 -2.46
CA ALA A 139 -25.53 35.52 -1.47
C ALA A 139 -24.08 35.71 -1.82
N ARG A 140 -23.28 35.99 -0.82
CA ARG A 140 -21.85 36.23 -0.92
CA ARG A 140 -21.85 36.19 -0.97
CA ARG A 140 -21.87 36.05 -1.15
C ARG A 140 -21.09 35.03 -0.32
N ARG A 141 -21.78 34.30 0.51
CA ARG A 141 -21.12 33.16 1.24
C ARG A 141 -21.78 31.87 0.74
N VAL A 142 -20.96 30.89 0.40
CA VAL A 142 -21.47 29.60 -0.05
C VAL A 142 -20.78 28.45 0.70
N SER A 143 -21.53 27.47 1.18
CA SER A 143 -20.91 26.29 1.75
C SER A 143 -21.37 25.07 0.93
N ILE A 144 -20.44 24.17 0.62
CA ILE A 144 -20.75 23.00 -0.19
C ILE A 144 -20.26 21.80 0.63
N ASP A 145 -21.19 20.92 0.97
N ASP A 145 -21.21 21.03 1.12
CA ASP A 145 -20.97 19.86 1.97
CA ASP A 145 -20.87 20.08 2.14
C ASP A 145 -21.65 18.53 1.56
C ASP A 145 -20.56 18.77 1.48
N SER A 146 -20.89 17.49 1.20
N SER A 146 -19.32 18.33 1.65
CA SER A 146 -19.45 17.47 1.03
CA SER A 146 -18.88 17.01 1.18
C SER A 146 -19.13 17.23 -0.42
C SER A 146 -18.86 16.96 -0.32
N VAL A 147 -18.05 17.83 -0.93
CA VAL A 147 -17.80 17.69 -2.39
C VAL A 147 -17.24 16.27 -2.65
N THR A 148 -16.66 15.64 -1.65
CA THR A 148 -16.26 14.23 -1.79
C THR A 148 -17.42 13.33 -2.27
N SER A 149 -18.55 13.45 -1.58
CA SER A 149 -19.65 12.54 -1.76
C SER A 149 -20.14 12.55 -3.22
N VAL A 150 -20.15 13.72 -3.86
CA VAL A 150 -20.79 13.77 -5.17
C VAL A 150 -19.96 12.98 -6.18
N PHE A 151 -18.64 12.98 -6.04
CA PHE A 151 -17.86 12.13 -6.94
C PHE A 151 -18.14 10.65 -6.68
N GLN A 152 -18.22 10.27 -5.41
CA GLN A 152 -18.49 8.87 -5.05
C GLN A 152 -19.90 8.42 -5.51
N GLN A 153 -20.89 9.32 -5.45
CA GLN A 153 -22.27 8.97 -5.79
C GLN A 153 -22.44 8.60 -7.26
N TYR A 154 -21.56 9.12 -8.11
CA TYR A 154 -21.63 8.90 -9.55
C TYR A 154 -20.33 8.28 -10.06
N ASP A 155 -19.55 7.69 -9.14
CA ASP A 155 -18.35 6.93 -9.50
C ASP A 155 -17.42 7.72 -10.40
N ALA A 156 -17.18 8.97 -10.05
CA ALA A 156 -16.49 9.89 -10.94
C ALA A 156 -15.16 10.30 -10.35
N SER A 157 -14.64 9.41 -9.49
CA SER A 157 -13.32 9.56 -8.88
C SER A 157 -12.17 9.88 -9.87
N SER A 158 -12.29 9.43 -11.12
CA SER A 158 -11.23 9.69 -12.08
C SER A 158 -11.19 11.14 -12.61
N VAL A 159 -12.25 11.91 -12.38
CA VAL A 159 -12.32 13.21 -13.01
C VAL A 159 -12.30 14.34 -11.94
N VAL A 160 -11.90 13.96 -10.72
CA VAL A 160 -11.96 14.87 -9.58
C VAL A 160 -11.19 16.16 -9.84
N ARG A 161 -9.89 16.12 -10.19
CA ARG A 161 -9.20 17.41 -10.38
C ARG A 161 -9.87 18.31 -11.43
N ARG A 162 -10.15 17.77 -12.61
CA ARG A 162 -10.82 18.51 -13.66
C ARG A 162 -12.13 19.13 -13.19
N GLU A 163 -12.96 18.37 -12.46
CA GLU A 163 -14.30 18.92 -12.17
C GLU A 163 -14.30 19.83 -10.92
N LEU A 164 -13.49 19.47 -9.92
CA LEU A 164 -13.34 20.36 -8.76
C LEU A 164 -12.77 21.73 -9.22
N PHE A 165 -11.85 21.71 -10.17
CA PHE A 165 -11.29 22.95 -10.74
C PHE A 165 -12.38 23.76 -11.44
N ARG A 166 -13.21 23.09 -12.26
CA ARG A 166 -14.32 23.77 -12.92
C ARG A 166 -15.23 24.49 -11.89
N LEU A 167 -15.58 23.76 -10.85
CA LEU A 167 -16.41 24.33 -9.77
C LEU A 167 -15.80 25.56 -9.08
N VAL A 168 -14.57 25.39 -8.61
CA VAL A 168 -13.84 26.43 -7.89
C VAL A 168 -13.63 27.63 -8.82
N ALA A 169 -13.21 27.36 -10.05
CA ALA A 169 -13.01 28.44 -11.04
C ALA A 169 -14.25 29.26 -11.24
N ARG A 170 -15.37 28.58 -11.42
CA ARG A 170 -16.60 29.31 -11.65
C ARG A 170 -17.01 30.11 -10.42
N LEU A 171 -16.85 29.54 -9.22
CA LEU A 171 -17.23 30.31 -8.03
C LEU A 171 -16.32 31.53 -7.90
N LYS A 172 -15.03 31.40 -8.23
CA LYS A 172 -14.12 32.55 -8.19
C LYS A 172 -14.62 33.66 -9.17
N GLN A 173 -15.07 33.25 -10.35
CA GLN A 173 -15.54 34.19 -11.37
C GLN A 173 -16.73 34.95 -10.85
N ILE A 174 -17.64 34.21 -10.21
CA ILE A 174 -18.87 34.76 -9.66
C ILE A 174 -18.59 35.69 -8.46
N GLY A 175 -17.45 35.49 -7.80
CA GLY A 175 -17.12 36.28 -6.64
C GLY A 175 -17.59 35.70 -5.32
N ALA A 176 -18.16 34.49 -5.32
CA ALA A 176 -18.51 33.78 -4.08
C ALA A 176 -17.30 33.57 -3.17
N THR A 177 -17.56 33.60 -1.87
CA THR A 177 -16.57 33.15 -0.91
C THR A 177 -17.04 31.77 -0.38
N THR A 178 -16.26 30.73 -0.60
CA THR A 178 -16.84 29.38 -0.54
C THR A 178 -16.08 28.51 0.45
N VAL A 179 -16.82 27.82 1.32
CA VAL A 179 -16.27 26.74 2.11
C VAL A 179 -16.73 25.41 1.48
N MET A 180 -15.76 24.58 1.11
CA MET A 180 -16.07 23.24 0.56
C MET A 180 -15.50 22.16 1.48
N THR A 181 -16.34 21.28 2.04
CA THR A 181 -15.81 20.25 2.91
C THR A 181 -15.41 19.02 2.12
N THR A 182 -14.42 18.29 2.63
CA THR A 182 -14.02 17.04 2.02
C THR A 182 -13.65 16.07 3.07
N GLU A 183 -13.62 14.80 2.69
CA GLU A 183 -13.47 13.71 3.65
C GLU A 183 -12.08 13.11 3.59
N ARG A 184 -11.59 12.70 4.74
CA ARG A 184 -10.33 12.01 4.79
C ARG A 184 -10.44 10.83 5.75
N ILE A 185 -9.44 9.94 5.69
CA ILE A 185 -9.47 8.67 6.43
C ILE A 185 -8.47 8.62 7.56
N GLU A 186 -7.43 9.45 7.50
CA GLU A 186 -6.35 9.39 8.52
C GLU A 186 -6.09 10.78 9.05
N GLU A 187 -5.74 10.87 10.33
CA GLU A 187 -5.53 12.21 10.89
C GLU A 187 -4.22 12.84 10.31
N TYR A 188 -3.20 12.02 10.05
CA TYR A 188 -1.92 12.55 9.48
C TYR A 188 -1.54 12.01 8.11
N GLY A 189 -2.49 11.51 7.36
CA GLY A 189 -2.23 11.12 5.98
C GLY A 189 -2.63 12.21 5.01
N PRO A 190 -3.11 11.82 3.82
CA PRO A 190 -3.51 12.79 2.81
C PRO A 190 -4.52 13.81 3.34
N ILE A 191 -4.37 15.00 2.80
CA ILE A 191 -5.23 16.11 3.22
C ILE A 191 -6.68 15.80 2.89
N ALA A 192 -6.92 15.28 1.72
CA ALA A 192 -8.28 14.96 1.42
C ALA A 192 -8.35 13.53 0.98
N ARG A 193 -9.21 13.23 0.01
CA ARG A 193 -9.42 11.83 -0.36
C ARG A 193 -8.63 11.40 -1.61
N TYR A 194 -8.43 12.32 -2.55
CA TYR A 194 -7.97 11.91 -3.86
C TYR A 194 -6.64 12.49 -4.19
N GLY A 195 -6.01 13.16 -3.23
CA GLY A 195 -4.67 13.69 -3.40
C GLY A 195 -4.53 14.88 -4.29
N VAL A 196 -5.65 15.54 -4.65
CA VAL A 196 -5.58 16.67 -5.54
C VAL A 196 -6.36 17.88 -5.02
N GLU A 197 -7.33 17.64 -4.13
CA GLU A 197 -8.25 18.72 -3.72
C GLU A 197 -7.53 19.91 -3.11
N GLU A 198 -6.45 19.66 -2.38
CA GLU A 198 -5.81 20.73 -1.64
C GLU A 198 -5.13 21.65 -2.66
N PHE A 199 -4.75 21.12 -3.82
CA PHE A 199 -3.98 21.90 -4.79
C PHE A 199 -4.88 22.77 -5.64
N VAL A 200 -6.13 22.37 -5.77
CA VAL A 200 -7.10 23.13 -6.55
C VAL A 200 -7.72 24.26 -5.70
N SER A 201 -7.77 24.08 -4.39
CA SER A 201 -8.38 25.13 -3.56
C SER A 201 -7.40 26.26 -3.25
N ASP A 202 -7.88 27.49 -3.14
CA ASP A 202 -6.98 28.58 -2.73
C ASP A 202 -6.48 28.49 -1.27
N ASN A 203 -7.36 27.98 -0.38
CA ASN A 203 -7.16 27.92 1.05
C ASN A 203 -7.47 26.53 1.55
N VAL A 204 -6.73 26.09 2.55
CA VAL A 204 -6.92 24.72 3.12
C VAL A 204 -6.91 24.78 4.63
N VAL A 205 -8.03 24.33 5.21
CA VAL A 205 -8.15 24.13 6.61
C VAL A 205 -8.29 22.62 6.88
N ILE A 206 -7.55 22.09 7.88
CA ILE A 206 -7.62 20.68 8.22
C ILE A 206 -8.17 20.54 9.64
N LEU A 207 -9.28 19.82 9.79
CA LEU A 207 -9.80 19.53 11.14
C LEU A 207 -9.31 18.15 11.49
N ARG A 208 -8.76 17.97 12.69
CA ARG A 208 -8.31 16.66 13.13
C ARG A 208 -9.02 16.32 14.43
N ASN A 209 -9.10 15.03 14.67
CA ASN A 209 -9.76 14.49 15.85
C ASN A 209 -8.89 13.29 16.30
N VAL A 210 -7.71 13.57 16.81
CA VAL A 210 -6.66 12.55 17.03
C VAL A 210 -6.97 11.68 18.25
N LEU A 211 -6.87 10.36 18.10
CA LEU A 211 -7.09 9.43 19.22
C LEU A 211 -5.70 9.12 19.78
N GLU A 212 -5.44 9.37 21.07
CA GLU A 212 -4.15 8.93 21.63
C GLU A 212 -4.37 8.52 23.07
N GLY A 213 -3.89 7.37 23.50
CA GLY A 213 -4.13 7.00 24.89
C GLY A 213 -5.62 6.86 25.18
N GLU A 214 -6.40 6.36 24.20
CA GLU A 214 -7.84 6.16 24.32
C GLU A 214 -8.69 7.44 24.42
N ARG A 215 -8.08 8.62 24.25
CA ARG A 215 -8.82 9.88 24.31
C ARG A 215 -8.72 10.67 22.97
N ARG A 216 -9.74 11.48 22.64
CA ARG A 216 -9.68 12.34 21.41
C ARG A 216 -9.31 13.76 21.78
N ARG A 217 -8.65 14.46 20.85
CA ARG A 217 -8.42 15.90 21.02
C ARG A 217 -8.68 16.56 19.65
N ARG A 218 -9.44 17.66 19.58
CA ARG A 218 -9.78 18.30 18.29
C ARG A 218 -8.77 19.40 18.00
N THR A 219 -8.23 19.44 16.81
CA THR A 219 -7.40 20.58 16.46
C THR A 219 -7.82 21.10 15.07
N LEU A 220 -7.53 22.36 14.83
CA LEU A 220 -7.73 22.98 13.50
C LEU A 220 -6.42 23.56 13.04
N GLU A 221 -6.17 23.41 11.75
CA GLU A 221 -4.94 23.92 11.18
C GLU A 221 -5.31 24.67 9.91
N ILE A 222 -4.77 25.88 9.76
CA ILE A 222 -4.80 26.51 8.43
C ILE A 222 -3.47 26.18 7.75
N LEU A 223 -3.55 25.34 6.73
CA LEU A 223 -2.38 24.85 6.07
C LEU A 223 -1.90 25.91 5.11
N LYS A 224 -2.85 26.58 4.47
CA LYS A 224 -2.48 27.45 3.38
C LYS A 224 -3.52 28.47 3.17
N LEU A 225 -3.12 29.74 2.90
CA LEU A 225 -4.01 30.76 2.30
C LEU A 225 -3.23 31.42 1.17
N ARG A 226 -3.60 31.20 -0.07
CA ARG A 226 -2.79 31.82 -1.15
C ARG A 226 -2.84 33.34 -1.09
N GLY A 227 -1.68 33.98 -1.28
CA GLY A 227 -1.67 35.43 -1.38
C GLY A 227 -1.82 36.16 -0.09
N THR A 228 -1.79 35.45 1.04
CA THR A 228 -1.90 36.23 2.31
C THR A 228 -1.31 35.40 3.45
N SER A 229 -1.27 35.97 4.65
CA SER A 229 -0.62 35.31 5.77
C SER A 229 -1.66 34.70 6.74
N HIS A 230 -1.17 33.82 7.61
CA HIS A 230 -1.97 33.08 8.61
C HIS A 230 -1.02 32.43 9.64
N MET A 231 -1.58 32.03 10.77
CA MET A 231 -0.88 31.32 11.80
C MET A 231 -0.70 29.89 11.35
N LYS A 232 0.35 29.27 11.84
CA LYS A 232 0.72 27.95 11.37
C LYS A 232 0.53 26.85 12.41
N GLY A 233 0.40 25.62 11.93
CA GLY A 233 0.31 24.47 12.85
C GLY A 233 -1.10 24.23 13.39
N GLU A 234 -1.23 23.37 14.42
CA GLU A 234 -2.51 22.91 14.91
C GLU A 234 -2.89 23.72 16.15
N TYR A 235 -4.15 24.12 16.25
CA TYR A 235 -4.66 24.92 17.39
C TYR A 235 -5.79 24.08 17.96
N PRO A 236 -5.82 23.90 19.28
CA PRO A 236 -6.94 23.10 19.83
C PRO A 236 -8.28 23.82 19.72
N PHE A 237 -9.37 23.06 19.65
CA PHE A 237 -10.67 23.68 19.67
C PHE A 237 -11.65 22.73 20.31
N THR A 238 -12.83 23.27 20.62
CA THR A 238 -13.90 22.48 21.21
CA THR A 238 -13.85 22.42 21.18
C THR A 238 -15.17 22.76 20.47
N ILE A 239 -16.05 21.75 20.45
CA ILE A 239 -17.41 21.93 19.96
C ILE A 239 -18.31 21.98 21.19
N THR A 240 -18.94 23.12 21.45
CA THR A 240 -19.91 23.25 22.54
C THR A 240 -21.31 23.66 22.03
N ASP A 241 -22.23 23.94 22.96
CA ASP A 241 -23.54 24.52 22.62
C ASP A 241 -23.45 25.84 21.85
N HIS A 242 -22.26 26.44 21.77
CA HIS A 242 -22.13 27.66 20.99
C HIS A 242 -21.35 27.45 19.71
N GLY A 243 -21.12 26.20 19.35
CA GLY A 243 -20.51 25.94 18.06
C GLY A 243 -19.02 25.69 18.26
N ILE A 244 -18.21 26.00 17.28
CA ILE A 244 -16.76 25.78 17.36
C ILE A 244 -16.08 26.90 18.17
N ASN A 245 -15.11 26.54 19.00
CA ASN A 245 -14.39 27.55 19.76
C ASN A 245 -12.91 27.16 19.63
N ILE A 246 -12.09 27.99 18.96
CA ILE A 246 -10.68 27.63 18.75
C ILE A 246 -9.80 28.46 19.68
N PHE A 247 -8.76 27.86 20.24
CA PHE A 247 -7.86 28.55 21.21
C PHE A 247 -6.60 28.98 20.49
N PRO A 248 -6.43 30.26 20.17
CA PRO A 248 -5.15 30.52 19.48
C PRO A 248 -3.94 30.42 20.45
N LEU A 249 -2.71 30.30 19.97
CA LEU A 249 -1.59 30.13 20.89
C LEU A 249 -0.45 31.09 20.54
N GLN B 16 -37.63 21.13 17.68
CA GLN B 16 -36.30 21.63 18.00
C GLN B 16 -35.26 20.46 17.94
N ALA B 17 -34.28 20.47 18.86
CA ALA B 17 -33.05 19.65 18.81
C ALA B 17 -33.34 18.16 18.80
N ILE B 18 -32.34 17.31 18.54
CA ILE B 18 -32.66 15.92 18.41
C ILE B 18 -32.84 15.32 19.83
N ALA B 19 -33.84 14.45 19.98
CA ALA B 19 -34.10 13.68 21.19
C ALA B 19 -33.47 12.31 21.07
N LYS B 20 -33.25 11.63 22.20
CA LYS B 20 -32.57 10.29 22.18
C LYS B 20 -33.48 9.25 22.80
N MET B 21 -33.29 7.99 22.44
CA MET B 21 -33.99 6.90 23.13
C MET B 21 -32.99 6.14 23.96
N ARG B 22 -33.34 5.88 25.22
CA ARG B 22 -32.45 5.17 26.12
C ARG B 22 -32.23 3.76 25.54
N THR B 23 -30.99 3.30 25.46
CA THR B 23 -30.72 1.92 25.05
CA THR B 23 -30.80 1.91 25.04
C THR B 23 -30.85 0.98 26.24
N MET B 24 -30.68 1.54 27.44
CA MET B 24 -30.56 0.75 28.68
C MET B 24 -29.41 -0.29 28.63
N ILE B 25 -28.50 -0.16 27.67
CA ILE B 25 -27.27 -0.98 27.71
C ILE B 25 -26.32 -0.33 28.69
N GLU B 26 -25.96 -1.09 29.72
CA GLU B 26 -25.28 -0.53 30.87
C GLU B 26 -24.10 0.33 30.46
N GLY B 27 -24.09 1.59 30.87
CA GLY B 27 -23.03 2.53 30.56
C GLY B 27 -23.20 3.24 29.23
N PHE B 28 -23.94 2.64 28.29
CA PHE B 28 -24.04 3.29 26.98
C PHE B 28 -24.76 4.63 27.00
N ASP B 29 -25.82 4.73 27.81
CA ASP B 29 -26.63 5.95 27.84
C ASP B 29 -25.91 7.09 28.54
N ASP B 30 -24.96 6.76 29.40
CA ASP B 30 -24.03 7.79 29.89
C ASP B 30 -23.07 8.29 28.79
N ILE B 31 -22.43 7.36 28.08
CA ILE B 31 -21.43 7.69 27.06
C ILE B 31 -22.09 8.57 25.95
N SER B 32 -23.34 8.24 25.64
CA SER B 32 -24.05 8.87 24.56
C SER B 32 -24.89 10.06 25.09
N HIS B 33 -24.72 10.44 26.35
CA HIS B 33 -25.49 11.59 26.87
C HIS B 33 -26.99 11.44 26.64
N GLY B 34 -27.49 10.23 26.89
CA GLY B 34 -28.92 9.99 26.89
C GLY B 34 -29.46 8.80 26.08
N GLY B 35 -28.64 8.22 25.21
CA GLY B 35 -29.11 7.19 24.31
C GLY B 35 -28.82 7.47 22.83
N LEU B 36 -29.46 6.71 21.94
CA LEU B 36 -29.31 6.93 20.50
C LEU B 36 -30.29 7.99 19.99
N PRO B 37 -29.80 8.91 19.12
CA PRO B 37 -30.65 9.92 18.50
C PRO B 37 -31.84 9.27 17.80
N ILE B 38 -33.06 9.71 18.10
CA ILE B 38 -34.28 9.04 17.58
C ILE B 38 -34.48 9.32 16.09
N GLY B 39 -34.90 8.30 15.33
CA GLY B 39 -35.15 8.43 13.89
C GLY B 39 -33.92 8.59 13.02
N ARG B 40 -32.73 8.28 13.57
CA ARG B 40 -31.45 8.43 12.92
C ARG B 40 -30.75 7.05 12.76
N SER B 41 -29.76 6.94 11.89
CA SER B 41 -29.02 5.69 11.86
C SER B 41 -27.71 5.71 12.61
N THR B 42 -27.45 4.63 13.36
CA THR B 42 -26.19 4.49 14.04
C THR B 42 -25.39 3.33 13.43
N LEU B 43 -24.24 3.67 12.84
CA LEU B 43 -23.27 2.67 12.42
C LEU B 43 -22.53 2.09 13.65
N VAL B 44 -22.53 0.78 13.76
CA VAL B 44 -21.75 0.13 14.80
C VAL B 44 -20.74 -0.76 14.09
N SER B 45 -19.47 -0.40 14.16
N SER B 45 -19.48 -0.36 14.10
CA SER B 45 -18.44 -1.06 13.35
CA SER B 45 -18.47 -1.11 13.35
C SER B 45 -17.33 -1.68 14.17
C SER B 45 -17.58 -1.89 14.29
N GLY B 46 -16.86 -2.85 13.73
CA GLY B 46 -15.84 -3.53 14.49
C GLY B 46 -15.25 -4.73 13.75
N THR B 47 -14.02 -5.11 14.14
CA THR B 47 -13.44 -6.38 13.63
C THR B 47 -14.27 -7.58 14.06
N SER B 48 -13.92 -8.77 13.57
CA SER B 48 -14.77 -9.94 13.87
C SER B 48 -14.78 -10.25 15.35
N GLY B 49 -15.96 -10.50 15.88
CA GLY B 49 -16.08 -10.97 17.26
C GLY B 49 -15.99 -9.85 18.30
N THR B 50 -16.27 -8.61 17.86
CA THR B 50 -16.16 -7.41 18.72
C THR B 50 -17.47 -7.20 19.49
N GLY B 51 -18.53 -7.94 19.13
CA GLY B 51 -19.85 -7.76 19.76
C GLY B 51 -20.84 -6.90 18.99
N LYS B 52 -20.69 -6.82 17.68
CA LYS B 52 -21.60 -6.00 16.89
C LYS B 52 -23.02 -6.58 16.86
N THR B 53 -23.11 -7.89 16.65
CA THR B 53 -24.42 -8.52 16.62
C THR B 53 -25.08 -8.43 18.01
N LEU B 54 -24.28 -8.66 19.05
CA LEU B 54 -24.80 -8.59 20.42
C LEU B 54 -25.36 -7.17 20.69
N PHE B 55 -24.62 -6.14 20.32
CA PHE B 55 -25.07 -4.77 20.55
C PHE B 55 -26.42 -4.58 19.84
N SER B 56 -26.51 -5.01 18.59
N SER B 56 -26.49 -5.00 18.58
CA SER B 56 -27.72 -4.81 17.78
CA SER B 56 -27.73 -4.90 17.79
C SER B 56 -28.93 -5.58 18.35
C SER B 56 -28.91 -5.53 18.46
N ILE B 57 -28.66 -6.73 18.96
CA ILE B 57 -29.73 -7.54 19.53
C ILE B 57 -30.18 -6.92 20.87
N GLN B 58 -29.19 -6.46 21.62
CA GLN B 58 -29.48 -5.93 22.98
C GLN B 58 -30.29 -4.61 22.84
N PHE B 59 -29.95 -3.79 21.83
CA PHE B 59 -30.78 -2.64 21.43
C PHE B 59 -32.26 -2.97 21.28
N LEU B 60 -32.55 -3.98 20.46
CA LEU B 60 -33.92 -4.39 20.26
C LEU B 60 -34.54 -5.00 21.51
N TYR B 61 -33.81 -5.87 22.16
CA TYR B 61 -34.32 -6.58 23.31
C TYR B 61 -34.73 -5.59 24.44
N ASN B 62 -33.81 -4.71 24.81
CA ASN B 62 -34.14 -3.65 25.78
C ASN B 62 -35.32 -2.77 25.38
N GLY B 63 -35.39 -2.38 24.09
CA GLY B 63 -36.53 -1.67 23.58
C GLY B 63 -37.84 -2.35 23.92
N ILE B 64 -37.86 -3.67 23.67
CA ILE B 64 -39.06 -4.45 23.93
C ILE B 64 -39.33 -4.58 25.42
N ILE B 65 -38.33 -5.01 26.17
CA ILE B 65 -38.54 -5.29 27.60
C ILE B 65 -38.73 -4.03 28.47
N GLU B 66 -37.96 -2.98 28.22
CA GLU B 66 -38.04 -1.78 29.07
C GLU B 66 -39.15 -0.82 28.66
N PHE B 67 -39.43 -0.74 27.36
CA PHE B 67 -40.38 0.28 26.90
C PHE B 67 -41.53 -0.23 26.02
N ASP B 68 -41.61 -1.54 25.84
CA ASP B 68 -42.58 -2.15 24.94
C ASP B 68 -42.54 -1.55 23.52
N GLU B 69 -41.32 -1.29 23.04
CA GLU B 69 -41.16 -0.79 21.68
C GLU B 69 -40.76 -1.95 20.78
N PRO B 70 -41.59 -2.28 19.78
CA PRO B 70 -41.23 -3.45 18.97
C PRO B 70 -40.03 -3.19 18.10
N GLY B 71 -39.39 -4.26 17.64
CA GLY B 71 -38.11 -4.14 16.94
C GLY B 71 -38.10 -5.11 15.76
N VAL B 72 -37.40 -4.69 14.72
CA VAL B 72 -37.19 -5.51 13.53
C VAL B 72 -35.67 -5.75 13.42
N PHE B 73 -35.29 -7.03 13.29
CA PHE B 73 -33.88 -7.43 13.10
C PHE B 73 -33.68 -7.94 11.67
N VAL B 74 -32.83 -7.27 10.90
CA VAL B 74 -32.63 -7.69 9.51
C VAL B 74 -31.30 -8.43 9.42
N THR B 75 -31.33 -9.68 8.98
CA THR B 75 -30.08 -10.48 8.90
C THR B 75 -29.76 -10.88 7.44
N PHE B 76 -28.51 -10.79 7.03
CA PHE B 76 -28.14 -11.15 5.65
C PHE B 76 -27.43 -12.49 5.53
N GLU B 77 -27.05 -13.08 6.65
CA GLU B 77 -26.29 -14.33 6.59
C GLU B 77 -26.74 -15.27 7.67
N GLU B 78 -26.57 -14.88 8.94
CA GLU B 78 -27.08 -15.72 10.02
C GLU B 78 -28.57 -16.06 9.96
N THR B 79 -28.95 -17.31 10.28
CA THR B 79 -30.37 -17.66 10.20
C THR B 79 -31.11 -17.11 11.43
N PRO B 80 -32.44 -16.90 11.30
CA PRO B 80 -33.16 -16.47 12.51
C PRO B 80 -32.95 -17.42 13.69
N GLN B 81 -32.91 -18.72 13.40
CA GLN B 81 -32.78 -19.76 14.42
C GLN B 81 -31.44 -19.60 15.09
N ASP B 82 -30.40 -19.28 14.33
CA ASP B 82 -29.10 -19.14 14.99
C ASP B 82 -29.02 -17.83 15.75
N ILE B 83 -29.66 -16.77 15.23
CA ILE B 83 -29.71 -15.52 16.04
C ILE B 83 -30.38 -15.83 17.39
N ILE B 84 -31.50 -16.55 17.33
CA ILE B 84 -32.23 -16.92 18.54
C ILE B 84 -31.35 -17.78 19.46
N LYS B 85 -30.75 -18.83 18.91
CA LYS B 85 -29.91 -19.71 19.68
C LYS B 85 -28.72 -18.98 20.35
N ASN B 86 -28.03 -18.15 19.59
CA ASN B 86 -26.87 -17.46 20.19
C ASN B 86 -27.28 -16.49 21.28
N ALA B 87 -28.50 -15.95 21.22
CA ALA B 87 -28.94 -15.00 22.27
C ALA B 87 -29.23 -15.66 23.62
N ARG B 88 -29.37 -16.98 23.61
CA ARG B 88 -29.57 -17.74 24.82
C ARG B 88 -28.31 -17.70 25.68
N SER B 89 -27.19 -17.36 25.06
CA SER B 89 -25.95 -17.18 25.80
C SER B 89 -26.20 -16.10 26.85
N PHE B 90 -27.14 -15.19 26.58
CA PHE B 90 -27.30 -14.06 27.53
C PHE B 90 -28.54 -14.16 28.36
N GLY B 91 -29.18 -15.31 28.29
CA GLY B 91 -30.40 -15.56 29.03
C GLY B 91 -31.66 -14.99 28.39
N TRP B 92 -31.55 -14.52 27.15
CA TRP B 92 -32.66 -13.88 26.45
C TRP B 92 -33.46 -14.90 25.64
N ASP B 93 -34.77 -14.87 25.81
CA ASP B 93 -35.66 -15.72 25.04
C ASP B 93 -36.29 -14.98 23.85
N LEU B 94 -35.58 -14.89 22.75
CA LEU B 94 -36.06 -14.16 21.57
C LEU B 94 -37.22 -14.88 20.86
N ALA B 95 -37.26 -16.21 20.98
CA ALA B 95 -38.35 -16.97 20.33
C ALA B 95 -39.69 -16.51 20.88
N LYS B 96 -39.73 -16.31 22.20
CA LYS B 96 -40.99 -15.83 22.80
C LYS B 96 -41.40 -14.45 22.23
N LEU B 97 -40.43 -13.50 22.14
CA LEU B 97 -40.71 -12.16 21.65
C LEU B 97 -41.20 -12.22 20.21
N VAL B 98 -40.65 -13.15 19.42
CA VAL B 98 -41.12 -13.38 18.05
C VAL B 98 -42.60 -13.88 18.05
N ASP B 99 -42.88 -14.84 18.93
CA ASP B 99 -44.22 -15.43 19.06
CA ASP B 99 -44.22 -15.43 19.06
C ASP B 99 -45.24 -14.39 19.49
N GLU B 100 -44.78 -13.39 20.23
CA GLU B 100 -45.69 -12.38 20.72
C GLU B 100 -45.78 -11.22 19.79
N GLY B 101 -45.01 -11.28 18.71
CA GLY B 101 -45.14 -10.27 17.68
C GLY B 101 -44.46 -8.96 18.06
N LYS B 102 -43.59 -9.02 19.07
CA LYS B 102 -42.82 -7.86 19.55
C LYS B 102 -41.50 -7.72 18.82
N LEU B 103 -40.98 -8.87 18.42
CA LEU B 103 -39.74 -8.93 17.64
C LEU B 103 -40.01 -9.58 16.26
N PHE B 104 -39.49 -8.99 15.20
CA PHE B 104 -39.57 -9.67 13.89
C PHE B 104 -38.17 -9.77 13.26
N ILE B 105 -37.73 -10.99 12.93
CA ILE B 105 -36.42 -11.20 12.29
C ILE B 105 -36.66 -11.37 10.79
N LEU B 106 -36.19 -10.41 10.00
CA LEU B 106 -36.35 -10.38 8.55
C LEU B 106 -35.14 -11.07 7.95
N ASP B 107 -35.38 -12.20 7.32
CA ASP B 107 -34.28 -12.97 6.70
C ASP B 107 -34.00 -12.46 5.26
N ALA B 108 -32.96 -11.65 5.09
CA ALA B 108 -32.63 -11.15 3.76
C ALA B 108 -31.40 -11.87 3.16
N SER B 109 -31.22 -13.14 3.52
CA SER B 109 -30.01 -13.86 3.14
C SER B 109 -30.12 -14.21 1.66
N PRO B 110 -29.00 -14.56 1.01
CA PRO B 110 -29.10 -14.75 -0.44
C PRO B 110 -29.76 -16.07 -0.84
N ASP B 111 -30.09 -16.15 -2.13
CA ASP B 111 -30.56 -17.39 -2.72
C ASP B 111 -29.59 -17.87 -3.81
N PHE B 121 -26.80 -3.19 -9.26
CA PHE B 121 -27.09 -3.44 -7.84
C PHE B 121 -27.91 -2.30 -7.23
N ASP B 122 -29.04 -2.66 -6.60
CA ASP B 122 -30.01 -1.69 -6.14
C ASP B 122 -30.73 -2.19 -4.84
N LEU B 123 -30.65 -1.41 -3.74
CA LEU B 123 -31.30 -1.83 -2.48
C LEU B 123 -32.80 -1.48 -2.41
N SER B 124 -33.37 -0.97 -3.51
CA SER B 124 -34.75 -0.49 -3.43
C SER B 124 -35.74 -1.54 -2.96
N ALA B 125 -35.65 -2.75 -3.50
CA ALA B 125 -36.60 -3.78 -3.12
C ALA B 125 -36.48 -4.16 -1.64
N LEU B 126 -35.25 -4.44 -1.19
CA LEU B 126 -35.02 -4.73 0.22
C LEU B 126 -35.59 -3.62 1.12
N ILE B 127 -35.28 -2.38 0.76
CA ILE B 127 -35.71 -1.20 1.51
C ILE B 127 -37.23 -1.22 1.68
N GLU B 128 -37.93 -1.59 0.61
CA GLU B 128 -39.37 -1.72 0.69
C GLU B 128 -39.86 -2.86 1.59
N ARG B 129 -39.17 -4.00 1.54
CA ARG B 129 -39.49 -5.11 2.45
C ARG B 129 -39.26 -4.63 3.89
N ILE B 130 -38.17 -3.91 4.11
CA ILE B 130 -37.89 -3.50 5.49
C ILE B 130 -38.98 -2.50 5.93
N ASN B 131 -39.31 -1.52 5.08
CA ASN B 131 -40.34 -0.55 5.42
C ASN B 131 -41.65 -1.27 5.74
N TYR B 132 -41.97 -2.28 4.92
CA TYR B 132 -43.18 -3.06 5.12
C TYR B 132 -43.25 -3.71 6.51
N ALA B 133 -42.15 -4.35 6.89
CA ALA B 133 -42.06 -4.98 8.20
C ALA B 133 -42.14 -3.95 9.32
N ILE B 134 -41.47 -2.80 9.17
CA ILE B 134 -41.57 -1.76 10.21
C ILE B 134 -43.02 -1.33 10.48
N GLN B 135 -43.73 -1.02 9.39
CA GLN B 135 -45.15 -0.70 9.46
C GLN B 135 -46.00 -1.80 10.06
N LYS B 136 -45.85 -3.00 9.51
CA LYS B 136 -46.59 -4.15 9.98
C LYS B 136 -46.44 -4.41 11.49
N TYR B 137 -45.21 -4.35 12.01
CA TYR B 137 -44.97 -4.63 13.42
C TYR B 137 -44.97 -3.36 14.31
N ARG B 138 -45.17 -2.21 13.68
CA ARG B 138 -45.21 -0.93 14.37
C ARG B 138 -43.88 -0.74 15.09
N ALA B 139 -42.79 -0.98 14.37
CA ALA B 139 -41.52 -1.05 15.03
C ALA B 139 -40.92 0.34 15.27
N ARG B 140 -40.33 0.54 16.46
CA ARG B 140 -39.67 1.79 16.76
C ARG B 140 -38.16 1.64 16.62
N ARG B 141 -37.69 0.42 16.77
CA ARG B 141 -36.25 0.15 16.74
C ARG B 141 -35.93 -0.82 15.56
N VAL B 142 -34.85 -0.56 14.82
CA VAL B 142 -34.44 -1.50 13.77
C VAL B 142 -32.94 -1.77 13.87
N SER B 143 -32.54 -3.04 13.70
N SER B 143 -32.53 -3.01 13.68
CA SER B 143 -31.13 -3.37 13.59
CA SER B 143 -31.10 -3.28 13.56
C SER B 143 -30.91 -4.10 12.28
C SER B 143 -30.86 -4.14 12.34
N ILE B 144 -29.79 -3.79 11.63
CA ILE B 144 -29.48 -4.39 10.33
C ILE B 144 -28.05 -4.92 10.45
N ASP B 145 -27.91 -6.24 10.42
N ASP B 145 -27.89 -6.22 10.22
CA ASP B 145 -26.63 -6.83 10.76
CA ASP B 145 -26.63 -6.93 10.53
C ASP B 145 -25.77 -7.02 9.51
C ASP B 145 -26.26 -8.01 9.45
N SER B 146 -24.65 -6.31 9.51
N SER B 146 -25.19 -7.81 8.67
CA SER B 146 -23.64 -6.40 8.45
CA SER B 146 -24.40 -6.59 8.56
C SER B 146 -24.20 -6.01 7.10
C SER B 146 -24.52 -6.06 7.12
N VAL B 147 -24.51 -4.73 6.96
CA VAL B 147 -24.75 -4.16 5.64
C VAL B 147 -23.55 -4.39 4.75
N THR B 148 -22.36 -4.51 5.36
CA THR B 148 -21.15 -4.82 4.60
C THR B 148 -21.37 -6.05 3.71
N SER B 149 -21.97 -7.09 4.28
CA SER B 149 -22.01 -8.38 3.64
C SER B 149 -22.84 -8.34 2.37
N VAL B 150 -23.88 -7.52 2.34
CA VAL B 150 -24.78 -7.57 1.21
C VAL B 150 -24.07 -7.02 -0.04
N PHE B 151 -23.21 -6.03 0.14
CA PHE B 151 -22.46 -5.52 -1.01
C PHE B 151 -21.43 -6.54 -1.49
N GLN B 152 -20.72 -7.21 -0.59
CA GLN B 152 -19.79 -8.26 -1.00
C GLN B 152 -20.48 -9.48 -1.62
N GLN B 153 -21.65 -9.83 -1.09
CA GLN B 153 -22.42 -10.95 -1.61
C GLN B 153 -22.70 -10.77 -3.09
N TYR B 154 -22.86 -9.52 -3.51
CA TYR B 154 -23.27 -9.23 -4.89
C TYR B 154 -22.26 -8.35 -5.64
N ASP B 155 -20.97 -8.51 -5.32
CA ASP B 155 -19.82 -7.77 -5.91
C ASP B 155 -20.09 -6.30 -6.26
N ALA B 156 -20.63 -5.58 -5.30
CA ALA B 156 -21.16 -4.26 -5.57
C ALA B 156 -20.44 -3.13 -4.83
N SER B 157 -19.14 -3.28 -4.58
CA SER B 157 -18.39 -2.30 -3.79
C SER B 157 -18.29 -0.89 -4.42
N SER B 158 -18.40 -0.83 -5.74
CA SER B 158 -18.38 0.43 -6.47
C SER B 158 -19.53 1.38 -6.08
N VAL B 159 -20.64 0.81 -5.61
CA VAL B 159 -21.85 1.56 -5.39
C VAL B 159 -22.22 1.60 -3.90
N VAL B 160 -21.26 1.33 -3.03
CA VAL B 160 -21.55 1.31 -1.58
C VAL B 160 -22.13 2.68 -1.12
N ARG B 161 -21.48 3.79 -1.46
CA ARG B 161 -21.98 5.06 -0.89
C ARG B 161 -23.42 5.35 -1.32
N ARG B 162 -23.68 5.19 -2.61
CA ARG B 162 -24.97 5.49 -3.15
C ARG B 162 -26.06 4.60 -2.56
N GLU B 163 -25.77 3.29 -2.47
CA GLU B 163 -26.81 2.36 -1.98
C GLU B 163 -26.99 2.44 -0.45
N LEU B 164 -25.91 2.64 0.28
CA LEU B 164 -26.04 2.83 1.74
CA LEU B 164 -26.05 2.84 1.73
C LEU B 164 -26.80 4.15 2.01
N PHE B 165 -26.45 5.20 1.28
CA PHE B 165 -27.22 6.44 1.39
C PHE B 165 -28.73 6.17 1.15
N ARG B 166 -29.04 5.42 0.09
CA ARG B 166 -30.46 5.15 -0.19
C ARG B 166 -31.11 4.49 1.03
N LEU B 167 -30.40 3.57 1.66
CA LEU B 167 -31.03 2.87 2.77
C LEU B 167 -31.20 3.81 3.97
N VAL B 168 -30.12 4.52 4.32
CA VAL B 168 -30.18 5.44 5.48
C VAL B 168 -31.22 6.53 5.29
N ALA B 169 -31.26 7.10 4.07
CA ALA B 169 -32.18 8.19 3.79
C ALA B 169 -33.61 7.72 3.90
N ARG B 170 -33.89 6.50 3.48
CA ARG B 170 -35.29 6.05 3.55
C ARG B 170 -35.67 5.80 5.01
N LEU B 171 -34.75 5.20 5.76
CA LEU B 171 -35.02 4.92 7.19
C LEU B 171 -35.28 6.24 7.96
N LYS B 172 -34.51 7.30 7.65
CA LYS B 172 -34.77 8.62 8.18
C LYS B 172 -36.15 9.10 7.82
N GLN B 173 -36.52 9.00 6.53
CA GLN B 173 -37.90 9.40 6.18
C GLN B 173 -38.96 8.61 6.94
N ILE B 174 -38.74 7.33 7.15
CA ILE B 174 -39.69 6.50 7.91
C ILE B 174 -39.68 6.88 9.41
N GLY B 175 -38.58 7.49 9.88
CA GLY B 175 -38.45 7.86 11.31
C GLY B 175 -38.00 6.70 12.20
N ALA B 176 -37.47 5.66 11.56
CA ALA B 176 -36.98 4.48 12.27
C ALA B 176 -35.72 4.86 13.04
N THR B 177 -35.52 4.29 14.22
CA THR B 177 -34.24 4.43 14.88
C THR B 177 -33.43 3.14 14.61
N THR B 178 -32.31 3.28 13.92
CA THR B 178 -31.66 2.06 13.39
C THR B 178 -30.22 1.84 13.86
N VAL B 179 -29.89 0.61 14.26
CA VAL B 179 -28.49 0.25 14.41
C VAL B 179 -28.07 -0.54 13.14
N MET B 180 -26.99 -0.13 12.49
CA MET B 180 -26.50 -0.89 11.31
C MET B 180 -25.08 -1.30 11.59
N THR B 181 -24.79 -2.61 11.53
CA THR B 181 -23.44 -3.04 11.80
C THR B 181 -22.63 -3.08 10.50
N THR B 182 -21.32 -2.87 10.61
CA THR B 182 -20.41 -3.06 9.52
C THR B 182 -19.08 -3.59 10.02
N GLU B 183 -18.27 -4.04 9.08
CA GLU B 183 -17.07 -4.82 9.36
C GLU B 183 -15.84 -4.04 9.10
N ARG B 184 -14.77 -4.30 9.84
CA ARG B 184 -13.53 -3.67 9.57
C ARG B 184 -12.45 -4.68 9.81
N ILE B 185 -11.24 -4.44 9.31
CA ILE B 185 -10.19 -5.45 9.51
C ILE B 185 -9.05 -4.95 10.40
N GLU B 186 -9.05 -3.68 10.79
CA GLU B 186 -7.99 -3.19 11.67
C GLU B 186 -8.55 -2.42 12.85
N GLU B 187 -7.94 -2.48 14.03
CA GLU B 187 -8.52 -1.82 15.22
C GLU B 187 -8.32 -0.30 15.08
N TYR B 188 -7.20 0.12 14.47
CA TYR B 188 -6.93 1.58 14.40
C TYR B 188 -6.81 2.05 12.96
N GLY B 189 -7.42 1.29 12.05
CA GLY B 189 -7.46 1.67 10.63
C GLY B 189 -8.81 2.28 10.26
N PRO B 190 -9.25 2.03 9.02
CA PRO B 190 -10.51 2.63 8.54
C PRO B 190 -11.68 2.32 9.49
N ILE B 191 -12.62 3.24 9.61
CA ILE B 191 -13.74 2.98 10.51
C ILE B 191 -14.55 1.82 10.03
N ALA B 192 -14.80 1.72 8.72
CA ALA B 192 -15.53 0.57 8.26
C ALA B 192 -14.68 -0.13 7.20
N ARG B 193 -15.24 -0.45 6.05
CA ARG B 193 -14.52 -1.25 5.06
CA ARG B 193 -14.51 -1.23 5.07
C ARG B 193 -14.22 -0.42 3.81
N TYR B 194 -15.16 0.41 3.39
CA TYR B 194 -14.96 1.12 2.12
C TYR B 194 -14.61 2.57 2.24
N GLY B 195 -14.37 3.06 3.47
CA GLY B 195 -14.04 4.47 3.70
C GLY B 195 -15.13 5.46 3.39
N VAL B 196 -16.38 4.97 3.31
CA VAL B 196 -17.48 5.88 3.05
C VAL B 196 -18.61 5.70 4.05
N GLU B 197 -18.67 4.57 4.73
CA GLU B 197 -19.88 4.25 5.48
C GLU B 197 -20.06 5.22 6.66
N GLU B 198 -18.96 5.66 7.25
CA GLU B 198 -19.06 6.52 8.44
C GLU B 198 -19.63 7.89 8.04
N PHE B 199 -19.35 8.32 6.80
CA PHE B 199 -19.82 9.63 6.34
C PHE B 199 -21.27 9.65 5.98
N VAL B 200 -21.80 8.49 5.67
CA VAL B 200 -23.20 8.41 5.33
C VAL B 200 -24.07 8.33 6.59
N SER B 201 -23.56 7.66 7.62
CA SER B 201 -24.38 7.43 8.84
C SER B 201 -24.43 8.69 9.68
N ASP B 202 -25.51 8.87 10.43
CA ASP B 202 -25.64 9.99 11.33
C ASP B 202 -24.76 9.87 12.55
N ASN B 203 -24.60 8.63 13.03
CA ASN B 203 -23.95 8.35 14.29
C ASN B 203 -23.02 7.22 14.03
N VAL B 204 -21.88 7.26 14.70
CA VAL B 204 -20.88 6.17 14.54
C VAL B 204 -20.37 5.70 15.88
N VAL B 205 -20.46 4.39 16.07
CA VAL B 205 -19.98 3.72 17.26
C VAL B 205 -18.91 2.69 16.80
N ILE B 206 -17.72 2.75 17.39
CA ILE B 206 -16.66 1.81 17.01
C ILE B 206 -16.36 0.82 18.17
N LEU B 207 -16.52 -0.45 17.93
CA LEU B 207 -16.15 -1.49 18.90
C LEU B 207 -14.76 -1.98 18.54
N ARG B 208 -13.85 -2.01 19.52
CA ARG B 208 -12.51 -2.54 19.28
C ARG B 208 -12.23 -3.71 20.17
N ASN B 209 -11.27 -4.50 19.73
CA ASN B 209 -10.88 -5.68 20.44
C ASN B 209 -9.35 -5.73 20.28
N VAL B 210 -8.63 -4.91 21.01
CA VAL B 210 -7.19 -4.69 20.71
C VAL B 210 -6.34 -5.77 21.37
N LEU B 211 -5.43 -6.31 20.57
CA LEU B 211 -4.48 -7.33 21.03
C LEU B 211 -3.18 -6.58 21.41
N GLU B 212 -2.78 -6.65 22.68
CA GLU B 212 -1.44 -6.15 23.06
C GLU B 212 -0.80 -7.08 24.06
N GLY B 213 0.46 -7.41 23.88
CA GLY B 213 1.08 -8.29 24.87
C GLY B 213 0.33 -9.63 25.04
N GLU B 214 -0.16 -10.15 23.90
CA GLU B 214 -0.84 -11.46 23.83
CA GLU B 214 -0.83 -11.45 23.81
C GLU B 214 -2.21 -11.48 24.48
N ARG B 215 -2.71 -10.29 24.83
CA ARG B 215 -4.01 -10.22 25.52
C ARG B 215 -4.93 -9.23 24.80
N ARG B 216 -6.23 -9.49 24.89
CA ARG B 216 -7.24 -8.65 24.24
C ARG B 216 -7.89 -7.72 25.24
N ARG B 217 -8.31 -6.54 24.79
CA ARG B 217 -9.26 -5.82 25.62
C ARG B 217 -10.33 -5.18 24.77
N ARG B 218 -11.58 -5.11 25.26
CA ARG B 218 -12.68 -4.60 24.43
C ARG B 218 -12.92 -3.14 24.77
N THR B 219 -13.11 -2.28 23.78
CA THR B 219 -13.49 -0.95 24.09
C THR B 219 -14.58 -0.50 23.13
N LEU B 220 -15.33 0.49 23.59
CA LEU B 220 -16.41 1.10 22.78
C LEU B 220 -16.15 2.58 22.64
N GLU B 221 -16.35 3.12 21.45
CA GLU B 221 -16.16 4.57 21.23
C GLU B 221 -17.32 5.16 20.46
N ILE B 222 -17.90 6.28 20.95
CA ILE B 222 -18.89 7.00 20.12
C ILE B 222 -18.10 8.09 19.41
N LEU B 223 -17.91 7.89 18.13
CA LEU B 223 -17.04 8.81 17.36
C LEU B 223 -17.78 10.09 17.06
N LYS B 224 -19.06 9.91 16.73
CA LYS B 224 -19.89 11.00 16.20
C LYS B 224 -21.37 10.77 16.50
N LEU B 225 -22.09 11.82 16.91
CA LEU B 225 -23.55 11.86 16.87
C LEU B 225 -23.93 13.20 16.23
N ARG B 226 -24.49 13.18 15.03
CA ARG B 226 -24.82 14.48 14.39
C ARG B 226 -25.87 15.19 15.22
N GLY B 227 -25.66 16.49 15.42
CA GLY B 227 -26.69 17.32 16.05
C GLY B 227 -26.84 17.18 17.58
N THR B 228 -25.90 16.50 18.23
CA THR B 228 -26.03 16.38 19.68
C THR B 228 -24.71 16.03 20.28
N SER B 229 -24.61 16.00 21.59
CA SER B 229 -23.34 15.80 22.26
C SER B 229 -23.18 14.33 22.75
N HIS B 230 -21.94 13.97 23.07
CA HIS B 230 -21.63 12.62 23.57
C HIS B 230 -20.24 12.67 24.21
N MET B 231 -19.92 11.68 25.02
CA MET B 231 -18.55 11.50 25.55
C MET B 231 -17.56 11.03 24.47
N LYS B 232 -16.27 11.32 24.66
CA LYS B 232 -15.29 11.06 23.58
C LYS B 232 -14.28 10.00 23.98
N GLY B 233 -13.68 9.38 22.98
CA GLY B 233 -12.67 8.35 23.17
C GLY B 233 -13.21 6.93 23.46
N GLU B 234 -12.32 6.06 23.97
CA GLU B 234 -12.60 4.63 24.14
C GLU B 234 -12.93 4.38 25.60
N TYR B 235 -13.98 3.59 25.79
CA TYR B 235 -14.42 3.14 27.13
C TYR B 235 -14.36 1.62 27.19
N PRO B 236 -13.80 1.06 28.27
CA PRO B 236 -13.72 -0.41 28.41
C PRO B 236 -15.11 -1.01 28.47
N PHE B 237 -15.26 -2.19 27.88
CA PHE B 237 -16.48 -2.91 28.11
C PHE B 237 -16.22 -4.40 28.23
N THR B 238 -17.18 -5.14 28.80
CA THR B 238 -17.06 -6.60 28.85
CA THR B 238 -17.03 -6.58 28.85
C THR B 238 -18.29 -7.19 28.24
N ILE B 239 -18.15 -8.40 27.72
CA ILE B 239 -19.29 -9.22 27.33
C ILE B 239 -19.38 -10.35 28.31
N THR B 240 -20.50 -10.45 29.01
CA THR B 240 -20.76 -11.52 29.96
C THR B 240 -22.13 -12.17 29.69
N ASP B 241 -22.58 -13.00 30.61
CA ASP B 241 -23.88 -13.61 30.54
C ASP B 241 -25.03 -12.60 30.52
N HIS B 242 -24.75 -11.36 30.84
CA HIS B 242 -25.78 -10.32 30.82
C HIS B 242 -25.62 -9.38 29.63
N GLY B 243 -24.82 -9.79 28.65
CA GLY B 243 -24.64 -9.00 27.45
C GLY B 243 -23.52 -7.97 27.65
N ILE B 244 -23.66 -6.82 27.01
CA ILE B 244 -22.61 -5.81 27.03
C ILE B 244 -22.69 -4.95 28.31
N ASN B 245 -21.56 -4.74 28.97
CA ASN B 245 -21.50 -3.82 30.09
CA ASN B 245 -21.52 -3.79 30.08
C ASN B 245 -20.35 -2.84 29.86
N ILE B 246 -20.65 -1.56 29.70
CA ILE B 246 -19.62 -0.54 29.38
C ILE B 246 -19.31 0.28 30.65
N PHE B 247 -18.06 0.61 30.87
CA PHE B 247 -17.67 1.32 32.10
C PHE B 247 -17.33 2.77 31.74
N PRO B 248 -18.22 3.74 32.05
CA PRO B 248 -17.84 5.13 31.74
C PRO B 248 -16.69 5.58 32.69
N LEU B 249 -15.84 6.49 32.27
CA LEU B 249 -14.71 6.82 33.10
C LEU B 249 -14.75 8.28 33.52
N ALA C 17 -27.94 -22.68 25.90
CA ALA C 17 -26.82 -22.18 25.10
C ALA C 17 -26.25 -23.28 24.19
N ILE C 18 -25.44 -22.91 23.19
CA ILE C 18 -24.87 -23.91 22.29
C ILE C 18 -23.99 -24.88 23.10
N ALA C 19 -24.04 -26.16 22.74
CA ALA C 19 -23.18 -27.19 23.30
C ALA C 19 -21.86 -27.28 22.52
N LYS C 20 -20.85 -27.95 23.09
CA LYS C 20 -19.52 -28.01 22.51
C LYS C 20 -19.04 -29.44 22.41
N MET C 21 -18.28 -29.78 21.37
CA MET C 21 -17.68 -31.13 21.36
C MET C 21 -16.21 -31.03 21.70
N ARG C 22 -15.74 -31.91 22.58
CA ARG C 22 -14.31 -31.96 22.95
C ARG C 22 -13.36 -32.27 21.78
N THR C 23 -12.37 -31.41 21.56
CA THR C 23 -11.37 -31.73 20.55
C THR C 23 -10.35 -32.77 21.07
N MET C 24 -10.18 -32.84 22.41
CA MET C 24 -9.10 -33.58 23.08
C MET C 24 -7.69 -33.14 22.66
N ILE C 25 -7.59 -32.00 21.98
CA ILE C 25 -6.27 -31.45 21.69
C ILE C 25 -5.85 -30.75 22.96
N GLU C 26 -4.72 -31.16 23.51
CA GLU C 26 -4.40 -30.82 24.87
C GLU C 26 -4.33 -29.32 25.02
N GLY C 27 -5.07 -28.80 26.02
CA GLY C 27 -5.19 -27.39 26.27
C GLY C 27 -6.35 -26.70 25.55
N PHE C 28 -6.71 -27.19 24.37
CA PHE C 28 -7.67 -26.47 23.56
C PHE C 28 -9.04 -26.43 24.23
N ASP C 29 -9.44 -27.56 24.84
CA ASP C 29 -10.81 -27.62 25.38
C ASP C 29 -10.93 -26.74 26.60
N ASP C 30 -9.81 -26.45 27.26
CA ASP C 30 -9.77 -25.42 28.30
C ASP C 30 -9.94 -24.04 27.75
N ILE C 31 -9.19 -23.71 26.71
CA ILE C 31 -9.22 -22.37 26.11
C ILE C 31 -10.64 -22.09 25.58
N SER C 32 -11.24 -23.12 24.99
CA SER C 32 -12.53 -22.92 24.32
C SER C 32 -13.72 -23.12 25.30
N HIS C 33 -13.43 -23.28 26.57
CA HIS C 33 -14.48 -23.52 27.61
C HIS C 33 -15.28 -24.73 27.22
N GLY C 34 -14.61 -25.76 26.72
CA GLY C 34 -15.38 -26.97 26.50
C GLY C 34 -15.21 -27.67 25.17
N GLY C 35 -14.64 -27.00 24.16
CA GLY C 35 -14.50 -27.61 22.85
C GLY C 35 -15.07 -26.73 21.76
N LEU C 36 -15.23 -27.29 20.57
CA LEU C 36 -15.82 -26.53 19.47
C LEU C 36 -17.37 -26.61 19.53
N PRO C 37 -18.03 -25.47 19.33
CA PRO C 37 -19.49 -25.49 19.26
C PRO C 37 -19.96 -26.50 18.24
N ILE C 38 -20.86 -27.38 18.63
CA ILE C 38 -21.37 -28.47 17.80
C ILE C 38 -22.25 -27.91 16.66
N GLY C 39 -22.05 -28.45 15.47
CA GLY C 39 -22.89 -28.07 14.36
C GLY C 39 -22.52 -26.78 13.70
N ARG C 40 -21.42 -26.18 14.13
CA ARG C 40 -20.95 -24.90 13.62
C ARG C 40 -19.58 -25.06 12.88
N SER C 41 -19.16 -24.03 12.15
CA SER C 41 -17.91 -24.08 11.46
C SER C 41 -16.89 -23.23 12.17
N THR C 42 -15.68 -23.76 12.26
CA THR C 42 -14.58 -23.04 12.90
C THR C 42 -13.47 -22.78 11.87
N LEU C 43 -13.15 -21.51 11.65
CA LEU C 43 -12.03 -21.16 10.77
C LEU C 43 -10.74 -21.31 11.60
N VAL C 44 -9.73 -21.94 11.02
CA VAL C 44 -8.40 -22.01 11.67
C VAL C 44 -7.41 -21.36 10.67
N SER C 45 -6.94 -20.16 10.96
CA SER C 45 -6.13 -19.42 9.96
C SER C 45 -4.69 -19.28 10.41
N GLY C 46 -3.75 -19.16 9.47
CA GLY C 46 -2.38 -19.04 9.95
C GLY C 46 -1.44 -18.91 8.77
N THR C 47 -0.25 -18.37 9.00
CA THR C 47 0.75 -18.36 7.96
C THR C 47 1.24 -19.81 7.69
N SER C 48 2.16 -19.95 6.75
CA SER C 48 2.59 -21.29 6.33
C SER C 48 3.38 -21.96 7.43
N GLY C 49 3.01 -23.22 7.72
CA GLY C 49 3.76 -24.00 8.69
C GLY C 49 3.34 -23.67 10.13
N THR C 50 2.11 -23.15 10.32
CA THR C 50 1.66 -22.83 11.68
C THR C 50 1.04 -23.99 12.38
N GLY C 51 0.63 -25.02 11.64
CA GLY C 51 0.07 -26.22 12.24
C GLY C 51 -1.42 -26.32 11.87
N LYS C 52 -1.85 -25.68 10.76
CA LYS C 52 -3.28 -25.74 10.40
C LYS C 52 -3.75 -27.13 10.02
N THR C 53 -3.01 -27.76 9.13
CA THR C 53 -3.37 -29.09 8.71
C THR C 53 -3.30 -30.04 9.92
N LEU C 54 -2.29 -29.87 10.74
CA LEU C 54 -2.14 -30.73 11.89
C LEU C 54 -3.34 -30.60 12.82
N PHE C 55 -3.73 -29.36 13.14
CA PHE C 55 -4.93 -29.13 13.97
C PHE C 55 -6.16 -29.85 13.36
N SER C 56 -6.35 -29.75 12.06
CA SER C 56 -7.58 -30.24 11.48
C SER C 56 -7.51 -31.78 11.39
N ILE C 57 -6.31 -32.35 11.28
CA ILE C 57 -6.18 -33.79 11.32
C ILE C 57 -6.37 -34.31 12.75
N GLN C 58 -5.79 -33.63 13.73
CA GLN C 58 -5.94 -34.07 15.13
C GLN C 58 -7.40 -34.02 15.61
N PHE C 59 -8.14 -33.01 15.17
CA PHE C 59 -9.57 -32.92 15.42
C PHE C 59 -10.32 -34.20 15.02
N LEU C 60 -10.08 -34.67 13.81
CA LEU C 60 -10.79 -35.86 13.31
C LEU C 60 -10.23 -37.12 13.97
N TYR C 61 -8.91 -37.18 14.11
CA TYR C 61 -8.28 -38.40 14.64
C TYR C 61 -8.80 -38.58 16.09
N ASN C 62 -8.73 -37.53 16.90
CA ASN C 62 -9.23 -37.63 18.28
C ASN C 62 -10.72 -38.00 18.34
N GLY C 63 -11.52 -37.41 17.45
CA GLY C 63 -12.92 -37.77 17.30
C GLY C 63 -13.12 -39.28 17.11
N ILE C 64 -12.33 -39.85 16.21
CA ILE C 64 -12.45 -41.27 15.91
C ILE C 64 -12.01 -42.14 17.10
N ILE C 65 -10.78 -41.89 17.55
CA ILE C 65 -10.17 -42.74 18.58
C ILE C 65 -10.86 -42.61 19.93
N GLU C 66 -11.19 -41.39 20.35
CA GLU C 66 -11.71 -41.16 21.69
C GLU C 66 -13.21 -41.37 21.77
N PHE C 67 -13.93 -40.99 20.72
CA PHE C 67 -15.40 -41.03 20.76
C PHE C 67 -16.05 -41.87 19.67
N ASP C 68 -15.23 -42.51 18.86
CA ASP C 68 -15.77 -43.26 17.75
C ASP C 68 -16.67 -42.40 16.86
N GLU C 69 -16.34 -41.12 16.70
CA GLU C 69 -17.10 -40.24 15.81
C GLU C 69 -16.36 -40.20 14.46
N PRO C 70 -16.99 -40.71 13.38
CA PRO C 70 -16.30 -40.71 12.07
C PRO C 70 -16.05 -39.29 11.56
N GLY C 71 -15.04 -39.16 10.70
CA GLY C 71 -14.65 -37.83 10.24
C GLY C 71 -14.42 -37.82 8.73
N VAL C 72 -14.61 -36.65 8.14
CA VAL C 72 -14.33 -36.48 6.72
C VAL C 72 -13.28 -35.38 6.58
N PHE C 73 -12.21 -35.71 5.86
CA PHE C 73 -11.15 -34.76 5.62
C PHE C 73 -11.18 -34.34 4.16
N VAL C 74 -11.32 -33.06 3.86
CA VAL C 74 -11.40 -32.59 2.47
C VAL C 74 -10.09 -31.91 2.08
N THR C 75 -9.46 -32.38 0.99
CA THR C 75 -8.17 -31.83 0.59
C THR C 75 -8.26 -31.29 -0.83
N PHE C 76 -7.64 -30.13 -1.07
CA PHE C 76 -7.66 -29.52 -2.40
C PHE C 76 -6.32 -29.60 -3.09
N GLU C 77 -5.29 -30.05 -2.39
CA GLU C 77 -3.93 -30.03 -2.97
C GLU C 77 -3.12 -31.21 -2.53
N GLU C 78 -2.87 -31.30 -1.22
CA GLU C 78 -2.18 -32.46 -0.70
C GLU C 78 -2.92 -33.75 -1.05
N THR C 79 -2.21 -34.75 -1.54
CA THR C 79 -2.85 -36.02 -1.89
C THR C 79 -3.26 -36.79 -0.61
N PRO C 80 -4.28 -37.67 -0.69
CA PRO C 80 -4.53 -38.56 0.45
C PRO C 80 -3.28 -39.26 0.97
N GLN C 81 -2.42 -39.77 0.08
CA GLN C 81 -1.27 -40.54 0.55
CA GLN C 81 -1.25 -40.52 0.53
C GLN C 81 -0.28 -39.65 1.33
N ASP C 82 -0.14 -38.39 0.92
CA ASP C 82 0.83 -37.58 1.68
C ASP C 82 0.22 -37.13 2.99
N ILE C 83 -1.10 -36.93 3.00
CA ILE C 83 -1.76 -36.59 4.28
C ILE C 83 -1.54 -37.75 5.24
N ILE C 84 -1.69 -38.96 4.73
CA ILE C 84 -1.47 -40.13 5.57
C ILE C 84 -0.02 -40.26 5.99
N LYS C 85 0.91 -40.12 5.04
CA LYS C 85 2.33 -40.20 5.38
C LYS C 85 2.74 -39.10 6.39
N ASN C 86 2.25 -37.90 6.19
CA ASN C 86 2.64 -36.80 7.09
C ASN C 86 2.10 -37.04 8.49
N ALA C 87 0.94 -37.67 8.61
CA ALA C 87 0.44 -37.97 9.97
C ALA C 87 1.23 -39.04 10.73
N ARG C 88 1.98 -39.86 9.99
CA ARG C 88 2.90 -40.81 10.62
C ARG C 88 3.90 -40.10 11.51
N SER C 89 4.18 -38.82 11.21
CA SER C 89 5.11 -38.01 11.99
C SER C 89 4.72 -38.07 13.47
N PHE C 90 3.43 -38.31 13.74
CA PHE C 90 2.89 -38.23 15.09
C PHE C 90 2.41 -39.55 15.64
N GLY C 91 2.79 -40.65 15.00
CA GLY C 91 2.33 -41.97 15.41
C GLY C 91 0.86 -42.30 15.12
N TRP C 92 0.25 -41.58 14.19
CA TRP C 92 -1.15 -41.83 13.87
C TRP C 92 -1.24 -42.63 12.58
N ASP C 93 -2.06 -43.68 12.61
CA ASP C 93 -2.22 -44.56 11.47
C ASP C 93 -3.50 -44.23 10.76
N LEU C 94 -3.47 -43.29 9.81
CA LEU C 94 -4.73 -42.87 9.21
C LEU C 94 -5.17 -43.88 8.15
N ALA C 95 -4.24 -44.62 7.57
CA ALA C 95 -4.62 -45.58 6.53
C ALA C 95 -5.54 -46.66 7.14
N LYS C 96 -5.18 -47.09 8.35
CA LYS C 96 -6.02 -48.04 9.07
C LYS C 96 -7.44 -47.48 9.29
N LEU C 97 -7.55 -46.22 9.67
CA LEU C 97 -8.87 -45.61 9.89
C LEU C 97 -9.68 -45.51 8.58
N VAL C 98 -8.99 -45.20 7.48
CA VAL C 98 -9.65 -45.18 6.18
C VAL C 98 -10.10 -46.60 5.83
N ASP C 99 -9.27 -47.58 6.17
CA ASP C 99 -9.64 -48.97 5.86
C ASP C 99 -10.89 -49.43 6.60
N GLU C 100 -11.03 -49.02 7.84
CA GLU C 100 -12.17 -49.40 8.65
C GLU C 100 -13.41 -48.57 8.38
N GLY C 101 -13.31 -47.60 7.48
CA GLY C 101 -14.39 -46.67 7.20
C GLY C 101 -14.69 -45.66 8.31
N LYS C 102 -13.69 -45.37 9.14
CA LYS C 102 -13.82 -44.38 10.21
C LYS C 102 -13.47 -42.96 9.73
N LEU C 103 -12.57 -42.92 8.76
CA LEU C 103 -12.10 -41.68 8.18
C LEU C 103 -12.25 -41.73 6.67
N PHE C 104 -12.84 -40.70 6.10
CA PHE C 104 -12.89 -40.60 4.66
C PHE C 104 -12.10 -39.36 4.21
N ILE C 105 -11.05 -39.55 3.40
CA ILE C 105 -10.31 -38.42 2.82
C ILE C 105 -10.91 -38.14 1.43
N LEU C 106 -11.66 -37.06 1.32
CA LEU C 106 -12.30 -36.63 0.06
C LEU C 106 -11.28 -35.85 -0.75
N ASP C 107 -10.88 -36.39 -1.90
CA ASP C 107 -9.87 -35.74 -2.72
C ASP C 107 -10.53 -34.75 -3.69
N ALA C 108 -10.42 -33.47 -3.41
CA ALA C 108 -11.01 -32.46 -4.28
C ALA C 108 -9.92 -31.65 -5.00
N SER C 109 -8.77 -32.26 -5.21
CA SER C 109 -7.70 -31.58 -5.95
C SER C 109 -8.08 -31.48 -7.44
N PRO C 110 -7.44 -30.59 -8.19
CA PRO C 110 -8.01 -30.45 -9.54
C PRO C 110 -7.50 -31.49 -10.56
N ASP C 111 -8.14 -31.54 -11.73
CA ASP C 111 -7.61 -32.26 -12.89
C ASP C 111 -7.60 -31.42 -14.17
N PHE C 121 -18.08 -19.72 -11.27
CA PHE C 121 -17.54 -20.52 -10.15
C PHE C 121 -18.55 -20.72 -9.03
N ASP C 122 -18.66 -21.96 -8.55
CA ASP C 122 -19.75 -22.37 -7.71
C ASP C 122 -19.24 -23.52 -6.82
N LEU C 123 -19.49 -23.50 -5.52
CA LEU C 123 -19.06 -24.65 -4.67
C LEU C 123 -20.16 -25.75 -4.51
N SER C 124 -21.21 -25.69 -5.33
CA SER C 124 -22.33 -26.62 -5.15
C SER C 124 -21.97 -28.08 -5.32
N ALA C 125 -21.18 -28.39 -6.33
CA ALA C 125 -20.77 -29.77 -6.56
C ALA C 125 -20.01 -30.30 -5.34
N LEU C 126 -19.04 -29.50 -4.89
CA LEU C 126 -18.19 -29.88 -3.77
C LEU C 126 -19.04 -30.16 -2.54
N ILE C 127 -20.00 -29.28 -2.31
CA ILE C 127 -20.89 -29.40 -1.17
C ILE C 127 -21.72 -30.67 -1.21
N GLU C 128 -22.21 -31.02 -2.40
CA GLU C 128 -23.00 -32.27 -2.49
C GLU C 128 -22.11 -33.48 -2.26
N ARG C 129 -20.85 -33.42 -2.70
CA ARG C 129 -19.92 -34.51 -2.41
C ARG C 129 -19.61 -34.60 -0.92
N ILE C 130 -19.43 -33.45 -0.29
CA ILE C 130 -19.20 -33.49 1.15
C ILE C 130 -20.42 -34.09 1.87
N ASN C 131 -21.60 -33.61 1.54
CA ASN C 131 -22.80 -34.10 2.20
C ASN C 131 -22.95 -35.59 2.02
N TYR C 132 -22.63 -36.05 0.81
CA TYR C 132 -22.75 -37.47 0.54
C TYR C 132 -21.80 -38.25 1.39
N ALA C 133 -20.58 -37.75 1.54
CA ALA C 133 -19.59 -38.45 2.34
C ALA C 133 -20.05 -38.42 3.80
N ILE C 134 -20.58 -37.29 4.26
CA ILE C 134 -21.03 -37.22 5.67
C ILE C 134 -22.17 -38.24 5.93
N GLN C 135 -23.15 -38.37 5.02
CA GLN C 135 -24.21 -39.37 5.17
C GLN C 135 -23.66 -40.78 5.10
N LYS C 136 -22.80 -41.01 4.13
CA LYS C 136 -22.30 -42.32 3.89
C LYS C 136 -21.48 -42.84 5.08
N TYR C 137 -20.60 -41.99 5.59
CA TYR C 137 -19.72 -42.47 6.64
C TYR C 137 -20.27 -42.16 8.02
N ARG C 138 -21.46 -41.55 8.07
CA ARG C 138 -22.12 -41.11 9.31
C ARG C 138 -21.20 -40.20 10.12
N ALA C 139 -20.59 -39.23 9.44
CA ALA C 139 -19.54 -38.43 10.08
C ALA C 139 -20.12 -37.38 10.99
N ARG C 140 -19.43 -37.13 12.11
CA ARG C 140 -19.80 -36.04 12.99
C ARG C 140 -18.85 -34.89 12.82
N ARG C 141 -17.66 -35.19 12.32
CA ARG C 141 -16.62 -34.16 12.24
C ARG C 141 -16.13 -34.02 10.81
N VAL C 142 -15.88 -32.77 10.41
CA VAL C 142 -15.42 -32.44 9.05
C VAL C 142 -14.24 -31.46 9.14
N SER C 143 -13.14 -31.77 8.43
CA SER C 143 -12.10 -30.78 8.26
C SER C 143 -11.91 -30.52 6.76
N ILE C 144 -11.73 -29.26 6.43
CA ILE C 144 -11.56 -28.82 5.05
C ILE C 144 -10.28 -28.02 4.97
N ASP C 145 -9.35 -28.47 4.12
N ASP C 145 -9.29 -28.57 4.30
CA ASP C 145 -7.97 -27.95 4.11
CA ASP C 145 -7.98 -27.96 4.43
C ASP C 145 -7.35 -27.82 2.70
C ASP C 145 -7.83 -26.90 3.33
N SER C 146 -7.04 -26.62 2.19
N SER C 146 -7.39 -25.72 3.74
CA SER C 146 -7.44 -25.34 2.74
CA SER C 146 -7.13 -24.58 2.84
C SER C 146 -8.48 -24.66 1.85
C SER C 146 -8.30 -24.33 1.88
N VAL C 147 -9.41 -23.96 2.48
CA VAL C 147 -10.50 -23.33 1.76
C VAL C 147 -9.95 -22.24 0.81
N THR C 148 -8.96 -21.47 1.28
CA THR C 148 -8.24 -20.48 0.45
C THR C 148 -7.92 -21.04 -0.94
N SER C 149 -7.29 -22.19 -0.94
CA SER C 149 -6.58 -22.61 -2.13
C SER C 149 -7.57 -22.84 -3.27
N VAL C 150 -8.76 -23.36 -2.99
CA VAL C 150 -9.67 -23.68 -4.08
C VAL C 150 -10.12 -22.39 -4.82
N PHE C 151 -10.31 -21.27 -4.13
CA PHE C 151 -10.57 -20.03 -4.87
C PHE C 151 -9.38 -19.56 -5.71
N GLN C 152 -8.16 -19.69 -5.19
CA GLN C 152 -7.00 -19.31 -5.98
C GLN C 152 -6.81 -20.22 -7.21
N GLN C 153 -7.17 -21.49 -7.08
CA GLN C 153 -7.02 -22.49 -8.14
C GLN C 153 -7.88 -22.20 -9.37
N TYR C 154 -8.97 -21.45 -9.18
CA TYR C 154 -9.92 -21.13 -10.26
C TYR C 154 -10.08 -19.61 -10.44
N ASP C 155 -9.15 -18.84 -9.88
CA ASP C 155 -9.21 -17.38 -9.77
C ASP C 155 -10.63 -16.88 -9.52
N ALA C 156 -11.19 -17.33 -8.40
CA ALA C 156 -12.56 -16.99 -8.05
C ALA C 156 -12.56 -16.13 -6.80
N SER C 157 -11.52 -15.31 -6.61
CA SER C 157 -11.43 -14.44 -5.42
C SER C 157 -12.59 -13.42 -5.30
N SER C 158 -13.18 -13.02 -6.42
CA SER C 158 -14.32 -12.10 -6.39
C SER C 158 -15.58 -12.65 -5.68
N VAL C 159 -15.62 -13.98 -5.50
CA VAL C 159 -16.83 -14.66 -5.10
C VAL C 159 -16.68 -15.38 -3.73
N VAL C 160 -15.58 -15.05 -3.01
CA VAL C 160 -15.21 -15.79 -1.82
C VAL C 160 -16.35 -15.68 -0.79
N ARG C 161 -16.89 -14.48 -0.57
CA ARG C 161 -17.80 -14.38 0.57
C ARG C 161 -19.09 -15.14 0.26
N ARG C 162 -19.57 -15.02 -0.97
CA ARG C 162 -20.76 -15.74 -1.43
C ARG C 162 -20.62 -17.22 -1.28
N GLU C 163 -19.52 -17.74 -1.81
CA GLU C 163 -19.29 -19.17 -1.88
C GLU C 163 -18.88 -19.75 -0.51
N LEU C 164 -18.05 -19.04 0.26
CA LEU C 164 -17.77 -19.54 1.60
C LEU C 164 -19.08 -19.62 2.41
N PHE C 165 -19.96 -18.61 2.27
CA PHE C 165 -21.22 -18.60 2.98
C PHE C 165 -22.07 -19.80 2.61
N ARG C 166 -22.11 -20.13 1.32
CA ARG C 166 -22.90 -21.26 0.85
C ARG C 166 -22.41 -22.59 1.48
N LEU C 167 -21.11 -22.76 1.55
CA LEU C 167 -20.53 -23.95 2.14
C LEU C 167 -20.83 -24.04 3.66
N VAL C 168 -20.52 -22.96 4.35
CA VAL C 168 -20.79 -22.84 5.79
C VAL C 168 -22.27 -23.01 6.10
N ALA C 169 -23.14 -22.37 5.32
CA ALA C 169 -24.59 -22.49 5.59
C ALA C 169 -25.07 -23.91 5.44
N ARG C 170 -24.57 -24.61 4.44
CA ARG C 170 -25.07 -25.95 4.20
C ARG C 170 -24.57 -26.92 5.26
N LEU C 171 -23.34 -26.70 5.70
CA LEU C 171 -22.77 -27.54 6.74
C LEU C 171 -23.51 -27.30 8.05
N LYS C 172 -23.93 -26.07 8.33
CA LYS C 172 -24.78 -25.82 9.51
C LYS C 172 -26.10 -26.59 9.39
N GLN C 173 -26.74 -26.53 8.23
CA GLN C 173 -27.97 -27.31 8.03
C GLN C 173 -27.82 -28.80 8.26
N ILE C 174 -26.73 -29.34 7.74
CA ILE C 174 -26.39 -30.76 7.82
C ILE C 174 -26.06 -31.10 9.29
N GLY C 175 -25.55 -30.10 10.01
CA GLY C 175 -25.26 -30.22 11.44
C GLY C 175 -23.87 -30.75 11.70
N ALA C 176 -23.00 -30.68 10.70
CA ALA C 176 -21.65 -31.20 10.85
C ALA C 176 -20.92 -30.19 11.74
N THR C 177 -19.86 -30.63 12.42
CA THR C 177 -19.03 -29.73 13.23
C THR C 177 -17.75 -29.61 12.40
N THR C 178 -17.47 -28.41 11.92
CA THR C 178 -16.46 -28.33 10.83
C THR C 178 -15.22 -27.49 11.21
N VAL C 179 -14.04 -28.02 10.96
CA VAL C 179 -12.85 -27.15 11.00
C VAL C 179 -12.47 -26.76 9.56
N MET C 180 -12.34 -25.47 9.26
CA MET C 180 -11.90 -25.01 7.90
C MET C 180 -10.63 -24.21 8.02
N THR C 181 -9.56 -24.62 7.36
CA THR C 181 -8.31 -23.84 7.48
C THR C 181 -8.21 -22.78 6.38
N THR C 182 -7.50 -21.70 6.66
CA THR C 182 -7.26 -20.69 5.68
C THR C 182 -5.90 -20.13 5.88
N GLU C 183 -5.43 -19.49 4.82
CA GLU C 183 -4.10 -18.93 4.78
C GLU C 183 -4.07 -17.45 5.06
N ARG C 184 -2.96 -17.00 5.65
CA ARG C 184 -2.70 -15.58 5.86
C ARG C 184 -1.21 -15.36 5.64
N ILE C 185 -0.82 -14.10 5.42
CA ILE C 185 0.59 -13.86 5.09
C ILE C 185 1.31 -13.03 6.15
N GLU C 186 0.58 -12.48 7.13
CA GLU C 186 1.22 -11.69 8.20
C GLU C 186 0.74 -12.20 9.55
N GLU C 187 1.58 -12.15 10.58
CA GLU C 187 1.17 -12.70 11.88
C GLU C 187 0.16 -11.76 12.55
N TYR C 188 0.30 -10.46 12.30
CA TYR C 188 -0.58 -9.49 12.99
C TYR C 188 -1.34 -8.64 11.99
N GLY C 189 -1.59 -9.19 10.82
CA GLY C 189 -2.36 -8.51 9.78
C GLY C 189 -3.77 -9.14 9.69
N PRO C 190 -4.37 -9.12 8.50
CA PRO C 190 -5.73 -9.67 8.29
C PRO C 190 -5.82 -11.10 8.82
N ILE C 191 -6.98 -11.47 9.33
CA ILE C 191 -7.15 -12.79 9.90
CA ILE C 191 -7.16 -12.81 9.90
C ILE C 191 -6.97 -13.88 8.84
N ALA C 192 -7.51 -13.62 7.66
CA ALA C 192 -7.39 -14.60 6.60
C ALA C 192 -6.81 -13.92 5.40
N ARG C 193 -7.19 -14.31 4.20
CA ARG C 193 -6.52 -13.76 3.04
C ARG C 193 -7.38 -12.69 2.36
N TYR C 194 -8.70 -12.88 2.36
CA TYR C 194 -9.55 -12.00 1.58
C TYR C 194 -10.37 -11.03 2.43
N GLY C 195 -10.12 -10.94 3.72
CA GLY C 195 -10.83 -9.96 4.54
C GLY C 195 -12.32 -10.27 4.75
N VAL C 196 -12.75 -11.48 4.43
CA VAL C 196 -14.16 -11.84 4.65
C VAL C 196 -14.40 -13.15 5.39
N GLU C 197 -13.39 -14.04 5.42
CA GLU C 197 -13.60 -15.41 5.86
C GLU C 197 -13.99 -15.43 7.36
N GLU C 198 -13.41 -14.53 8.14
CA GLU C 198 -13.67 -14.60 9.58
C GLU C 198 -15.13 -14.22 9.87
N PHE C 199 -15.72 -13.34 9.03
CA PHE C 199 -17.08 -12.86 9.26
C PHE C 199 -18.12 -13.86 8.87
N VAL C 200 -17.73 -14.77 8.01
CA VAL C 200 -18.69 -15.76 7.60
C VAL C 200 -18.66 -16.96 8.56
N SER C 201 -17.55 -17.22 9.21
CA SER C 201 -17.46 -18.39 10.12
C SER C 201 -18.06 -18.09 11.47
N ASP C 202 -18.64 -19.11 12.11
CA ASP C 202 -19.16 -18.95 13.47
C ASP C 202 -18.06 -18.76 14.51
N ASN C 203 -16.94 -19.44 14.28
CA ASN C 203 -15.86 -19.51 15.25
C ASN C 203 -14.56 -19.21 14.52
N VAL C 204 -13.65 -18.55 15.20
CA VAL C 204 -12.34 -18.19 14.58
C VAL C 204 -11.21 -18.46 15.52
N VAL C 205 -10.29 -19.29 15.02
CA VAL C 205 -9.01 -19.62 15.69
C VAL C 205 -7.86 -19.12 14.82
N ILE C 206 -6.87 -18.49 15.44
CA ILE C 206 -5.71 -17.95 14.74
C ILE C 206 -4.44 -18.63 15.31
N LEU C 207 -3.70 -19.28 14.41
CA LEU C 207 -2.41 -19.85 14.79
C LEU C 207 -1.37 -18.87 14.34
N ARG C 208 -0.47 -18.52 15.24
CA ARG C 208 0.67 -17.67 14.87
C ARG C 208 2.01 -18.34 15.09
N ASN C 209 2.99 -17.83 14.36
CA ASN C 209 4.35 -18.36 14.33
C ASN C 209 5.25 -17.14 14.26
N VAL C 210 5.33 -16.43 15.37
CA VAL C 210 5.93 -15.10 15.33
C VAL C 210 7.47 -15.16 15.43
N LEU C 211 8.13 -14.46 14.55
CA LEU C 211 9.60 -14.34 14.56
C LEU C 211 10.01 -13.08 15.30
N GLU C 212 10.80 -13.24 16.34
CA GLU C 212 11.33 -12.09 17.03
C GLU C 212 12.73 -12.36 17.55
N GLY C 213 13.67 -11.45 17.31
CA GLY C 213 15.06 -11.74 17.71
C GLY C 213 15.60 -13.09 17.20
N GLU C 214 15.30 -13.37 15.93
CA GLU C 214 15.76 -14.57 15.23
C GLU C 214 15.17 -15.90 15.72
N ARG C 215 14.17 -15.85 16.62
CA ARG C 215 13.54 -17.09 17.14
C ARG C 215 12.01 -17.13 16.85
N ARG C 216 11.45 -18.29 16.55
CA ARG C 216 9.96 -18.42 16.40
C ARG C 216 9.28 -18.81 17.71
N ARG C 217 8.04 -18.38 17.90
CA ARG C 217 7.23 -18.90 19.01
C ARG C 217 5.81 -19.16 18.48
N ARG C 218 5.22 -20.32 18.84
CA ARG C 218 3.88 -20.64 18.31
C ARG C 218 2.82 -20.19 19.28
N THR C 219 1.71 -19.61 18.81
CA THR C 219 0.64 -19.33 19.73
C THR C 219 -0.66 -19.61 19.04
N LEU C 220 -1.68 -19.87 19.86
CA LEU C 220 -3.05 -20.07 19.38
C LEU C 220 -3.97 -19.07 20.06
N GLU C 221 -4.94 -18.56 19.31
CA GLU C 221 -5.87 -17.57 19.86
C GLU C 221 -7.27 -17.98 19.41
N ILE C 222 -8.23 -18.08 20.36
CA ILE C 222 -9.63 -18.13 19.93
C ILE C 222 -10.14 -16.72 19.92
N LEU C 223 -10.34 -16.20 18.72
CA LEU C 223 -10.76 -14.82 18.56
C LEU C 223 -12.22 -14.70 18.89
N LYS C 224 -12.98 -15.71 18.49
CA LYS C 224 -14.43 -15.56 18.53
C LYS C 224 -15.12 -16.93 18.56
N LEU C 225 -16.13 -17.11 19.42
CA LEU C 225 -17.05 -18.25 19.27
C LEU C 225 -18.47 -17.67 19.36
N ARG C 226 -19.23 -17.66 18.28
CA ARG C 226 -20.59 -17.06 18.39
C ARG C 226 -21.42 -17.83 19.41
N GLY C 227 -22.18 -17.10 20.23
CA GLY C 227 -23.18 -17.69 21.11
C GLY C 227 -22.62 -18.32 22.37
N THR C 228 -21.34 -18.16 22.65
CA THR C 228 -20.80 -18.88 23.82
C THR C 228 -19.46 -18.21 24.27
N SER C 229 -18.88 -18.65 25.39
CA SER C 229 -17.72 -17.96 25.92
C SER C 229 -16.43 -18.73 25.64
N HIS C 230 -15.29 -18.06 25.76
CA HIS C 230 -13.96 -18.67 25.59
C HIS C 230 -12.93 -17.79 26.21
N MET C 231 -11.74 -18.33 26.43
CA MET C 231 -10.62 -17.53 26.89
CA MET C 231 -10.69 -17.46 26.94
C MET C 231 -10.09 -16.63 25.79
N LYS C 232 -9.46 -15.52 26.16
CA LYS C 232 -9.01 -14.50 25.19
C LYS C 232 -7.52 -14.38 25.03
N GLY C 233 -7.12 -13.94 23.88
CA GLY C 233 -5.72 -13.69 23.66
C GLY C 233 -4.96 -14.89 23.17
N GLU C 234 -3.62 -14.74 23.11
CA GLU C 234 -2.76 -15.80 22.58
C GLU C 234 -2.27 -16.73 23.69
N TYR C 235 -2.23 -18.03 23.39
CA TYR C 235 -1.70 -19.04 24.31
C TYR C 235 -0.55 -19.80 23.61
N PRO C 236 0.59 -20.02 24.31
CA PRO C 236 1.71 -20.71 23.63
C PRO C 236 1.33 -22.16 23.37
N PHE C 237 1.92 -22.70 22.32
CA PHE C 237 1.73 -24.13 22.08
C PHE C 237 2.96 -24.67 21.40
N THR C 238 3.08 -25.99 21.39
CA THR C 238 4.21 -26.65 20.75
CA THR C 238 4.20 -26.61 20.74
C THR C 238 3.65 -27.74 19.88
N ILE C 239 4.39 -28.07 18.82
CA ILE C 239 4.06 -29.25 17.99
C ILE C 239 5.11 -30.28 18.34
N THR C 240 4.70 -31.43 18.87
CA THR C 240 5.63 -32.53 19.14
C THR C 240 5.26 -33.82 18.44
N ASP C 241 5.94 -34.91 18.81
CA ASP C 241 5.60 -36.25 18.34
C ASP C 241 4.16 -36.66 18.65
N HIS C 242 3.53 -35.90 19.52
CA HIS C 242 2.20 -36.19 19.97
C HIS C 242 1.18 -35.14 19.48
N GLY C 243 1.62 -34.31 18.55
CA GLY C 243 0.68 -33.37 17.94
C GLY C 243 0.77 -32.01 18.64
N ILE C 244 -0.33 -31.30 18.60
CA ILE C 244 -0.39 -29.96 19.19
C ILE C 244 -0.61 -30.05 20.69
N ASN C 245 0.14 -29.26 21.45
CA ASN C 245 -0.05 -29.17 22.91
C ASN C 245 -0.03 -27.68 23.32
N ILE C 246 -1.18 -27.20 23.81
CA ILE C 246 -1.41 -25.78 24.10
C ILE C 246 -1.39 -25.57 25.61
N PHE C 247 -0.75 -24.50 26.04
CA PHE C 247 -0.60 -24.29 27.49
C PHE C 247 -1.61 -23.22 27.92
N PRO C 248 -2.67 -23.56 28.68
CA PRO C 248 -3.54 -22.41 29.01
C PRO C 248 -2.87 -21.59 30.13
N LEU C 249 -3.16 -20.32 30.23
CA LEU C 249 -2.45 -19.53 31.22
C LEU C 249 -3.46 -19.01 32.22
N GLY C 250 -3.65 -19.74 33.31
CA GLY C 250 -4.72 -19.46 34.25
C GLY C 250 -6.10 -19.84 33.70
N ALA D 17 7.47 -41.74 9.44
CA ALA D 17 8.37 -40.65 9.07
C ALA D 17 8.62 -40.64 7.56
N ILE D 18 8.50 -39.47 6.94
CA ILE D 18 9.16 -39.27 5.68
C ILE D 18 10.66 -39.43 6.02
N ALA D 19 11.45 -39.92 5.08
CA ALA D 19 12.90 -40.01 5.20
C ALA D 19 13.52 -38.77 4.55
N LYS D 20 14.76 -38.46 4.93
CA LYS D 20 15.47 -37.25 4.45
C LYS D 20 16.72 -37.64 3.66
N MET D 21 17.17 -36.78 2.74
CA MET D 21 18.47 -37.01 2.13
C MET D 21 19.45 -35.92 2.61
N ARG D 22 20.66 -36.31 2.99
CA ARG D 22 21.67 -35.35 3.46
C ARG D 22 22.00 -34.40 2.35
N THR D 23 21.96 -33.11 2.64
CA THR D 23 22.48 -32.14 1.72
C THR D 23 24.01 -32.07 1.78
N MET D 24 24.56 -32.43 2.93
CA MET D 24 26.00 -32.32 3.21
C MET D 24 26.42 -30.86 3.13
N ILE D 25 25.47 -29.92 3.10
CA ILE D 25 25.83 -28.51 3.23
C ILE D 25 26.04 -28.24 4.71
N GLU D 26 27.25 -27.83 5.08
CA GLU D 26 27.68 -27.76 6.48
C GLU D 26 26.67 -27.00 7.32
N GLY D 27 26.14 -27.69 8.33
CA GLY D 27 25.21 -27.15 9.30
C GLY D 27 23.78 -27.38 8.86
N PHE D 28 23.53 -27.53 7.55
CA PHE D 28 22.10 -27.57 7.14
C PHE D 28 21.45 -28.85 7.62
N ASP D 29 22.18 -29.96 7.57
CA ASP D 29 21.60 -31.21 7.95
C ASP D 29 21.33 -31.25 9.45
N ASP D 30 22.04 -30.45 10.21
CA ASP D 30 21.66 -30.27 11.65
C ASP D 30 20.32 -29.46 11.77
N ILE D 31 20.27 -28.30 11.12
CA ILE D 31 19.06 -27.43 11.18
C ILE D 31 17.81 -28.22 10.73
N SER D 32 17.96 -29.08 9.71
CA SER D 32 16.84 -29.79 9.15
C SER D 32 16.59 -31.18 9.79
N HIS D 33 17.30 -31.51 10.87
CA HIS D 33 17.16 -32.85 11.50
C HIS D 33 17.32 -33.98 10.50
N GLY D 34 18.30 -33.85 9.61
CA GLY D 34 18.71 -35.01 8.81
C GLY D 34 18.87 -34.70 7.34
N GLY D 35 18.40 -33.51 6.93
CA GLY D 35 18.39 -33.20 5.49
C GLY D 35 17.04 -32.85 4.88
N LEU D 36 16.95 -32.89 3.55
CA LEU D 36 15.69 -32.52 2.86
C LEU D 36 14.80 -33.76 2.70
N PRO D 37 13.51 -33.64 3.07
CA PRO D 37 12.54 -34.73 2.86
C PRO D 37 12.58 -35.27 1.45
N ILE D 38 12.74 -36.59 1.33
CA ILE D 38 12.92 -37.20 0.03
C ILE D 38 11.64 -37.21 -0.78
N GLY D 39 11.75 -36.94 -2.09
CA GLY D 39 10.64 -37.05 -3.02
C GLY D 39 9.75 -35.82 -2.96
N ARG D 40 10.26 -34.76 -2.31
CA ARG D 40 9.46 -33.57 -2.07
C ARG D 40 10.15 -32.31 -2.52
N SER D 41 9.35 -31.25 -2.66
CA SER D 41 9.83 -29.94 -3.09
C SER D 41 10.17 -29.05 -1.89
N THR D 42 11.35 -28.44 -1.95
CA THR D 42 11.76 -27.44 -0.94
C THR D 42 11.94 -26.06 -1.63
N LEU D 43 11.13 -25.12 -1.20
CA LEU D 43 11.25 -23.76 -1.67
C LEU D 43 12.43 -23.08 -0.98
N VAL D 44 13.31 -22.43 -1.75
CA VAL D 44 14.38 -21.66 -1.11
C VAL D 44 14.25 -20.21 -1.58
N SER D 45 13.87 -19.32 -0.66
N SER D 45 13.82 -19.32 -0.69
CA SER D 45 13.49 -17.98 -1.08
CA SER D 45 13.53 -17.97 -1.13
C SER D 45 14.39 -16.93 -0.46
C SER D 45 14.53 -17.00 -0.54
N GLY D 46 14.69 -15.86 -1.20
CA GLY D 46 15.54 -14.79 -0.64
C GLY D 46 15.68 -13.58 -1.56
N THR D 47 16.07 -12.42 -0.98
CA THR D 47 16.39 -11.25 -1.81
C THR D 47 17.64 -11.52 -2.67
N SER D 48 17.98 -10.57 -3.54
CA SER D 48 19.03 -10.83 -4.50
C SER D 48 20.36 -11.02 -3.79
N GLY D 49 21.14 -12.02 -4.17
CA GLY D 49 22.49 -12.16 -3.62
C GLY D 49 22.50 -12.84 -2.25
N THR D 50 21.42 -13.56 -1.91
CA THR D 50 21.34 -14.24 -0.63
C THR D 50 22.02 -15.59 -0.64
N GLY D 51 22.28 -16.12 -1.83
CA GLY D 51 22.82 -17.48 -1.91
C GLY D 51 21.86 -18.57 -2.42
N LYS D 52 20.77 -18.17 -3.09
CA LYS D 52 19.80 -19.15 -3.60
C LYS D 52 20.43 -20.07 -4.64
N THR D 53 21.08 -19.50 -5.65
CA THR D 53 21.62 -20.33 -6.69
C THR D 53 22.70 -21.22 -6.08
N LEU D 54 23.50 -20.63 -5.21
CA LEU D 54 24.61 -21.35 -4.59
C LEU D 54 24.07 -22.57 -3.82
N PHE D 55 23.07 -22.34 -2.96
CA PHE D 55 22.41 -23.45 -2.27
C PHE D 55 21.94 -24.55 -3.24
N SER D 56 21.28 -24.16 -4.32
CA SER D 56 20.72 -25.15 -5.21
CA SER D 56 20.73 -25.09 -5.30
C SER D 56 21.81 -25.88 -6.01
N ILE D 57 22.94 -25.21 -6.28
CA ILE D 57 24.04 -25.87 -6.98
C ILE D 57 24.74 -26.82 -5.99
N GLN D 58 25.00 -26.31 -4.77
CA GLN D 58 25.72 -27.10 -3.79
C GLN D 58 24.93 -28.38 -3.47
N PHE D 59 23.61 -28.28 -3.45
CA PHE D 59 22.74 -29.44 -3.27
C PHE D 59 22.99 -30.54 -4.31
N LEU D 60 23.05 -30.13 -5.60
CA LEU D 60 23.29 -31.10 -6.68
C LEU D 60 24.71 -31.62 -6.63
N TYR D 61 25.63 -30.71 -6.38
CA TYR D 61 27.06 -31.06 -6.40
C TYR D 61 27.43 -32.11 -5.35
N ASN D 62 27.01 -31.82 -4.14
CA ASN D 62 27.21 -32.76 -3.04
C ASN D 62 26.51 -34.11 -3.30
N GLY D 63 25.33 -34.07 -3.88
CA GLY D 63 24.60 -35.30 -4.20
C GLY D 63 25.48 -36.12 -5.12
N ILE D 64 26.17 -35.46 -6.04
CA ILE D 64 27.03 -36.23 -6.96
C ILE D 64 28.32 -36.75 -6.31
N ILE D 65 29.03 -35.86 -5.66
CA ILE D 65 30.34 -36.16 -5.11
C ILE D 65 30.19 -37.11 -3.92
N GLU D 66 29.22 -36.86 -3.06
CA GLU D 66 29.12 -37.63 -1.84
C GLU D 66 28.44 -38.97 -2.02
N PHE D 67 27.48 -39.04 -2.94
CA PHE D 67 26.58 -40.18 -3.03
C PHE D 67 26.41 -40.73 -4.42
N ASP D 68 27.15 -40.15 -5.38
CA ASP D 68 26.97 -40.52 -6.79
C ASP D 68 25.50 -40.45 -7.20
N GLU D 69 24.74 -39.48 -6.68
CA GLU D 69 23.34 -39.28 -7.07
C GLU D 69 23.25 -38.21 -8.16
N PRO D 70 22.79 -38.57 -9.36
CA PRO D 70 22.86 -37.59 -10.46
C PRO D 70 21.87 -36.45 -10.25
N GLY D 71 22.16 -35.30 -10.84
CA GLY D 71 21.38 -34.08 -10.55
C GLY D 71 20.98 -33.40 -11.86
N VAL D 72 19.80 -32.78 -11.86
CA VAL D 72 19.39 -31.93 -12.95
C VAL D 72 19.21 -30.49 -12.47
N PHE D 73 19.82 -29.54 -13.16
CA PHE D 73 19.69 -28.12 -12.81
C PHE D 73 18.94 -27.41 -13.94
N VAL D 74 17.79 -26.81 -13.62
CA VAL D 74 16.95 -26.11 -14.59
C VAL D 74 17.17 -24.61 -14.45
N THR D 75 17.72 -23.96 -15.46
CA THR D 75 17.94 -22.51 -15.45
C THR D 75 17.01 -21.82 -16.47
N PHE D 76 16.42 -20.71 -16.05
CA PHE D 76 15.61 -19.90 -16.94
C PHE D 76 16.28 -18.64 -17.47
N GLU D 77 17.46 -18.30 -16.94
CA GLU D 77 18.13 -17.08 -17.39
C GLU D 77 19.62 -17.34 -17.59
N GLU D 78 20.34 -17.59 -16.50
CA GLU D 78 21.77 -17.90 -16.59
C GLU D 78 22.13 -19.04 -17.53
N THR D 79 23.16 -18.89 -18.37
CA THR D 79 23.56 -19.96 -19.27
C THR D 79 24.25 -21.05 -18.48
N PRO D 80 24.29 -22.28 -19.02
CA PRO D 80 25.09 -23.36 -18.44
C PRO D 80 26.54 -22.94 -18.25
N GLN D 81 27.10 -22.27 -19.27
CA GLN D 81 28.45 -21.76 -19.19
C GLN D 81 28.67 -20.82 -17.98
N ASP D 82 27.72 -19.93 -17.68
CA ASP D 82 27.97 -19.03 -16.58
C ASP D 82 27.70 -19.69 -15.24
N ILE D 83 26.76 -20.63 -15.19
CA ILE D 83 26.59 -21.45 -13.99
C ILE D 83 27.91 -22.20 -13.64
N ILE D 84 28.46 -22.88 -14.62
CA ILE D 84 29.75 -23.51 -14.45
C ILE D 84 30.88 -22.54 -14.03
N LYS D 85 30.98 -21.42 -14.72
CA LYS D 85 32.01 -20.43 -14.41
C LYS D 85 31.88 -19.91 -12.96
N ASN D 86 30.62 -19.60 -12.55
CA ASN D 86 30.41 -19.04 -11.22
C ASN D 86 30.70 -20.07 -10.12
N ALA D 87 30.44 -21.34 -10.40
CA ALA D 87 30.80 -22.38 -9.43
C ALA D 87 32.30 -22.56 -9.26
N ARG D 88 33.12 -22.05 -10.18
CA ARG D 88 34.57 -22.16 -10.01
C ARG D 88 35.04 -21.31 -8.82
N SER D 89 34.23 -20.35 -8.44
CA SER D 89 34.52 -19.53 -7.26
C SER D 89 34.72 -20.38 -6.01
N PHE D 90 34.13 -21.58 -6.03
CA PHE D 90 34.12 -22.46 -4.85
C PHE D 90 34.96 -23.69 -5.11
N GLY D 91 35.69 -23.65 -6.22
CA GLY D 91 36.59 -24.73 -6.61
C GLY D 91 35.87 -25.96 -7.10
N TRP D 92 34.62 -25.81 -7.52
CA TRP D 92 33.87 -26.94 -8.06
C TRP D 92 34.03 -26.98 -9.55
N ASP D 93 34.16 -28.18 -10.11
CA ASP D 93 34.31 -28.36 -11.54
C ASP D 93 33.07 -29.03 -12.09
N LEU D 94 32.06 -28.22 -12.39
CA LEU D 94 30.79 -28.72 -12.89
C LEU D 94 30.93 -29.23 -14.33
N ALA D 95 31.82 -28.62 -15.11
CA ALA D 95 32.05 -29.05 -16.50
C ALA D 95 32.38 -30.53 -16.54
N LYS D 96 33.25 -30.94 -15.64
CA LYS D 96 33.66 -32.35 -15.54
C LYS D 96 32.44 -33.24 -15.26
N LEU D 97 31.58 -32.83 -14.32
CA LEU D 97 30.39 -33.58 -13.98
C LEU D 97 29.40 -33.62 -15.13
N VAL D 98 29.34 -32.54 -15.92
CA VAL D 98 28.43 -32.57 -17.09
C VAL D 98 28.98 -33.58 -18.09
N ASP D 99 30.29 -33.50 -18.31
CA ASP D 99 30.96 -34.48 -19.22
C ASP D 99 30.72 -35.93 -18.84
N GLU D 100 30.73 -36.22 -17.54
CA GLU D 100 30.66 -37.60 -17.09
C GLU D 100 29.24 -38.05 -17.03
N GLY D 101 28.33 -37.14 -17.39
CA GLY D 101 26.93 -37.43 -17.37
C GLY D 101 26.26 -37.52 -15.98
N LYS D 102 26.90 -36.96 -14.96
CA LYS D 102 26.33 -36.95 -13.60
C LYS D 102 25.45 -35.71 -13.35
N LEU D 103 25.69 -34.66 -14.13
CA LEU D 103 25.02 -33.37 -13.97
C LEU D 103 24.42 -32.96 -15.32
N PHE D 104 23.12 -32.72 -15.36
CA PHE D 104 22.56 -32.16 -16.59
C PHE D 104 22.01 -30.78 -16.30
N ILE D 105 22.48 -29.77 -17.03
CA ILE D 105 21.93 -28.42 -16.90
C ILE D 105 20.93 -28.21 -18.02
N LEU D 106 19.66 -28.03 -17.65
CA LEU D 106 18.57 -27.91 -18.61
C LEU D 106 18.31 -26.42 -18.86
N ASP D 107 18.66 -25.96 -20.05
CA ASP D 107 18.53 -24.56 -20.40
C ASP D 107 17.11 -24.33 -20.84
N ALA D 108 16.33 -23.71 -19.98
CA ALA D 108 14.96 -23.36 -20.30
C ALA D 108 14.81 -21.84 -20.49
N SER D 109 15.90 -21.14 -20.82
CA SER D 109 15.78 -19.68 -21.07
C SER D 109 15.03 -19.43 -22.38
N PRO D 110 14.39 -18.24 -22.52
CA PRO D 110 13.50 -18.04 -23.69
C PRO D 110 14.26 -17.88 -25.01
N ASP D 111 13.53 -17.86 -26.13
CA ASP D 111 14.16 -17.83 -27.46
C ASP D 111 14.80 -16.48 -27.83
N GLY D 120 -2.60 -18.01 -22.85
CA GLY D 120 -2.66 -18.77 -21.61
C GLY D 120 -1.35 -19.49 -21.28
N PHE D 121 -0.96 -19.44 -20.02
CA PHE D 121 0.30 -20.04 -19.54
C PHE D 121 0.10 -21.46 -19.00
N ASP D 122 1.06 -22.33 -19.26
CA ASP D 122 0.87 -23.74 -19.02
C ASP D 122 2.27 -24.37 -18.90
N LEU D 123 2.65 -24.91 -17.73
CA LEU D 123 4.00 -25.47 -17.56
C LEU D 123 4.17 -26.90 -18.10
N SER D 124 3.15 -27.45 -18.77
CA SER D 124 3.21 -28.87 -19.11
C SER D 124 4.41 -29.25 -19.98
N ALA D 125 4.71 -28.43 -20.98
CA ALA D 125 5.83 -28.75 -21.88
C ALA D 125 7.18 -28.80 -21.14
N LEU D 126 7.38 -27.88 -20.20
CA LEU D 126 8.64 -27.83 -19.44
C LEU D 126 8.74 -29.05 -18.50
N ILE D 127 7.63 -29.38 -17.85
CA ILE D 127 7.54 -30.56 -17.00
C ILE D 127 7.91 -31.82 -17.76
N GLU D 128 7.38 -31.97 -18.98
CA GLU D 128 7.78 -33.12 -19.78
C GLU D 128 9.28 -33.07 -20.10
N ARG D 129 9.84 -31.90 -20.41
CA ARG D 129 11.31 -31.78 -20.61
C ARG D 129 12.13 -32.16 -19.37
N ILE D 130 11.69 -31.67 -18.22
CA ILE D 130 12.36 -31.99 -16.94
C ILE D 130 12.26 -33.48 -16.66
N ASN D 131 11.05 -34.01 -16.86
CA ASN D 131 10.83 -35.44 -16.66
C ASN D 131 11.70 -36.28 -17.57
N TYR D 132 11.82 -35.89 -18.83
CA TYR D 132 12.73 -36.59 -19.73
C TYR D 132 14.17 -36.67 -19.21
N ALA D 133 14.67 -35.52 -18.75
CA ALA D 133 16.07 -35.43 -18.25
C ALA D 133 16.29 -36.31 -17.00
N ILE D 134 15.33 -36.27 -16.09
CA ILE D 134 15.43 -37.08 -14.87
C ILE D 134 15.55 -38.56 -15.23
N GLN D 135 14.80 -39.01 -16.24
CA GLN D 135 14.87 -40.41 -16.63
C GLN D 135 16.19 -40.71 -17.29
N LYS D 136 16.58 -39.84 -18.22
CA LYS D 136 17.79 -40.08 -19.00
C LYS D 136 19.05 -40.13 -18.16
N TYR D 137 19.25 -39.13 -17.29
CA TYR D 137 20.43 -39.08 -16.47
C TYR D 137 20.22 -39.87 -15.15
N ARG D 138 19.00 -40.38 -14.93
CA ARG D 138 18.64 -41.13 -13.71
C ARG D 138 18.91 -40.27 -12.48
N ALA D 139 18.31 -39.08 -12.46
CA ALA D 139 18.69 -38.12 -11.47
C ALA D 139 17.87 -38.35 -10.22
N ARG D 140 18.46 -38.15 -9.06
CA ARG D 140 17.70 -38.23 -7.84
C ARG D 140 17.47 -36.84 -7.26
N ARG D 141 18.28 -35.87 -7.68
CA ARG D 141 18.12 -34.51 -7.19
C ARG D 141 17.86 -33.56 -8.37
N VAL D 142 17.05 -32.54 -8.09
CA VAL D 142 16.65 -31.52 -9.07
C VAL D 142 16.71 -30.15 -8.43
N SER D 143 17.34 -29.20 -9.14
CA SER D 143 17.21 -27.79 -8.75
C SER D 143 16.60 -26.96 -9.89
N ILE D 144 15.66 -26.10 -9.53
CA ILE D 144 15.00 -25.21 -10.47
C ILE D 144 15.23 -23.79 -10.02
N ASP D 145 15.87 -22.98 -10.87
N ASP D 145 16.03 -23.07 -10.80
CA ASP D 145 16.39 -21.66 -10.45
CA ASP D 145 16.48 -21.80 -10.32
C ASP D 145 16.17 -20.58 -11.55
C ASP D 145 15.45 -20.76 -10.74
N SER D 146 15.25 -19.61 -11.38
N SER D 146 14.91 -20.06 -9.74
CA SER D 146 14.26 -19.55 -10.31
CA SER D 146 14.01 -18.94 -9.96
C SER D 146 12.85 -19.65 -10.91
C SER D 146 12.75 -19.34 -10.74
N VAL D 147 11.92 -20.19 -10.14
CA VAL D 147 10.58 -20.40 -10.68
C VAL D 147 9.89 -19.04 -10.76
N THR D 148 10.25 -18.10 -9.88
CA THR D 148 9.72 -16.71 -10.01
C THR D 148 9.83 -16.20 -11.46
N SER D 149 11.03 -16.35 -12.02
CA SER D 149 11.38 -15.65 -13.23
C SER D 149 10.50 -16.11 -14.38
N VAL D 150 10.21 -17.41 -14.43
CA VAL D 150 9.48 -17.93 -15.56
C VAL D 150 8.08 -17.31 -15.64
N PHE D 151 7.45 -17.07 -14.49
CA PHE D 151 6.16 -16.41 -14.48
C PHE D 151 6.26 -14.96 -14.97
N GLN D 152 7.33 -14.27 -14.60
CA GLN D 152 7.50 -12.89 -15.03
C GLN D 152 7.95 -12.79 -16.48
N GLN D 153 8.65 -13.81 -16.98
CA GLN D 153 9.14 -13.77 -18.35
C GLN D 153 7.97 -13.83 -19.33
N TYR D 154 6.84 -14.37 -18.86
CA TYR D 154 5.66 -14.61 -19.69
C TYR D 154 4.42 -13.93 -19.11
N ASP D 155 4.67 -12.84 -18.36
CA ASP D 155 3.65 -12.06 -17.65
C ASP D 155 2.48 -12.93 -17.21
N ALA D 156 2.77 -13.94 -16.39
CA ALA D 156 1.77 -14.94 -16.06
C ALA D 156 1.54 -15.06 -14.56
N SER D 157 1.64 -13.93 -13.86
CA SER D 157 1.43 -13.84 -12.40
C SER D 157 0.04 -14.32 -11.90
N SER D 158 -0.99 -14.13 -12.72
CA SER D 158 -2.35 -14.46 -12.33
C SER D 158 -2.61 -15.96 -12.09
N VAL D 159 -1.62 -16.79 -12.40
CA VAL D 159 -1.84 -18.21 -12.48
C VAL D 159 -0.78 -19.06 -11.69
N VAL D 160 -0.09 -18.35 -10.80
CA VAL D 160 1.10 -18.92 -10.18
C VAL D 160 0.73 -20.14 -9.32
N ARG D 161 -0.31 -20.02 -8.51
CA ARG D 161 -0.61 -21.12 -7.64
C ARG D 161 -0.92 -22.37 -8.44
N ARG D 162 -1.80 -22.25 -9.44
CA ARG D 162 -2.19 -23.40 -10.24
C ARG D 162 -0.97 -24.05 -10.91
N GLU D 163 -0.09 -23.23 -11.47
CA GLU D 163 0.98 -23.82 -12.30
C GLU D 163 2.14 -24.30 -11.42
N LEU D 164 2.44 -23.55 -10.33
CA LEU D 164 3.46 -24.07 -9.39
C LEU D 164 2.98 -25.39 -8.78
N PHE D 165 1.67 -25.48 -8.49
CA PHE D 165 1.13 -26.72 -7.96
C PHE D 165 1.29 -27.87 -8.98
N ARG D 166 1.07 -27.59 -10.27
CA ARG D 166 1.24 -28.59 -11.31
C ARG D 166 2.66 -29.13 -11.32
N LEU D 167 3.62 -28.21 -11.17
CA LEU D 167 5.03 -28.55 -11.26
C LEU D 167 5.44 -29.40 -10.03
N VAL D 168 5.10 -28.89 -8.84
CA VAL D 168 5.41 -29.63 -7.60
C VAL D 168 4.76 -31.02 -7.61
N ALA D 169 3.50 -31.08 -8.04
CA ALA D 169 2.77 -32.35 -7.98
C ALA D 169 3.37 -33.39 -8.89
N ARG D 170 3.79 -32.99 -10.08
CA ARG D 170 4.39 -33.96 -10.98
C ARG D 170 5.82 -34.40 -10.56
N LEU D 171 6.58 -33.49 -9.97
CA LEU D 171 7.93 -33.83 -9.51
C LEU D 171 7.79 -34.86 -8.43
N LYS D 172 6.79 -34.66 -7.60
CA LYS D 172 6.52 -35.60 -6.53
C LYS D 172 6.17 -37.00 -7.11
N GLN D 173 5.28 -37.04 -8.10
CA GLN D 173 4.93 -38.32 -8.71
C GLN D 173 6.16 -39.03 -9.24
N ILE D 174 7.03 -38.29 -9.91
CA ILE D 174 8.29 -38.81 -10.40
C ILE D 174 9.21 -39.23 -9.22
N GLY D 175 8.92 -38.74 -8.03
CA GLY D 175 9.77 -39.01 -6.87
C GLY D 175 11.11 -38.26 -6.82
N ALA D 176 11.23 -37.16 -7.58
CA ALA D 176 12.39 -36.29 -7.51
C ALA D 176 12.49 -35.62 -6.13
N THR D 177 13.69 -35.30 -5.68
CA THR D 177 13.80 -34.38 -4.54
C THR D 177 14.26 -33.05 -5.10
N THR D 178 13.45 -32.02 -4.87
CA THR D 178 13.63 -30.79 -5.63
C THR D 178 13.91 -29.57 -4.77
N VAL D 179 14.89 -28.76 -5.16
CA VAL D 179 15.08 -27.41 -4.61
C VAL D 179 14.56 -26.40 -5.66
N MET D 180 13.61 -25.58 -5.27
CA MET D 180 13.10 -24.53 -6.18
C MET D 180 13.34 -23.18 -5.57
N THR D 181 14.05 -22.30 -6.25
CA THR D 181 14.34 -21.04 -5.63
C THR D 181 13.30 -20.05 -6.06
N THR D 182 13.04 -19.08 -5.19
CA THR D 182 12.14 -17.97 -5.52
C THR D 182 12.68 -16.68 -4.97
N GLU D 183 12.15 -15.59 -5.50
CA GLU D 183 12.65 -14.24 -5.20
C GLU D 183 11.76 -13.51 -4.24
N ARG D 184 12.37 -12.68 -3.43
CA ARG D 184 11.57 -11.81 -2.61
C ARG D 184 12.24 -10.45 -2.54
N ILE D 185 11.52 -9.45 -2.05
CA ILE D 185 11.96 -8.05 -2.05
C ILE D 185 12.28 -7.51 -0.69
N GLU D 186 11.69 -8.09 0.36
CA GLU D 186 12.00 -7.56 1.69
C GLU D 186 12.52 -8.69 2.57
N GLU D 187 13.39 -8.42 3.54
CA GLU D 187 13.96 -9.49 4.38
C GLU D 187 12.87 -10.02 5.31
N TYR D 188 11.92 -9.17 5.76
CA TYR D 188 10.88 -9.64 6.70
C TYR D 188 9.46 -9.43 6.18
N GLY D 189 9.31 -9.51 4.87
CA GLY D 189 8.01 -9.37 4.24
C GLY D 189 7.57 -10.74 3.77
N PRO D 190 6.77 -10.78 2.70
CA PRO D 190 6.26 -12.05 2.17
C PRO D 190 7.40 -13.04 1.97
N ILE D 191 7.07 -14.28 2.18
CA ILE D 191 8.07 -15.35 1.98
C ILE D 191 8.58 -15.38 0.52
N ALA D 192 7.71 -15.24 -0.45
CA ALA D 192 8.13 -15.31 -1.83
C ALA D 192 7.66 -14.03 -2.49
N ARG D 193 7.13 -14.09 -3.71
CA ARG D 193 6.71 -12.90 -4.38
C ARG D 193 5.18 -12.78 -4.48
N TYR D 194 4.47 -13.90 -4.59
CA TYR D 194 3.08 -13.86 -4.94
C TYR D 194 2.17 -14.29 -3.81
N GLY D 195 2.74 -14.61 -2.64
CA GLY D 195 1.98 -14.94 -1.45
C GLY D 195 1.28 -16.28 -1.50
N VAL D 196 1.73 -17.12 -2.44
CA VAL D 196 1.13 -18.44 -2.56
C VAL D 196 2.18 -19.54 -2.56
N GLU D 197 3.42 -19.19 -2.91
CA GLU D 197 4.42 -20.23 -3.22
C GLU D 197 4.71 -21.07 -1.99
N GLU D 198 4.78 -20.44 -0.81
CA GLU D 198 5.10 -21.22 0.39
C GLU D 198 4.03 -22.28 0.71
N PHE D 199 2.79 -22.00 0.31
CA PHE D 199 1.66 -22.89 0.67
C PHE D 199 1.60 -24.07 -0.26
N VAL D 200 2.17 -23.95 -1.44
CA VAL D 200 2.23 -25.03 -2.41
CA VAL D 200 2.14 -25.13 -2.29
C VAL D 200 3.39 -25.99 -2.13
N SER D 201 4.44 -25.45 -1.53
CA SER D 201 5.66 -26.23 -1.28
C SER D 201 5.56 -27.06 -0.01
N ASP D 202 6.18 -28.26 0.02
CA ASP D 202 6.13 -29.05 1.27
C ASP D 202 7.08 -28.50 2.27
N ASN D 203 8.17 -27.90 1.77
CA ASN D 203 9.20 -27.42 2.64
C ASN D 203 9.61 -26.02 2.23
N VAL D 204 9.91 -25.20 3.22
CA VAL D 204 10.26 -23.79 2.99
C VAL D 204 11.52 -23.37 3.76
N VAL D 205 12.52 -22.88 3.02
CA VAL D 205 13.77 -22.34 3.58
C VAL D 205 13.87 -20.86 3.16
N ILE D 206 14.11 -19.98 4.11
CA ILE D 206 14.27 -18.58 3.81
C ILE D 206 15.72 -18.15 4.05
N LEU D 207 16.33 -17.58 3.02
CA LEU D 207 17.66 -16.99 3.16
C LEU D 207 17.48 -15.48 3.31
N ARG D 208 18.15 -14.87 4.28
CA ARG D 208 18.05 -13.42 4.52
C ARG D 208 19.42 -12.82 4.48
N ASN D 209 19.44 -11.54 4.14
CA ASN D 209 20.68 -10.79 4.01
C ASN D 209 20.38 -9.45 4.63
N VAL D 210 20.24 -9.40 5.94
CA VAL D 210 19.68 -8.19 6.60
C VAL D 210 20.73 -7.07 6.78
N LEU D 211 20.33 -5.85 6.41
CA LEU D 211 21.19 -4.69 6.52
C LEU D 211 20.82 -4.01 7.82
N GLU D 212 21.78 -3.91 8.73
CA GLU D 212 21.52 -3.12 9.95
C GLU D 212 22.76 -2.34 10.33
N GLY D 213 22.61 -1.06 10.60
CA GLY D 213 23.75 -0.26 11.02
C GLY D 213 24.82 -0.29 9.96
N GLU D 214 24.39 -0.25 8.69
CA GLU D 214 25.32 -0.23 7.51
C GLU D 214 26.06 -1.53 7.26
N ARG D 215 25.68 -2.59 7.98
CA ARG D 215 26.33 -3.88 7.80
C ARG D 215 25.33 -4.99 7.48
N ARG D 216 25.76 -5.99 6.69
CA ARG D 216 24.90 -7.15 6.31
C ARG D 216 25.18 -8.37 7.18
N ARG D 217 24.16 -9.18 7.37
CA ARG D 217 24.35 -10.45 8.10
C ARG D 217 23.55 -11.52 7.37
N ARG D 218 24.16 -12.65 7.05
CA ARG D 218 23.39 -13.68 6.34
C ARG D 218 22.75 -14.65 7.34
N THR D 219 21.51 -15.05 7.11
CA THR D 219 20.92 -16.06 7.98
C THR D 219 20.04 -16.99 7.17
N LEU D 220 19.87 -18.21 7.69
CA LEU D 220 19.05 -19.23 7.02
C LEU D 220 18.02 -19.68 8.03
N GLU D 221 16.80 -19.80 7.57
CA GLU D 221 15.72 -20.32 8.43
C GLU D 221 15.00 -21.45 7.74
N ILE D 222 14.70 -22.54 8.44
CA ILE D 222 13.72 -23.50 7.88
C ILE D 222 12.38 -23.20 8.51
N LEU D 223 11.49 -22.68 7.70
CA LEU D 223 10.21 -22.21 8.22
C LEU D 223 9.33 -23.44 8.50
N LYS D 224 9.36 -24.37 7.56
CA LYS D 224 8.40 -25.50 7.56
C LYS D 224 8.99 -26.74 6.84
N LEU D 225 8.82 -27.94 7.40
CA LEU D 225 8.97 -29.15 6.63
C LEU D 225 7.71 -29.97 6.96
N ARG D 226 6.82 -30.14 6.00
CA ARG D 226 5.61 -30.99 6.29
C ARG D 226 5.97 -32.37 6.73
N GLY D 227 5.28 -32.84 7.77
CA GLY D 227 5.37 -34.24 8.18
C GLY D 227 6.61 -34.62 8.94
N THR D 228 7.42 -33.66 9.38
CA THR D 228 8.68 -33.98 10.08
C THR D 228 9.21 -32.79 10.91
N SER D 229 10.22 -32.98 11.76
CA SER D 229 10.72 -31.89 12.64
C SER D 229 11.93 -31.15 12.04
N HIS D 230 12.20 -29.96 12.56
CA HIS D 230 13.39 -29.18 12.17
C HIS D 230 13.64 -28.12 13.25
N MET D 231 14.84 -27.57 13.30
CA MET D 231 15.10 -26.44 14.20
C MET D 231 14.33 -25.19 13.66
N LYS D 232 14.05 -24.26 14.58
CA LYS D 232 13.25 -23.05 14.33
C LYS D 232 14.08 -21.76 14.33
N GLY D 233 13.63 -20.73 13.58
CA GLY D 233 14.30 -19.44 13.64
C GLY D 233 15.47 -19.36 12.68
N GLU D 234 16.23 -18.30 12.83
CA GLU D 234 17.28 -17.94 11.88
C GLU D 234 18.63 -18.39 12.42
N TYR D 235 19.48 -18.94 11.57
CA TYR D 235 20.84 -19.37 11.94
C TYR D 235 21.80 -18.61 11.05
N PRO D 236 22.91 -18.13 11.64
CA PRO D 236 23.88 -17.39 10.83
C PRO D 236 24.56 -18.31 9.84
N PHE D 237 24.96 -17.76 8.69
CA PHE D 237 25.78 -18.56 7.78
C PHE D 237 26.72 -17.60 7.05
N THR D 238 27.76 -18.18 6.48
CA THR D 238 28.68 -17.45 5.62
CA THR D 238 28.63 -17.40 5.62
C THR D 238 28.76 -18.11 4.25
N ILE D 239 29.07 -17.32 3.23
CA ILE D 239 29.44 -17.84 1.91
C ILE D 239 30.92 -17.63 1.76
N THR D 240 31.67 -18.74 1.63
CA THR D 240 33.12 -18.67 1.44
C THR D 240 33.59 -19.43 0.22
N ASP D 241 34.90 -19.62 0.11
CA ASP D 241 35.47 -20.43 -0.98
C ASP D 241 35.00 -21.87 -0.91
N HIS D 242 34.41 -22.26 0.21
CA HIS D 242 33.91 -23.62 0.29
C HIS D 242 32.40 -23.70 0.17
N GLY D 243 31.75 -22.59 -0.20
CA GLY D 243 30.31 -22.65 -0.37
C GLY D 243 29.60 -22.16 0.89
N ILE D 244 28.37 -22.59 1.08
CA ILE D 244 27.62 -22.21 2.30
C ILE D 244 28.08 -22.95 3.54
N ASN D 245 28.27 -22.23 4.63
CA ASN D 245 28.53 -22.82 5.95
C ASN D 245 27.57 -22.21 6.95
N ILE D 246 26.71 -23.04 7.55
CA ILE D 246 25.68 -22.56 8.47
C ILE D 246 26.10 -22.94 9.90
N PHE D 247 25.87 -22.04 10.82
CA PHE D 247 26.27 -22.28 12.22
C PHE D 247 25.04 -22.60 13.03
N PRO D 248 24.86 -23.87 13.38
CA PRO D 248 23.67 -24.18 14.18
C PRO D 248 23.87 -23.59 15.62
N LEU D 249 22.83 -23.21 16.32
CA LEU D 249 23.03 -22.63 17.65
C LEU D 249 22.41 -23.47 18.75
N GLY D 250 23.25 -24.12 19.56
CA GLY D 250 22.76 -24.94 20.66
C GLY D 250 22.26 -26.29 20.18
N GLN E 16 39.24 -21.58 -14.13
CA GLN E 16 39.40 -20.60 -13.03
C GLN E 16 38.21 -19.63 -12.84
N ALA E 17 38.23 -18.98 -11.69
CA ALA E 17 37.11 -18.13 -11.30
C ALA E 17 37.12 -16.81 -12.09
N ILE E 18 36.01 -16.08 -12.05
CA ILE E 18 35.89 -14.89 -12.87
C ILE E 18 36.95 -13.83 -12.50
N ALA E 19 37.54 -13.19 -13.52
CA ALA E 19 38.50 -12.09 -13.33
C ALA E 19 37.79 -10.72 -13.30
N LYS E 20 38.49 -9.69 -12.84
CA LYS E 20 37.90 -8.38 -12.65
C LYS E 20 38.69 -7.31 -13.37
N MET E 21 38.03 -6.26 -13.83
CA MET E 21 38.78 -5.12 -14.38
C MET E 21 38.70 -3.96 -13.38
N ARG E 22 39.80 -3.26 -13.22
CA ARG E 22 39.88 -2.18 -12.23
C ARG E 22 39.07 -1.01 -12.70
N THR E 23 38.23 -0.46 -11.84
CA THR E 23 37.54 0.74 -12.19
C THR E 23 38.43 1.98 -12.01
N MET E 24 39.43 1.87 -11.13
CA MET E 24 40.26 2.98 -10.65
C MET E 24 39.42 4.09 -9.99
N ILE E 25 38.17 3.79 -9.66
CA ILE E 25 37.39 4.76 -8.87
C ILE E 25 37.85 4.58 -7.44
N GLU E 26 38.34 5.66 -6.81
CA GLU E 26 39.12 5.44 -5.56
C GLU E 26 38.26 4.75 -4.55
N GLY E 27 38.77 3.66 -4.03
CA GLY E 27 38.05 2.95 -2.99
C GLY E 27 37.28 1.78 -3.57
N PHE E 28 36.77 1.89 -4.81
CA PHE E 28 35.83 0.89 -5.33
C PHE E 28 36.49 -0.49 -5.54
N ASP E 29 37.74 -0.47 -6.00
CA ASP E 29 38.44 -1.71 -6.31
C ASP E 29 38.84 -2.49 -5.05
N ASP E 30 39.01 -1.79 -3.92
CA ASP E 30 39.13 -2.45 -2.63
C ASP E 30 37.81 -3.11 -2.22
N ILE E 31 36.70 -2.36 -2.28
CA ILE E 31 35.40 -2.91 -1.84
C ILE E 31 34.94 -4.11 -2.72
N SER E 32 35.32 -4.08 -4.01
CA SER E 32 34.90 -5.11 -4.96
C SER E 32 35.95 -6.23 -5.06
N HIS E 33 36.96 -6.20 -4.18
CA HIS E 33 38.06 -7.18 -4.24
C HIS E 33 38.68 -7.31 -5.62
N GLY E 34 38.97 -6.20 -6.28
CA GLY E 34 39.60 -6.25 -7.59
C GLY E 34 39.01 -5.43 -8.72
N GLY E 35 37.76 -5.00 -8.61
CA GLY E 35 37.13 -4.31 -9.72
C GLY E 35 35.85 -5.03 -10.13
N LEU E 36 35.34 -4.72 -11.30
CA LEU E 36 34.08 -5.27 -11.78
C LEU E 36 34.34 -6.57 -12.53
N PRO E 37 33.53 -7.60 -12.28
CA PRO E 37 33.68 -8.85 -13.04
C PRO E 37 33.66 -8.64 -14.57
N ILE E 38 34.66 -9.18 -15.28
CA ILE E 38 34.79 -8.94 -16.72
C ILE E 38 33.73 -9.69 -17.48
N GLY E 39 33.12 -8.99 -18.44
CA GLY E 39 32.16 -9.61 -19.35
C GLY E 39 30.77 -9.75 -18.72
N ARG E 40 30.51 -9.02 -17.64
CA ARG E 40 29.28 -9.18 -16.87
C ARG E 40 28.62 -7.82 -16.76
N SER E 41 27.34 -7.84 -16.35
CA SER E 41 26.54 -6.62 -16.15
CA SER E 41 26.64 -6.57 -16.17
C SER E 41 26.46 -6.23 -14.70
N THR E 42 26.72 -4.95 -14.39
CA THR E 42 26.63 -4.41 -13.05
C THR E 42 25.54 -3.38 -13.00
N LEU E 43 24.50 -3.66 -12.23
CA LEU E 43 23.44 -2.70 -11.97
C LEU E 43 23.94 -1.67 -10.95
N VAL E 44 23.81 -0.38 -11.26
CA VAL E 44 24.12 0.66 -10.22
C VAL E 44 22.82 1.44 -10.02
N SER E 45 22.18 1.26 -8.85
N SER E 45 22.18 1.25 -8.87
CA SER E 45 20.84 1.78 -8.60
CA SER E 45 20.87 1.83 -8.64
C SER E 45 20.85 2.83 -7.52
C SER E 45 20.97 2.94 -7.64
N GLY E 46 20.00 3.84 -7.63
CA GLY E 46 20.00 4.84 -6.59
C GLY E 46 18.90 5.85 -6.83
N THR E 47 18.54 6.54 -5.77
CA THR E 47 17.62 7.71 -5.91
C THR E 47 18.24 8.85 -6.72
N SER E 48 17.48 9.91 -7.02
CA SER E 48 18.00 10.94 -7.93
C SER E 48 19.14 11.69 -7.28
N GLY E 49 20.21 11.93 -8.04
CA GLY E 49 21.31 12.71 -7.55
C GLY E 49 22.26 11.91 -6.65
N THR E 50 22.21 10.59 -6.76
CA THR E 50 23.10 9.78 -5.94
C THR E 50 24.52 9.61 -6.53
N GLY E 51 24.67 9.91 -7.83
CA GLY E 51 25.95 9.76 -8.52
C GLY E 51 25.95 8.57 -9.51
N LYS E 52 24.79 8.16 -9.99
CA LYS E 52 24.74 7.04 -10.96
C LYS E 52 25.44 7.38 -12.29
N THR E 53 25.09 8.52 -12.86
CA THR E 53 25.67 8.92 -14.12
C THR E 53 27.18 9.14 -13.92
N LEU E 54 27.55 9.76 -12.80
CA LEU E 54 28.96 10.03 -12.52
C LEU E 54 29.78 8.71 -12.45
N PHE E 55 29.27 7.74 -11.72
CA PHE E 55 29.91 6.41 -11.61
C PHE E 55 30.11 5.82 -13.00
N SER E 56 29.04 5.85 -13.79
N SER E 56 29.03 5.84 -13.80
CA SER E 56 29.09 5.20 -15.12
CA SER E 56 29.09 5.25 -15.14
C SER E 56 30.04 5.94 -16.09
C SER E 56 30.12 5.94 -16.02
N ILE E 57 30.15 7.26 -15.93
CA ILE E 57 31.10 8.05 -16.73
C ILE E 57 32.53 7.79 -16.25
N GLN E 58 32.71 7.80 -14.93
CA GLN E 58 34.05 7.65 -14.39
C GLN E 58 34.61 6.27 -14.77
N PHE E 59 33.76 5.27 -14.76
CA PHE E 59 34.11 3.91 -15.19
C PHE E 59 34.71 3.88 -16.63
N LEU E 60 34.06 4.59 -17.53
CA LEU E 60 34.54 4.69 -18.93
C LEU E 60 35.77 5.57 -19.01
N TYR E 61 35.73 6.72 -18.36
CA TYR E 61 36.87 7.65 -18.46
C TYR E 61 38.18 7.00 -17.98
N ASN E 62 38.13 6.37 -16.80
CA ASN E 62 39.28 5.70 -16.24
C ASN E 62 39.73 4.59 -17.16
N GLY E 63 38.79 3.82 -17.72
CA GLY E 63 39.14 2.79 -18.68
C GLY E 63 40.02 3.34 -19.82
N ILE E 64 39.59 4.47 -20.36
CA ILE E 64 40.31 5.08 -21.50
C ILE E 64 41.66 5.59 -21.04
N ILE E 65 41.64 6.40 -20.00
CA ILE E 65 42.83 7.12 -19.59
C ILE E 65 43.90 6.16 -18.99
N GLU E 66 43.48 5.19 -18.18
CA GLU E 66 44.46 4.34 -17.50
C GLU E 66 44.86 3.13 -18.28
N PHE E 67 43.96 2.60 -19.09
CA PHE E 67 44.21 1.33 -19.76
C PHE E 67 44.01 1.36 -21.27
N ASP E 68 43.77 2.55 -21.85
CA ASP E 68 43.47 2.64 -23.29
C ASP E 68 42.33 1.63 -23.70
N GLU E 69 41.38 1.44 -22.81
CA GLU E 69 40.23 0.57 -23.07
C GLU E 69 39.09 1.43 -23.54
N PRO E 70 38.69 1.31 -24.83
CA PRO E 70 37.68 2.28 -25.27
C PRO E 70 36.31 1.98 -24.67
N GLY E 71 35.43 3.00 -24.68
CA GLY E 71 34.16 2.88 -23.95
C GLY E 71 32.99 3.37 -24.80
N VAL E 72 31.84 2.79 -24.55
CA VAL E 72 30.57 3.24 -25.15
C VAL E 72 29.62 3.66 -24.06
N PHE E 73 29.08 4.88 -24.18
CA PHE E 73 28.10 5.41 -23.20
C PHE E 73 26.73 5.54 -23.92
N VAL E 74 25.74 4.83 -23.42
CA VAL E 74 24.39 4.83 -24.00
C VAL E 74 23.47 5.76 -23.13
N THR E 75 22.87 6.77 -23.75
CA THR E 75 21.99 7.66 -23.06
C THR E 75 20.59 7.68 -23.66
N PHE E 76 19.58 7.70 -22.78
CA PHE E 76 18.21 7.74 -23.31
C PHE E 76 17.54 9.12 -23.17
N GLU E 77 18.20 10.03 -22.44
CA GLU E 77 17.60 11.33 -22.20
C GLU E 77 18.64 12.44 -22.30
N GLU E 78 19.64 12.45 -21.43
CA GLU E 78 20.68 13.47 -21.54
C GLU E 78 21.31 13.47 -22.91
N THR E 79 21.52 14.66 -23.49
CA THR E 79 22.22 14.77 -24.76
C THR E 79 23.70 14.51 -24.58
N PRO E 80 24.40 14.08 -25.63
CA PRO E 80 25.84 13.91 -25.58
C PRO E 80 26.50 15.22 -25.15
N GLN E 81 26.05 16.35 -25.69
CA GLN E 81 26.66 17.65 -25.30
C GLN E 81 26.51 17.94 -23.82
N ASP E 82 25.36 17.61 -23.24
CA ASP E 82 25.27 17.83 -21.79
C ASP E 82 26.08 16.85 -20.94
N ILE E 83 26.22 15.62 -21.44
CA ILE E 83 27.02 14.62 -20.73
C ILE E 83 28.44 15.16 -20.70
N ILE E 84 28.83 15.69 -21.85
CA ILE E 84 30.18 16.22 -22.01
C ILE E 84 30.32 17.47 -21.11
N LYS E 85 29.34 18.37 -21.16
CA LYS E 85 29.40 19.55 -20.31
C LYS E 85 29.45 19.24 -18.80
N ASN E 86 28.60 18.29 -18.35
CA ASN E 86 28.58 17.94 -16.92
C ASN E 86 29.88 17.31 -16.43
N ALA E 87 30.60 16.59 -17.30
CA ALA E 87 31.87 15.97 -16.90
C ALA E 87 33.02 17.01 -16.68
N ARG E 88 32.88 18.20 -17.30
CA ARG E 88 33.81 19.31 -17.05
C ARG E 88 33.87 19.69 -15.55
N SER E 89 32.79 19.43 -14.82
CA SER E 89 32.71 19.68 -13.37
C SER E 89 33.89 18.97 -12.65
N PHE E 90 34.37 17.89 -13.25
CA PHE E 90 35.38 17.04 -12.62
C PHE E 90 36.70 17.16 -13.35
N GLY E 91 36.75 18.11 -14.26
CA GLY E 91 37.98 18.37 -14.98
C GLY E 91 38.31 17.32 -16.04
N TRP E 92 37.29 16.59 -16.50
CA TRP E 92 37.47 15.58 -17.55
C TRP E 92 37.07 16.16 -18.89
N ASP E 93 37.89 15.92 -19.93
CA ASP E 93 37.65 16.45 -21.26
C ASP E 93 37.09 15.31 -22.13
N LEU E 94 35.78 15.07 -22.09
CA LEU E 94 35.23 13.91 -22.83
C LEU E 94 35.18 14.18 -24.33
N ALA E 95 35.09 15.45 -24.71
CA ALA E 95 35.09 15.79 -26.16
C ALA E 95 36.38 15.37 -26.86
N LYS E 96 37.49 15.51 -26.15
CA LYS E 96 38.78 15.08 -26.71
C LYS E 96 38.78 13.56 -26.93
N LEU E 97 38.23 12.80 -26.00
CA LEU E 97 38.23 11.33 -26.13
C LEU E 97 37.26 10.88 -27.26
N VAL E 98 36.17 11.63 -27.43
CA VAL E 98 35.26 11.34 -28.55
C VAL E 98 36.01 11.64 -29.85
N ASP E 99 36.71 12.78 -29.89
CA ASP E 99 37.45 13.18 -31.09
C ASP E 99 38.55 12.17 -31.45
N GLU E 100 39.18 11.61 -30.44
CA GLU E 100 40.21 10.58 -30.66
C GLU E 100 39.64 9.17 -30.94
N GLY E 101 38.31 8.99 -30.90
CA GLY E 101 37.75 7.68 -31.21
C GLY E 101 37.84 6.67 -30.08
N LYS E 102 37.99 7.16 -28.85
CA LYS E 102 38.20 6.28 -27.69
C LYS E 102 36.91 6.18 -26.88
N LEU E 103 36.08 7.21 -26.98
CA LEU E 103 34.75 7.22 -26.33
C LEU E 103 33.65 7.40 -27.42
N PHE E 104 32.60 6.61 -27.37
CA PHE E 104 31.44 6.86 -28.23
C PHE E 104 30.21 7.06 -27.38
N ILE E 105 29.51 8.19 -27.55
CA ILE E 105 28.28 8.41 -26.80
C ILE E 105 27.15 8.08 -27.78
N LEU E 106 26.39 7.08 -27.44
CA LEU E 106 25.31 6.53 -28.28
C LEU E 106 23.98 7.20 -27.89
N ASP E 107 23.43 8.03 -28.74
CA ASP E 107 22.24 8.80 -28.39
C ASP E 107 21.02 7.97 -28.67
N ALA E 108 20.37 7.44 -27.65
CA ALA E 108 19.19 6.61 -27.86
C ALA E 108 17.97 7.31 -27.33
N SER E 109 18.00 8.64 -27.26
CA SER E 109 16.83 9.41 -26.81
C SER E 109 15.68 9.26 -27.81
N PRO E 110 14.43 9.49 -27.36
CA PRO E 110 13.29 9.29 -28.25
C PRO E 110 13.33 10.28 -29.42
N ASP E 111 12.57 9.96 -30.47
CA ASP E 111 12.63 10.59 -31.79
C ASP E 111 13.93 10.18 -32.50
N GLY E 120 4.26 -3.40 -29.33
CA GLY E 120 5.10 -4.52 -28.89
C GLY E 120 6.54 -4.11 -28.65
N PHE E 121 6.87 -3.87 -27.40
CA PHE E 121 8.16 -3.33 -27.04
C PHE E 121 9.27 -4.36 -27.12
N ASP E 122 10.39 -3.98 -27.75
CA ASP E 122 11.44 -4.92 -28.08
C ASP E 122 12.79 -4.17 -28.13
N LEU E 123 13.78 -4.61 -27.34
CA LEU E 123 15.08 -3.92 -27.28
C LEU E 123 16.08 -4.46 -28.33
N SER E 124 15.63 -5.37 -29.21
CA SER E 124 16.54 -5.99 -30.15
C SER E 124 17.29 -4.97 -30.99
N ALA E 125 16.60 -3.95 -31.48
CA ALA E 125 17.26 -3.01 -32.41
C ALA E 125 18.28 -2.19 -31.60
N LEU E 126 17.86 -1.78 -30.44
CA LEU E 126 18.76 -1.03 -29.57
C LEU E 126 20.02 -1.85 -29.32
N ILE E 127 19.83 -3.13 -28.99
CA ILE E 127 20.95 -4.01 -28.72
C ILE E 127 21.86 -4.08 -29.95
N GLU E 128 21.30 -4.08 -31.15
CA GLU E 128 22.23 -4.16 -32.28
C GLU E 128 22.97 -2.82 -32.52
N ARG E 129 22.36 -1.70 -32.14
CA ARG E 129 23.07 -0.42 -32.24
C ARG E 129 24.21 -0.41 -31.22
N ILE E 130 23.96 -0.97 -30.05
CA ILE E 130 25.02 -1.04 -29.06
C ILE E 130 26.13 -1.95 -29.50
N ASN E 131 25.76 -3.10 -30.07
CA ASN E 131 26.81 -3.98 -30.55
C ASN E 131 27.61 -3.36 -31.74
N TYR E 132 26.95 -2.67 -32.62
CA TYR E 132 27.65 -2.00 -33.73
C TYR E 132 28.76 -1.08 -33.19
N ALA E 133 28.42 -0.27 -32.18
CA ALA E 133 29.36 0.65 -31.52
C ALA E 133 30.51 -0.08 -30.82
N ILE E 134 30.16 -1.14 -30.07
CA ILE E 134 31.17 -1.96 -29.40
C ILE E 134 32.17 -2.50 -30.37
N GLN E 135 31.71 -3.05 -31.50
CA GLN E 135 32.60 -3.62 -32.52
C GLN E 135 33.40 -2.52 -33.20
N LYS E 136 32.74 -1.43 -33.57
CA LYS E 136 33.40 -0.30 -34.26
C LYS E 136 34.53 0.35 -33.44
N TYR E 137 34.26 0.59 -32.16
CA TYR E 137 35.21 1.30 -31.28
C TYR E 137 36.13 0.33 -30.52
N ARG E 138 35.96 -0.96 -30.78
CA ARG E 138 36.65 -2.05 -30.07
C ARG E 138 36.56 -1.82 -28.59
N ALA E 139 35.34 -1.56 -28.11
CA ALA E 139 35.13 -1.15 -26.74
C ALA E 139 35.17 -2.35 -25.78
N ARG E 140 35.82 -2.17 -24.64
CA ARG E 140 35.89 -3.15 -23.53
C ARG E 140 34.86 -2.80 -22.43
N ARG E 141 34.45 -1.53 -22.40
CA ARG E 141 33.59 -1.04 -21.33
C ARG E 141 32.35 -0.37 -21.89
N VAL E 142 31.20 -0.59 -21.26
CA VAL E 142 29.93 -0.01 -21.73
C VAL E 142 29.19 0.53 -20.55
N SER E 143 28.63 1.75 -20.66
CA SER E 143 27.72 2.24 -19.59
C SER E 143 26.39 2.54 -20.23
N ILE E 144 25.29 2.22 -19.54
CA ILE E 144 23.98 2.41 -20.12
C ILE E 144 23.20 3.16 -19.04
N ASP E 145 22.67 4.34 -19.37
N ASP E 145 22.89 4.41 -19.30
CA ASP E 145 22.13 5.28 -18.39
CA ASP E 145 22.42 5.28 -18.23
C ASP E 145 20.87 6.05 -18.88
C ASP E 145 20.91 5.25 -18.19
N SER E 146 19.70 5.90 -18.25
N SER E 146 20.39 4.85 -17.04
CA SER E 146 19.39 4.84 -17.33
CA SER E 146 18.96 4.79 -16.77
C SER E 146 18.42 3.87 -18.03
C SER E 146 18.19 3.89 -17.71
N VAL E 147 18.53 2.62 -17.64
CA VAL E 147 17.81 1.61 -18.35
C VAL E 147 16.31 1.68 -17.89
N THR E 148 16.04 2.16 -16.67
CA THR E 148 14.66 2.45 -16.20
C THR E 148 13.90 3.31 -17.22
N SER E 149 14.55 4.40 -17.61
CA SER E 149 13.92 5.43 -18.38
C SER E 149 13.36 4.88 -19.68
N VAL E 150 14.06 3.94 -20.33
CA VAL E 150 13.57 3.52 -21.64
C VAL E 150 12.27 2.69 -21.52
N PHE E 151 12.08 1.96 -20.42
CA PHE E 151 10.81 1.25 -20.26
C PHE E 151 9.66 2.22 -19.98
N GLN E 152 9.92 3.24 -19.18
CA GLN E 152 8.88 4.24 -18.91
C GLN E 152 8.52 5.08 -20.14
N GLN E 153 9.50 5.34 -21.01
CA GLN E 153 9.28 6.18 -22.19
C GLN E 153 8.29 5.54 -23.16
N TYR E 154 8.22 4.21 -23.15
CA TYR E 154 7.38 3.45 -24.10
C TYR E 154 6.30 2.63 -23.37
N ASP E 155 6.06 2.98 -22.11
CA ASP E 155 5.08 2.31 -21.22
C ASP E 155 5.14 0.77 -21.34
N ALA E 156 6.33 0.24 -21.07
CA ALA E 156 6.64 -1.17 -21.28
C ALA E 156 7.08 -1.83 -19.98
N SER E 157 6.61 -1.29 -18.85
CA SER E 157 6.94 -1.88 -17.54
C SER E 157 6.55 -3.36 -17.44
N SER E 158 5.46 -3.71 -18.11
CA SER E 158 4.96 -5.07 -18.04
C SER E 158 5.96 -6.09 -18.59
N VAL E 159 6.97 -5.59 -19.31
CA VAL E 159 7.85 -6.48 -20.03
C VAL E 159 9.32 -6.32 -19.60
N VAL E 160 9.52 -5.66 -18.44
CA VAL E 160 10.88 -5.29 -18.00
C VAL E 160 11.81 -6.52 -17.85
N ARG E 161 11.31 -7.59 -17.22
CA ARG E 161 12.20 -8.71 -16.95
C ARG E 161 12.67 -9.37 -18.24
N ARG E 162 11.73 -9.61 -19.13
CA ARG E 162 12.09 -10.22 -20.41
C ARG E 162 13.08 -9.39 -21.23
N GLU E 163 12.85 -8.08 -21.30
CA GLU E 163 13.68 -7.24 -22.21
C GLU E 163 15.02 -6.86 -21.50
N LEU E 164 15.01 -6.61 -20.18
CA LEU E 164 16.31 -6.43 -19.49
C LEU E 164 17.18 -7.70 -19.59
N PHE E 165 16.57 -8.87 -19.44
CA PHE E 165 17.30 -10.10 -19.65
C PHE E 165 17.87 -10.20 -21.06
N ARG E 166 17.07 -9.81 -22.08
CA ARG E 166 17.58 -9.86 -23.46
C ARG E 166 18.83 -9.02 -23.60
N LEU E 167 18.78 -7.84 -23.00
CA LEU E 167 19.90 -6.91 -23.07
C LEU E 167 21.12 -7.49 -22.38
N VAL E 168 20.92 -7.88 -21.12
CA VAL E 168 22.01 -8.43 -20.31
C VAL E 168 22.62 -9.69 -20.96
N ALA E 169 21.75 -10.56 -21.49
CA ALA E 169 22.27 -11.80 -22.06
C ALA E 169 23.09 -11.49 -23.30
N ARG E 170 22.57 -10.57 -24.09
CA ARG E 170 23.30 -10.26 -25.33
C ARG E 170 24.67 -9.63 -25.01
N LEU E 171 24.71 -8.68 -24.06
CA LEU E 171 26.01 -8.08 -23.68
C LEU E 171 26.98 -9.14 -23.16
N LYS E 172 26.49 -10.08 -22.35
CA LYS E 172 27.37 -11.16 -21.86
C LYS E 172 27.96 -11.98 -23.02
N GLN E 173 27.11 -12.23 -24.02
CA GLN E 173 27.50 -12.96 -25.21
C GLN E 173 28.60 -12.22 -25.96
N ILE E 174 28.49 -10.91 -25.99
CA ILE E 174 29.44 -10.05 -26.70
C ILE E 174 30.72 -9.95 -25.89
N GLY E 175 30.58 -10.12 -24.58
CA GLY E 175 31.68 -10.05 -23.63
C GLY E 175 32.04 -8.65 -23.13
N ALA E 176 31.12 -7.70 -23.32
CA ALA E 176 31.28 -6.34 -22.79
C ALA E 176 31.23 -6.37 -21.26
N THR E 177 32.01 -5.50 -20.60
CA THR E 177 31.81 -5.28 -19.17
C THR E 177 30.97 -4.04 -19.06
N THR E 178 29.78 -4.20 -18.48
CA THR E 178 28.75 -3.16 -18.57
C THR E 178 28.29 -2.62 -17.21
N VAL E 179 28.24 -1.30 -17.10
CA VAL E 179 27.51 -0.65 -15.98
C VAL E 179 26.12 -0.21 -16.46
N MET E 180 25.07 -0.63 -15.80
CA MET E 180 23.72 -0.20 -16.19
C MET E 180 23.08 0.53 -15.02
N THR E 181 22.69 1.80 -15.15
CA THR E 181 22.11 2.49 -13.99
C THR E 181 20.59 2.32 -13.94
N THR E 182 20.01 2.33 -12.75
CA THR E 182 18.56 2.27 -12.60
CA THR E 182 18.57 2.27 -12.65
C THR E 182 18.14 3.13 -11.46
N GLU E 183 16.87 3.44 -11.45
CA GLU E 183 16.30 4.43 -10.53
C GLU E 183 15.54 3.77 -9.44
N ARG E 184 15.48 4.42 -8.30
CA ARG E 184 14.74 3.88 -7.17
C ARG E 184 14.21 5.10 -6.43
N ILE E 185 13.20 4.91 -5.56
CA ILE E 185 12.43 5.98 -4.92
C ILE E 185 12.73 6.04 -3.43
N GLU E 186 13.21 4.95 -2.85
CA GLU E 186 13.46 4.89 -1.43
C GLU E 186 14.89 4.48 -1.13
N GLU E 187 15.46 4.96 -0.03
CA GLU E 187 16.88 4.64 0.25
C GLU E 187 16.96 3.18 0.73
N TYR E 188 15.94 2.70 1.46
CA TYR E 188 15.95 1.36 2.08
C TYR E 188 14.77 0.51 1.59
N GLY E 189 14.25 0.81 0.40
CA GLY E 189 13.15 0.07 -0.19
C GLY E 189 13.69 -0.78 -1.32
N PRO E 190 12.87 -1.01 -2.36
CA PRO E 190 13.33 -1.85 -3.47
C PRO E 190 14.67 -1.37 -4.03
N ILE E 191 15.47 -2.35 -4.40
CA ILE E 191 16.75 -2.08 -5.06
C ILE E 191 16.59 -1.22 -6.32
N ALA E 192 15.66 -1.59 -7.20
CA ALA E 192 15.42 -0.78 -8.41
C ALA E 192 13.96 -0.29 -8.42
N ARG E 193 13.29 -0.35 -9.56
CA ARG E 193 11.94 0.21 -9.70
C ARG E 193 10.89 -0.87 -9.73
N TYR E 194 11.17 -1.95 -10.47
CA TYR E 194 10.12 -2.94 -10.77
C TYR E 194 10.29 -4.24 -10.04
N GLY E 195 11.24 -4.32 -9.12
CA GLY E 195 11.46 -5.52 -8.32
C GLY E 195 12.05 -6.71 -9.07
N VAL E 196 12.62 -6.48 -10.26
CA VAL E 196 13.20 -7.63 -11.00
C VAL E 196 14.58 -7.34 -11.48
N GLU E 197 14.90 -6.06 -11.60
CA GLU E 197 16.18 -5.66 -12.26
C GLU E 197 17.38 -6.27 -11.55
N GLU E 198 17.33 -6.38 -10.19
CA GLU E 198 18.52 -6.83 -9.43
C GLU E 198 18.74 -8.33 -9.67
N PHE E 199 17.66 -9.05 -9.98
CA PHE E 199 17.74 -10.51 -10.23
C PHE E 199 18.30 -10.89 -11.59
N VAL E 200 18.14 -10.00 -12.56
CA VAL E 200 18.59 -10.31 -13.90
C VAL E 200 20.08 -9.93 -14.03
N SER E 201 20.49 -8.91 -13.29
CA SER E 201 21.88 -8.46 -13.36
C SER E 201 22.84 -9.43 -12.67
N ASP E 202 24.07 -9.50 -13.15
CA ASP E 202 25.06 -10.30 -12.44
C ASP E 202 25.54 -9.67 -11.17
N ASN E 203 25.72 -8.34 -11.21
CA ASN E 203 26.31 -7.63 -10.09
C ASN E 203 25.40 -6.50 -9.70
N VAL E 204 25.38 -6.17 -8.41
CA VAL E 204 24.47 -5.09 -7.98
C VAL E 204 25.18 -4.17 -7.00
N VAL E 205 25.22 -2.90 -7.38
CA VAL E 205 25.73 -1.82 -6.53
C VAL E 205 24.59 -0.85 -6.22
N ILE E 206 24.49 -0.40 -4.96
CA ILE E 206 23.43 0.50 -4.53
C ILE E 206 24.09 1.77 -4.00
N LEU E 207 23.79 2.88 -4.67
CA LEU E 207 24.17 4.21 -4.16
C LEU E 207 23.03 4.77 -3.31
N ARG E 208 23.35 5.27 -2.10
CA ARG E 208 22.32 5.83 -1.21
C ARG E 208 22.72 7.26 -0.86
N ASN E 209 21.72 8.04 -0.53
CA ASN E 209 21.91 9.44 -0.23
C ASN E 209 20.88 9.71 0.91
N VAL E 210 21.21 9.26 2.11
CA VAL E 210 20.26 9.17 3.21
C VAL E 210 20.15 10.52 3.90
N LEU E 211 18.92 10.92 4.15
CA LEU E 211 18.62 12.13 4.87
C LEU E 211 18.31 11.78 6.32
N GLU E 212 19.07 12.32 7.24
CA GLU E 212 18.81 12.10 8.64
C GLU E 212 19.16 13.35 9.39
N GLY E 213 18.28 13.87 10.23
CA GLY E 213 18.64 15.10 10.96
C GLY E 213 18.91 16.32 10.04
N GLU E 214 18.12 16.40 8.95
CA GLU E 214 18.23 17.46 7.94
CA GLU E 214 18.21 17.44 7.94
C GLU E 214 19.51 17.41 7.13
N ARG E 215 20.32 16.36 7.30
CA ARG E 215 21.60 16.30 6.56
C ARG E 215 21.67 15.02 5.69
N ARG E 216 22.35 15.08 4.55
CA ARG E 216 22.49 13.93 3.65
C ARG E 216 23.83 13.27 3.88
N ARG E 217 23.91 11.95 3.77
CA ARG E 217 25.25 11.28 3.68
C ARG E 217 25.21 10.31 2.47
N ARG E 218 26.31 10.17 1.73
CA ARG E 218 26.32 9.28 0.55
C ARG E 218 26.98 7.96 0.92
N THR E 219 26.39 6.83 0.53
CA THR E 219 27.09 5.57 0.80
C THR E 219 26.97 4.66 -0.42
N LEU E 220 27.94 3.76 -0.58
CA LEU E 220 27.90 2.83 -1.73
C LEU E 220 27.96 1.42 -1.14
N GLU E 221 27.17 0.49 -1.69
CA GLU E 221 27.15 -0.87 -1.23
C GLU E 221 27.26 -1.76 -2.43
N ILE E 222 28.13 -2.78 -2.37
CA ILE E 222 28.07 -3.86 -3.35
C ILE E 222 27.24 -4.99 -2.72
N LEU E 223 26.02 -5.13 -3.23
CA LEU E 223 25.12 -6.09 -2.67
C LEU E 223 25.51 -7.51 -3.10
N LYS E 224 25.88 -7.64 -4.37
CA LYS E 224 26.05 -8.97 -4.98
C LYS E 224 27.05 -8.89 -6.11
N LEU E 225 27.98 -9.82 -6.16
CA LEU E 225 28.74 -10.09 -7.41
C LEU E 225 28.65 -11.61 -7.67
N ARG E 226 27.96 -12.04 -8.73
CA ARG E 226 27.86 -13.49 -8.95
C ARG E 226 29.25 -14.08 -9.19
N GLY E 227 29.55 -15.23 -8.56
CA GLY E 227 30.77 -16.01 -8.90
C GLY E 227 32.04 -15.46 -8.28
N THR E 228 31.92 -14.47 -7.39
CA THR E 228 33.15 -13.97 -6.81
C THR E 228 32.86 -13.23 -5.48
N SER E 229 33.91 -12.79 -4.78
CA SER E 229 33.77 -12.20 -3.45
C SER E 229 33.82 -10.65 -3.46
N HIS E 230 33.30 -10.00 -2.39
CA HIS E 230 33.30 -8.56 -2.30
C HIS E 230 33.06 -8.23 -0.85
N MET E 231 33.39 -7.00 -0.45
CA MET E 231 33.06 -6.51 0.89
CA MET E 231 33.06 -6.48 0.89
C MET E 231 31.57 -6.21 0.99
N LYS E 232 31.04 -6.28 2.19
CA LYS E 232 29.59 -6.15 2.43
C LYS E 232 29.21 -4.87 3.15
N GLY E 233 27.96 -4.47 2.96
CA GLY E 233 27.43 -3.32 3.68
C GLY E 233 27.75 -2.01 2.97
N GLU E 234 27.47 -0.91 3.65
CA GLU E 234 27.57 0.43 3.04
C GLU E 234 28.88 1.06 3.39
N TYR E 235 29.48 1.75 2.43
CA TYR E 235 30.75 2.46 2.62
C TYR E 235 30.51 3.94 2.30
N PRO E 236 31.05 4.85 3.13
CA PRO E 236 30.80 6.26 2.83
C PRO E 236 31.54 6.69 1.59
N PHE E 237 31.00 7.67 0.88
CA PHE E 237 31.76 8.26 -0.20
C PHE E 237 31.42 9.70 -0.35
N THR E 238 32.25 10.40 -1.12
CA THR E 238 32.00 11.80 -1.41
C THR E 238 32.07 12.00 -2.91
N ILE E 239 31.34 13.00 -3.39
CA ILE E 239 31.54 13.50 -4.74
C ILE E 239 32.23 14.85 -4.68
N THR E 240 33.40 14.98 -5.28
CA THR E 240 34.13 16.21 -5.27
C THR E 240 34.54 16.55 -6.69
N ASP E 241 35.31 17.62 -6.85
CA ASP E 241 35.96 17.94 -8.17
C ASP E 241 36.73 16.76 -8.81
N HIS E 242 37.08 15.76 -8.02
CA HIS E 242 37.81 14.61 -8.55
C HIS E 242 36.91 13.37 -8.82
N GLY E 243 35.60 13.56 -8.69
CA GLY E 243 34.68 12.49 -9.03
C GLY E 243 34.31 11.76 -7.76
N ILE E 244 34.01 10.47 -7.90
CA ILE E 244 33.64 9.68 -6.72
C ILE E 244 34.87 9.27 -5.90
N ASN E 245 34.79 9.39 -4.59
CA ASN E 245 35.80 8.81 -3.74
C ASN E 245 35.21 8.03 -2.55
N ILE E 246 35.54 6.74 -2.50
CA ILE E 246 34.91 5.84 -1.54
C ILE E 246 35.90 5.45 -0.45
N PHE E 247 35.45 5.38 0.80
CA PHE E 247 36.34 5.11 1.94
C PHE E 247 36.07 3.70 2.38
N PRO E 248 36.98 2.77 2.08
CA PRO E 248 36.78 1.40 2.57
C PRO E 248 37.00 1.35 4.11
N LEU E 249 36.02 0.91 4.88
CA LEU E 249 36.23 0.77 6.31
C LEU E 249 36.83 -0.59 6.54
N GLY E 250 38.16 -0.61 6.72
CA GLY E 250 38.91 -1.84 6.99
C GLY E 250 39.22 -2.73 5.79
N GLU F 14 31.98 27.24 -23.08
CA GLU F 14 33.10 26.82 -23.90
C GLU F 14 33.61 25.49 -23.37
N HIS F 15 34.71 25.51 -22.63
CA HIS F 15 35.20 24.30 -21.98
C HIS F 15 35.17 24.43 -20.45
N GLN F 16 34.50 25.47 -19.96
CA GLN F 16 34.32 25.62 -18.51
C GLN F 16 33.16 24.73 -18.04
N ALA F 17 33.01 24.57 -16.71
CA ALA F 17 31.85 23.87 -16.15
C ALA F 17 30.63 24.79 -16.23
N ILE F 18 29.46 24.32 -15.85
CA ILE F 18 28.24 25.05 -16.20
C ILE F 18 28.09 26.38 -15.42
N ALA F 19 27.57 27.40 -16.07
CA ALA F 19 27.40 28.71 -15.43
C ALA F 19 26.04 28.75 -14.75
N LYS F 20 25.88 29.68 -13.82
CA LYS F 20 24.66 29.76 -13.00
C LYS F 20 24.11 31.16 -13.06
N MET F 21 22.80 31.28 -12.88
CA MET F 21 22.10 32.54 -12.98
C MET F 21 21.56 32.82 -11.57
N ARG F 22 21.84 34.01 -11.04
CA ARG F 22 21.43 34.37 -9.68
C ARG F 22 19.93 34.46 -9.58
N THR F 23 19.32 33.81 -8.57
CA THR F 23 17.90 33.94 -8.34
C THR F 23 17.59 35.24 -7.58
N MET F 24 18.58 35.72 -6.83
CA MET F 24 18.46 36.77 -5.83
C MET F 24 17.42 36.45 -4.78
N ILE F 25 17.00 35.19 -4.65
CA ILE F 25 16.12 34.80 -3.56
C ILE F 25 17.01 34.65 -2.31
N GLU F 26 16.72 35.38 -1.24
CA GLU F 26 17.67 35.47 -0.13
C GLU F 26 18.11 34.09 0.40
N GLY F 27 19.43 33.87 0.48
CA GLY F 27 20.04 32.61 0.83
C GLY F 27 20.14 31.55 -0.27
N PHE F 28 19.31 31.64 -1.31
CA PHE F 28 19.28 30.50 -2.25
C PHE F 28 20.58 30.45 -3.09
N ASP F 29 21.10 31.62 -3.44
CA ASP F 29 22.30 31.60 -4.27
C ASP F 29 23.52 31.13 -3.49
N ASP F 30 23.46 31.21 -2.16
CA ASP F 30 24.51 30.59 -1.35
C ASP F 30 24.40 29.08 -1.35
N ILE F 31 23.20 28.58 -1.08
CA ILE F 31 22.92 27.15 -1.04
CA ILE F 31 22.95 27.14 -1.05
C ILE F 31 23.26 26.48 -2.39
N SER F 32 23.01 27.20 -3.48
CA SER F 32 23.15 26.59 -4.82
C SER F 32 24.55 26.89 -5.42
N HIS F 33 25.44 27.41 -4.57
CA HIS F 33 26.77 27.89 -5.02
C HIS F 33 26.70 28.75 -6.26
N GLY F 34 25.74 29.69 -6.29
CA GLY F 34 25.77 30.75 -7.29
C GLY F 34 24.49 30.97 -8.11
N GLY F 35 23.51 30.11 -7.93
CA GLY F 35 22.24 30.27 -8.59
C GLY F 35 21.83 29.01 -9.32
N LEU F 36 20.86 29.11 -10.24
CA LEU F 36 20.36 27.95 -11.00
C LEU F 36 21.20 27.78 -12.28
N PRO F 37 21.58 26.53 -12.61
CA PRO F 37 22.34 26.32 -13.84
C PRO F 37 21.59 26.83 -15.07
N ILE F 38 22.26 27.65 -15.87
CA ILE F 38 21.67 28.28 -17.06
C ILE F 38 21.32 27.29 -18.14
N GLY F 39 20.15 27.45 -18.75
CA GLY F 39 19.73 26.61 -19.86
C GLY F 39 19.28 25.22 -19.43
N ARG F 40 18.95 25.05 -18.16
CA ARG F 40 18.63 23.76 -17.60
C ARG F 40 17.30 23.89 -16.84
N SER F 41 16.68 22.76 -16.59
CA SER F 41 15.38 22.74 -15.92
C SER F 41 15.57 22.42 -14.46
N THR F 42 14.88 23.16 -13.57
CA THR F 42 14.94 22.94 -12.12
C THR F 42 13.54 22.55 -11.61
N LEU F 43 13.42 21.36 -11.05
CA LEU F 43 12.14 20.92 -10.47
C LEU F 43 12.06 21.52 -9.08
N VAL F 44 10.91 22.11 -8.74
CA VAL F 44 10.70 22.64 -7.41
C VAL F 44 9.42 21.90 -6.92
N SER F 45 9.58 20.99 -5.96
N SER F 45 9.58 20.93 -6.03
CA SER F 45 8.51 20.10 -5.58
CA SER F 45 8.46 20.11 -5.60
C SER F 45 8.14 20.25 -4.11
C SER F 45 8.05 20.48 -4.19
N GLY F 46 6.86 20.07 -3.76
CA GLY F 46 6.46 20.41 -2.40
C GLY F 46 4.99 20.03 -2.18
N THR F 47 4.64 19.74 -0.93
CA THR F 47 3.22 19.61 -0.57
C THR F 47 2.51 20.98 -0.74
N SER F 48 1.20 20.99 -0.54
CA SER F 48 0.40 22.18 -0.77
C SER F 48 0.78 23.26 0.22
N GLY F 49 1.02 24.45 -0.29
CA GLY F 49 1.30 25.57 0.61
C GLY F 49 2.75 25.69 1.03
N THR F 50 3.66 25.02 0.30
CA THR F 50 5.08 25.05 0.69
C THR F 50 5.83 26.24 0.14
N GLY F 51 5.22 26.93 -0.82
CA GLY F 51 5.84 28.08 -1.45
C GLY F 51 6.31 27.85 -2.87
N LYS F 52 5.78 26.84 -3.54
CA LYS F 52 6.24 26.55 -4.92
C LYS F 52 5.96 27.71 -5.93
N THR F 53 4.72 28.18 -5.97
CA THR F 53 4.38 29.31 -6.83
C THR F 53 5.22 30.53 -6.47
N LEU F 54 5.41 30.73 -5.17
CA LEU F 54 6.11 31.93 -4.72
C LEU F 54 7.55 31.86 -5.25
N PHE F 55 8.16 30.71 -5.05
CA PHE F 55 9.50 30.54 -5.57
C PHE F 55 9.55 30.84 -7.08
N SER F 56 8.64 30.25 -7.85
N SER F 56 8.65 30.24 -7.85
CA SER F 56 8.67 30.37 -9.30
CA SER F 56 8.60 30.41 -9.31
C SER F 56 8.37 31.80 -9.78
C SER F 56 8.45 31.85 -9.73
N ILE F 57 7.64 32.58 -8.97
CA ILE F 57 7.37 33.99 -9.25
C ILE F 57 8.57 34.87 -8.92
N GLN F 58 9.15 34.62 -7.74
CA GLN F 58 10.29 35.40 -7.29
C GLN F 58 11.42 35.21 -8.33
N PHE F 59 11.62 33.98 -8.84
CA PHE F 59 12.61 33.71 -9.88
C PHE F 59 12.47 34.64 -11.10
N LEU F 60 11.26 34.70 -11.68
CA LEU F 60 11.02 35.62 -12.81
C LEU F 60 11.13 37.09 -12.39
N TYR F 61 10.60 37.40 -11.22
CA TYR F 61 10.47 38.82 -10.85
C TYR F 61 11.86 39.45 -10.67
N ASN F 62 12.66 38.75 -9.88
CA ASN F 62 14.04 39.14 -9.65
C ASN F 62 14.80 39.21 -10.95
N GLY F 63 14.56 38.25 -11.87
CA GLY F 63 15.25 38.24 -13.15
C GLY F 63 14.97 39.52 -13.93
N ILE F 64 13.73 39.98 -13.85
CA ILE F 64 13.29 41.20 -14.49
C ILE F 64 13.84 42.43 -13.74
N ILE F 65 13.57 42.52 -12.45
CA ILE F 65 13.95 43.74 -11.73
C ILE F 65 15.48 43.92 -11.66
N GLU F 66 16.20 42.84 -11.48
CA GLU F 66 17.61 42.95 -11.16
C GLU F 66 18.45 42.89 -12.41
N PHE F 67 18.03 42.11 -13.39
CA PHE F 67 18.87 41.78 -14.53
C PHE F 67 18.24 42.09 -15.89
N ASP F 68 17.09 42.75 -15.87
CA ASP F 68 16.28 42.96 -17.07
C ASP F 68 16.17 41.71 -17.96
N GLU F 69 16.01 40.53 -17.35
CA GLU F 69 15.82 39.30 -18.13
C GLU F 69 14.32 39.01 -18.17
N PRO F 70 13.71 39.06 -19.37
CA PRO F 70 12.27 38.80 -19.42
C PRO F 70 11.89 37.37 -19.04
N GLY F 71 10.68 37.21 -18.51
CA GLY F 71 10.20 35.92 -18.08
C GLY F 71 8.87 35.52 -18.68
N VAL F 72 8.67 34.21 -18.77
CA VAL F 72 7.37 33.66 -19.18
C VAL F 72 6.92 32.79 -18.02
N PHE F 73 5.71 33.03 -17.53
CA PHE F 73 5.07 32.21 -16.50
C PHE F 73 3.94 31.38 -17.13
N VAL F 74 4.06 30.06 -17.08
CA VAL F 74 3.02 29.20 -17.64
C VAL F 74 2.09 28.71 -16.54
N THR F 75 0.82 29.08 -16.58
CA THR F 75 -0.09 28.58 -15.54
C THR F 75 -1.15 27.65 -16.17
N PHE F 76 -1.46 26.55 -15.49
CA PHE F 76 -2.48 25.58 -15.92
C PHE F 76 -3.79 25.64 -15.13
N GLU F 77 -3.81 26.34 -14.01
CA GLU F 77 -5.07 26.48 -13.27
C GLU F 77 -5.34 27.91 -12.85
N GLU F 78 -4.48 28.48 -12.03
CA GLU F 78 -4.62 29.85 -11.52
C GLU F 78 -4.68 30.85 -12.68
N THR F 79 -5.63 31.80 -12.61
CA THR F 79 -5.75 32.84 -13.65
C THR F 79 -4.60 33.84 -13.56
N PRO F 80 -4.26 34.51 -14.69
CA PRO F 80 -3.31 35.62 -14.55
C PRO F 80 -3.69 36.62 -13.48
N GLN F 81 -4.97 36.99 -13.40
CA GLN F 81 -5.36 38.01 -12.47
C GLN F 81 -5.09 37.57 -11.03
N ASP F 82 -5.29 36.29 -10.76
CA ASP F 82 -5.07 35.79 -9.41
C ASP F 82 -3.58 35.65 -9.08
N ILE F 83 -2.77 35.25 -10.05
CA ILE F 83 -1.29 35.29 -9.88
C ILE F 83 -0.79 36.69 -9.56
N ILE F 84 -1.29 37.66 -10.31
CA ILE F 84 -0.93 39.03 -10.06
C ILE F 84 -1.39 39.47 -8.69
N LYS F 85 -2.65 39.17 -8.35
CA LYS F 85 -3.16 39.61 -7.06
C LYS F 85 -2.37 39.04 -5.85
N ASN F 86 -1.99 37.75 -5.94
CA ASN F 86 -1.33 37.07 -4.83
C ASN F 86 0.08 37.63 -4.63
N ALA F 87 0.70 38.07 -5.71
CA ALA F 87 2.03 38.67 -5.64
C ALA F 87 2.03 40.03 -4.94
N ARG F 88 0.89 40.70 -4.90
CA ARG F 88 0.81 41.94 -4.13
C ARG F 88 0.93 41.69 -2.63
N SER F 89 0.67 40.47 -2.18
CA SER F 89 0.97 40.08 -0.80
C SER F 89 2.39 40.49 -0.46
N PHE F 90 3.25 40.60 -1.49
CA PHE F 90 4.69 40.81 -1.30
C PHE F 90 5.14 42.17 -1.82
N GLY F 91 4.18 42.99 -2.20
CA GLY F 91 4.50 44.30 -2.73
C GLY F 91 5.14 44.26 -4.09
N TRP F 92 4.88 43.20 -4.84
CA TRP F 92 5.35 43.14 -6.24
C TRP F 92 4.25 43.52 -7.20
N ASP F 93 4.58 44.31 -8.21
CA ASP F 93 3.58 44.73 -9.18
C ASP F 93 3.72 43.99 -10.51
N LEU F 94 3.21 42.76 -10.59
CA LEU F 94 3.40 42.00 -11.84
C LEU F 94 2.62 42.64 -13.01
N ALA F 95 1.55 43.37 -12.70
CA ALA F 95 0.72 43.95 -13.77
C ALA F 95 1.54 44.89 -14.65
N LYS F 96 2.31 45.72 -13.94
CA LYS F 96 3.20 46.68 -14.56
C LYS F 96 4.17 45.97 -15.49
N LEU F 97 4.68 44.81 -15.07
CA LEU F 97 5.71 44.15 -15.86
C LEU F 97 5.08 43.57 -17.11
N VAL F 98 3.87 43.02 -16.99
CA VAL F 98 3.15 42.51 -18.17
C VAL F 98 2.92 43.67 -19.17
N ASP F 99 2.49 44.82 -18.66
CA ASP F 99 2.27 46.04 -19.46
C ASP F 99 3.51 46.45 -20.23
N GLU F 100 4.67 46.30 -19.60
CA GLU F 100 5.92 46.71 -20.21
C GLU F 100 6.51 45.62 -21.11
N GLY F 101 5.84 44.47 -21.18
CA GLY F 101 6.28 43.43 -22.08
C GLY F 101 7.46 42.64 -21.54
N LYS F 102 7.71 42.76 -20.24
CA LYS F 102 8.86 42.13 -19.59
C LYS F 102 8.49 40.75 -18.96
N LEU F 103 7.21 40.63 -18.62
CA LEU F 103 6.63 39.39 -18.10
C LEU F 103 5.43 38.97 -18.98
N PHE F 104 5.39 37.73 -19.45
CA PHE F 104 4.20 37.21 -20.12
C PHE F 104 3.63 36.05 -19.31
N ILE F 105 2.40 36.19 -18.87
CA ILE F 105 1.74 35.06 -18.21
C ILE F 105 0.93 34.31 -19.26
N LEU F 106 1.33 33.09 -19.54
CA LEU F 106 0.73 32.24 -20.55
C LEU F 106 -0.35 31.36 -19.90
N ASP F 107 -1.61 31.61 -20.26
CA ASP F 107 -2.71 30.85 -19.67
C ASP F 107 -2.91 29.53 -20.42
N ALA F 108 -2.53 28.43 -19.80
CA ALA F 108 -2.73 27.12 -20.41
C ALA F 108 -3.75 26.31 -19.65
N SER F 109 -4.71 26.99 -19.00
CA SER F 109 -5.76 26.24 -18.29
C SER F 109 -6.63 25.48 -19.32
N PRO F 110 -7.30 24.39 -18.89
CA PRO F 110 -8.06 23.53 -19.83
C PRO F 110 -9.08 24.26 -20.69
N GLY F 120 -1.40 10.29 -28.71
CA GLY F 120 -2.53 10.52 -27.81
C GLY F 120 -2.38 11.84 -27.08
N PHE F 121 -2.35 11.80 -25.74
CA PHE F 121 -1.94 12.97 -24.98
C PHE F 121 -0.54 13.39 -25.39
N ASP F 122 -0.38 14.65 -25.74
CA ASP F 122 0.83 15.09 -26.38
C ASP F 122 1.06 16.55 -26.01
N LEU F 123 2.24 16.88 -25.47
CA LEU F 123 2.55 18.26 -25.10
C LEU F 123 3.10 19.11 -26.24
N SER F 124 3.14 18.54 -27.45
CA SER F 124 3.84 19.21 -28.53
C SER F 124 3.24 20.55 -28.80
N ALA F 125 1.90 20.64 -28.77
CA ALA F 125 1.24 21.91 -29.11
C ALA F 125 1.61 22.96 -28.07
N LEU F 126 1.45 22.57 -26.80
CA LEU F 126 1.78 23.46 -25.68
C LEU F 126 3.21 23.94 -25.78
N ILE F 127 4.09 23.00 -26.13
CA ILE F 127 5.52 23.29 -26.16
C ILE F 127 5.79 24.30 -27.23
N GLU F 128 5.10 24.18 -28.37
CA GLU F 128 5.25 25.22 -29.39
C GLU F 128 4.74 26.61 -28.98
N ARG F 129 3.63 26.66 -28.25
CA ARG F 129 3.12 27.94 -27.71
C ARG F 129 4.13 28.55 -26.73
N ILE F 130 4.72 27.72 -25.87
CA ILE F 130 5.72 28.24 -24.93
C ILE F 130 6.90 28.84 -25.70
N ASN F 131 7.42 28.06 -26.65
CA ASN F 131 8.53 28.48 -27.49
C ASN F 131 8.26 29.82 -28.18
N TYR F 132 7.08 29.92 -28.78
CA TYR F 132 6.63 31.15 -29.42
C TYR F 132 6.67 32.31 -28.42
N ALA F 133 6.23 32.03 -27.20
CA ALA F 133 6.20 33.08 -26.18
C ALA F 133 7.64 33.47 -25.84
N ILE F 134 8.53 32.47 -25.69
CA ILE F 134 9.93 32.74 -25.36
C ILE F 134 10.59 33.63 -26.44
N GLN F 135 10.41 33.27 -27.70
CA GLN F 135 10.96 34.09 -28.78
C GLN F 135 10.37 35.49 -28.79
N LYS F 136 9.05 35.59 -28.64
CA LYS F 136 8.41 36.89 -28.77
C LYS F 136 8.82 37.91 -27.69
N TYR F 137 9.00 37.42 -26.46
CA TYR F 137 9.29 38.30 -25.32
C TYR F 137 10.78 38.37 -25.06
N ARG F 138 11.55 37.58 -25.81
CA ARG F 138 13.00 37.44 -25.61
C ARG F 138 13.32 36.95 -24.21
N ALA F 139 12.58 35.94 -23.74
CA ALA F 139 12.71 35.54 -22.36
C ALA F 139 13.93 34.67 -22.12
N ARG F 140 14.59 34.93 -21.00
CA ARG F 140 15.69 34.11 -20.50
C ARG F 140 15.22 33.09 -19.43
N ARG F 141 14.19 33.45 -18.67
CA ARG F 141 13.70 32.67 -17.52
C ARG F 141 12.27 32.27 -17.77
N VAL F 142 11.95 31.06 -17.37
CA VAL F 142 10.60 30.52 -17.60
C VAL F 142 10.19 29.82 -16.31
N SER F 143 8.95 30.03 -15.86
CA SER F 143 8.41 29.26 -14.74
C SER F 143 7.14 28.53 -15.23
N ILE F 144 7.02 27.25 -14.90
CA ILE F 144 5.87 26.43 -15.30
C ILE F 144 5.23 25.89 -14.03
N ASP F 145 3.97 26.25 -13.78
N ASP F 145 4.05 26.38 -13.71
CA ASP F 145 3.37 25.97 -12.46
CA ASP F 145 3.48 26.08 -12.40
C ASP F 145 1.88 25.56 -12.59
C ASP F 145 2.62 24.83 -12.49
N SER F 146 1.52 24.31 -12.23
N SER F 146 3.04 23.81 -11.75
CA SER F 146 2.46 23.19 -12.04
CA SER F 146 2.30 22.57 -11.55
C SER F 146 2.23 22.15 -13.12
C SER F 146 2.14 21.76 -12.82
N VAL F 147 3.25 21.36 -13.43
CA VAL F 147 3.19 20.40 -14.54
C VAL F 147 2.37 19.19 -14.16
N THR F 148 2.44 18.84 -12.87
CA THR F 148 1.60 17.78 -12.30
C THR F 148 0.15 17.93 -12.80
N SER F 149 -0.38 19.12 -12.65
CA SER F 149 -1.77 19.31 -12.84
C SER F 149 -2.18 18.99 -14.29
N VAL F 150 -1.31 19.25 -15.25
CA VAL F 150 -1.76 19.08 -16.64
C VAL F 150 -1.92 17.60 -16.99
N PHE F 151 -1.14 16.74 -16.36
CA PHE F 151 -1.33 15.31 -16.58
C PHE F 151 -2.58 14.83 -15.87
N GLN F 152 -2.88 15.39 -14.70
CA GLN F 152 -4.14 15.01 -14.02
C GLN F 152 -5.39 15.58 -14.70
N GLN F 153 -5.27 16.74 -15.34
CA GLN F 153 -6.39 17.37 -16.05
C GLN F 153 -6.85 16.57 -17.27
N TYR F 154 -6.01 15.66 -17.75
CA TYR F 154 -6.30 14.88 -18.95
C TYR F 154 -6.05 13.38 -18.72
N ASP F 155 -5.90 12.98 -17.46
CA ASP F 155 -5.68 11.57 -17.08
C ASP F 155 -4.54 10.94 -17.89
N ALA F 156 -3.38 11.59 -17.88
CA ALA F 156 -2.28 11.18 -18.72
C ALA F 156 -1.07 10.71 -17.90
N SER F 157 -1.30 10.08 -16.75
CA SER F 157 -0.20 9.63 -15.90
C SER F 157 0.70 8.59 -16.59
N SER F 158 0.12 7.75 -17.43
CA SER F 158 0.92 6.76 -18.13
C SER F 158 2.08 7.37 -18.94
N VAL F 159 1.88 8.57 -19.46
CA VAL F 159 2.86 9.12 -20.37
C VAL F 159 3.73 10.23 -19.77
N VAL F 160 3.72 10.37 -18.45
CA VAL F 160 4.38 11.51 -17.81
C VAL F 160 5.86 11.57 -18.17
N ARG F 161 6.57 10.47 -18.05
CA ARG F 161 7.98 10.54 -18.24
C ARG F 161 8.27 11.01 -19.65
N ARG F 162 7.56 10.44 -20.63
CA ARG F 162 7.82 10.77 -22.02
C ARG F 162 7.50 12.24 -22.34
N GLU F 163 6.36 12.74 -21.85
CA GLU F 163 5.92 14.10 -22.21
C GLU F 163 6.69 15.17 -21.38
N LEU F 164 6.94 14.87 -20.11
CA LEU F 164 7.80 15.76 -19.34
C LEU F 164 9.20 15.85 -19.98
N PHE F 165 9.74 14.71 -20.41
CA PHE F 165 11.02 14.75 -21.14
C PHE F 165 10.92 15.57 -22.41
N ARG F 166 9.81 15.41 -23.17
CA ARG F 166 9.61 16.19 -24.41
C ARG F 166 9.75 17.68 -24.10
N LEU F 167 9.10 18.11 -23.02
CA LEU F 167 9.11 19.53 -22.64
C LEU F 167 10.48 20.00 -22.16
N VAL F 168 11.04 19.27 -21.20
CA VAL F 168 12.37 19.64 -20.72
C VAL F 168 13.42 19.67 -21.85
N ALA F 169 13.42 18.62 -22.69
CA ALA F 169 14.40 18.55 -23.77
C ALA F 169 14.25 19.72 -24.72
N ARG F 170 13.01 20.14 -24.96
CA ARG F 170 12.83 21.20 -25.94
C ARG F 170 13.29 22.53 -25.32
N LEU F 171 12.99 22.71 -24.03
CA LEU F 171 13.42 23.90 -23.31
C LEU F 171 14.96 24.00 -23.30
N LYS F 172 15.62 22.88 -23.05
CA LYS F 172 17.08 22.84 -23.07
C LYS F 172 17.64 23.22 -24.45
N GLN F 173 17.00 22.67 -25.48
CA GLN F 173 17.38 22.96 -26.85
C GLN F 173 17.28 24.46 -27.13
N ILE F 174 16.14 25.05 -26.77
CA ILE F 174 15.88 26.50 -26.83
C ILE F 174 16.91 27.32 -26.02
N GLY F 175 17.44 26.74 -24.94
CA GLY F 175 18.32 27.49 -24.06
C GLY F 175 17.66 28.21 -22.86
N ALA F 176 16.39 27.90 -22.55
CA ALA F 176 15.69 28.62 -21.47
C ALA F 176 16.17 28.11 -20.12
N THR F 177 16.09 28.96 -19.10
CA THR F 177 16.33 28.53 -17.73
C THR F 177 14.97 28.44 -17.04
N THR F 178 14.61 27.22 -16.65
CA THR F 178 13.22 26.90 -16.33
C THR F 178 13.08 26.39 -14.90
N VAL F 179 12.09 26.93 -14.22
CA VAL F 179 11.62 26.40 -12.95
C VAL F 179 10.28 25.71 -13.20
N MET F 180 10.19 24.43 -12.87
CA MET F 180 8.93 23.70 -13.05
C MET F 180 8.49 23.25 -11.68
N THR F 181 7.30 23.64 -11.24
CA THR F 181 6.85 23.12 -9.94
C THR F 181 6.10 21.77 -10.03
N THR F 182 6.12 20.99 -8.96
CA THR F 182 5.32 19.76 -8.97
C THR F 182 4.84 19.50 -7.59
N GLU F 183 3.83 18.67 -7.52
CA GLU F 183 3.11 18.38 -6.28
C GLU F 183 3.57 17.09 -5.65
N ARG F 184 3.50 17.04 -4.32
CA ARG F 184 3.74 15.79 -3.65
C ARG F 184 2.78 15.73 -2.48
N ILE F 185 2.65 14.57 -1.87
CA ILE F 185 1.68 14.48 -0.79
C ILE F 185 2.29 14.07 0.53
N GLU F 186 3.58 13.75 0.58
CA GLU F 186 4.25 13.42 1.87
C GLU F 186 5.52 14.24 1.99
N GLU F 187 5.93 14.62 3.21
CA GLU F 187 7.13 15.49 3.37
C GLU F 187 8.40 14.65 3.14
N TYR F 188 8.32 13.37 3.51
CA TYR F 188 9.51 12.50 3.38
C TYR F 188 9.23 11.26 2.53
N GLY F 189 8.24 11.33 1.63
CA GLY F 189 8.05 10.26 0.66
C GLY F 189 8.59 10.63 -0.71
N PRO F 190 7.91 10.25 -1.78
CA PRO F 190 8.40 10.52 -3.14
C PRO F 190 8.68 11.99 -3.36
N ILE F 191 9.73 12.31 -4.12
CA ILE F 191 10.05 13.68 -4.46
C ILE F 191 8.92 14.38 -5.19
N ALA F 192 8.29 13.68 -6.13
CA ALA F 192 7.16 14.30 -6.84
C ALA F 192 5.96 13.31 -6.84
N ARG F 193 5.07 13.36 -7.81
CA ARG F 193 3.88 12.52 -7.71
C ARG F 193 4.03 11.16 -8.38
N TYR F 194 4.76 11.12 -9.49
CA TYR F 194 4.76 9.94 -10.33
C TYR F 194 6.03 9.14 -10.27
N GLY F 195 6.96 9.57 -9.43
CA GLY F 195 8.22 8.86 -9.29
C GLY F 195 9.15 8.99 -10.49
N VAL F 196 8.95 9.94 -11.40
CA VAL F 196 9.85 10.06 -12.56
C VAL F 196 10.34 11.48 -12.73
N GLU F 197 9.60 12.44 -12.19
CA GLU F 197 9.91 13.85 -12.46
C GLU F 197 11.34 14.28 -12.05
N GLU F 198 11.82 13.77 -10.91
CA GLU F 198 13.11 14.21 -10.41
C GLU F 198 14.21 13.72 -11.40
N PHE F 199 13.96 12.59 -12.05
CA PHE F 199 14.98 11.96 -12.91
C PHE F 199 15.05 12.62 -14.27
N VAL F 200 13.95 13.19 -14.72
CA VAL F 200 13.95 13.91 -15.97
C VAL F 200 14.56 15.32 -15.84
N SER F 201 14.40 15.96 -14.69
CA SER F 201 14.94 17.36 -14.51
C SER F 201 16.42 17.36 -14.27
N ASP F 202 17.13 18.41 -14.70
CA ASP F 202 18.56 18.52 -14.39
C ASP F 202 18.88 18.81 -12.93
N ASN F 203 17.98 19.59 -12.32
CA ASN F 203 18.14 20.12 -10.97
C ASN F 203 16.87 19.86 -10.15
N VAL F 204 17.03 19.60 -8.88
CA VAL F 204 15.86 19.26 -8.04
C VAL F 204 15.91 20.02 -6.69
N VAL F 205 14.86 20.77 -6.40
CA VAL F 205 14.72 21.49 -5.17
C VAL F 205 13.48 20.97 -4.48
N ILE F 206 13.58 20.66 -3.19
CA ILE F 206 12.42 20.17 -2.43
C ILE F 206 12.07 21.13 -1.33
N LEU F 207 10.84 21.62 -1.35
CA LEU F 207 10.30 22.53 -0.29
C LEU F 207 9.49 21.63 0.63
N ARG F 208 9.80 21.67 1.91
CA ARG F 208 9.04 20.87 2.90
C ARG F 208 8.36 21.81 3.90
N ASN F 209 7.31 21.29 4.52
CA ASN F 209 6.52 22.03 5.48
C ASN F 209 6.17 21.01 6.58
N VAL F 210 7.13 20.65 7.40
CA VAL F 210 6.97 19.45 8.22
C VAL F 210 6.16 19.81 9.46
N LEU F 211 5.16 18.98 9.75
CA LEU F 211 4.39 19.10 11.00
C LEU F 211 4.99 18.22 12.10
N GLU F 212 5.45 18.83 13.22
CA GLU F 212 5.96 18.02 14.32
C GLU F 212 5.50 18.66 15.61
N GLY F 213 4.95 17.86 16.53
CA GLY F 213 4.43 18.43 17.79
C GLY F 213 3.46 19.61 17.59
N GLU F 214 2.52 19.45 16.66
CA GLU F 214 1.55 20.50 16.31
C GLU F 214 2.08 21.81 15.68
N ARG F 215 3.36 21.87 15.34
CA ARG F 215 3.91 23.09 14.74
C ARG F 215 4.50 22.78 13.38
N ARG F 216 4.45 23.75 12.44
CA ARG F 216 5.08 23.52 11.13
C ARG F 216 6.45 24.19 11.07
N ARG F 217 7.33 23.66 10.22
CA ARG F 217 8.58 24.39 9.94
C ARG F 217 8.86 24.26 8.44
N ARG F 218 9.38 25.32 7.80
CA ARG F 218 9.59 25.28 6.36
C ARG F 218 11.08 25.00 6.13
N THR F 219 11.40 24.13 5.18
CA THR F 219 12.83 23.91 4.83
C THR F 219 12.93 23.76 3.34
N LEU F 220 14.12 24.02 2.83
CA LEU F 220 14.38 23.95 1.38
C LEU F 220 15.63 23.09 1.25
N GLU F 221 15.64 22.20 0.26
CA GLU F 221 16.77 21.32 0.01
C GLU F 221 17.07 21.34 -1.49
N ILE F 222 18.34 21.50 -1.86
CA ILE F 222 18.75 21.25 -3.24
C ILE F 222 19.27 19.83 -3.21
N LEU F 223 18.48 18.93 -3.77
CA LEU F 223 18.82 17.54 -3.80
C LEU F 223 19.93 17.25 -4.81
N LYS F 224 19.85 17.94 -5.95
CA LYS F 224 20.68 17.61 -7.11
C LYS F 224 20.83 18.83 -8.01
N LEU F 225 22.07 19.10 -8.48
CA LEU F 225 22.31 19.95 -9.64
C LEU F 225 23.25 19.21 -10.58
N ARG F 226 22.80 18.75 -11.74
CA ARG F 226 23.72 17.97 -12.58
C ARG F 226 24.92 18.85 -12.94
N GLY F 227 26.10 18.28 -12.90
CA GLY F 227 27.28 18.92 -13.46
C GLY F 227 27.84 20.07 -12.61
N THR F 228 27.40 20.24 -11.37
CA THR F 228 27.96 21.34 -10.57
C THR F 228 27.73 21.04 -9.08
N SER F 229 28.24 21.91 -8.19
CA SER F 229 28.18 21.62 -6.75
C SER F 229 27.06 22.44 -6.12
N HIS F 230 26.64 22.04 -4.91
CA HIS F 230 25.65 22.76 -4.13
C HIS F 230 25.72 22.27 -2.71
N MET F 231 25.14 23.03 -1.78
N MET F 231 25.11 23.00 -1.79
CA MET F 231 25.03 22.60 -0.40
CA MET F 231 24.99 22.59 -0.40
C MET F 231 23.98 21.48 -0.26
C MET F 231 23.95 21.47 -0.27
N LYS F 232 24.11 20.64 0.76
CA LYS F 232 23.28 19.46 0.89
C LYS F 232 22.38 19.52 2.12
N GLY F 233 21.26 18.85 2.05
CA GLY F 233 20.40 18.75 3.24
C GLY F 233 19.37 19.85 3.24
N GLU F 234 18.59 19.91 4.33
CA GLU F 234 17.52 20.91 4.46
C GLU F 234 18.03 22.18 5.14
N TYR F 235 17.56 23.32 4.65
CA TYR F 235 17.89 24.64 5.28
C TYR F 235 16.58 25.33 5.65
N PRO F 236 16.52 25.91 6.85
CA PRO F 236 15.23 26.51 7.18
C PRO F 236 14.97 27.76 6.36
N PHE F 237 13.68 28.07 6.15
CA PHE F 237 13.31 29.30 5.49
C PHE F 237 12.00 29.82 6.04
N THR F 238 11.76 31.11 5.82
CA THR F 238 10.45 31.69 6.16
C THR F 238 9.90 32.35 4.92
N ILE F 239 8.60 32.50 4.92
CA ILE F 239 7.94 33.31 3.89
C ILE F 239 7.43 34.54 4.58
N THR F 240 7.90 35.70 4.16
CA THR F 240 7.45 36.95 4.76
C THR F 240 6.95 37.89 3.67
N ASP F 241 6.76 39.15 4.05
CA ASP F 241 6.30 40.20 3.14
C ASP F 241 7.28 40.47 2.03
N HIS F 242 8.52 40.03 2.21
CA HIS F 242 9.49 40.15 1.15
C HIS F 242 9.69 38.84 0.40
N GLY F 243 8.84 37.85 0.64
CA GLY F 243 8.99 36.61 -0.10
C GLY F 243 9.83 35.60 0.67
N ILE F 244 10.52 34.72 -0.06
CA ILE F 244 11.24 33.64 0.58
C ILE F 244 12.55 34.11 1.19
N ASN F 245 12.84 33.71 2.43
CA ASN F 245 14.12 34.04 3.07
C ASN F 245 14.76 32.73 3.64
N ILE F 246 15.83 32.25 3.03
CA ILE F 246 16.48 30.99 3.45
C ILE F 246 17.75 31.24 4.25
N PHE F 247 17.95 30.45 5.29
CA PHE F 247 19.11 30.61 6.20
C PHE F 247 20.17 29.60 5.85
N PRO F 248 21.30 30.00 5.25
CA PRO F 248 22.28 28.92 5.00
C PRO F 248 22.99 28.48 6.29
N LEU F 249 23.43 27.25 6.40
CA LEU F 249 24.07 26.87 7.65
C LEU F 249 25.48 26.37 7.36
N GLY F 250 26.44 27.30 7.40
CA GLY F 250 27.81 27.04 7.01
C GLY F 250 28.25 27.72 5.73
#